data_2R2D
#
_entry.id   2R2D
#
_cell.length_a   79.146
_cell.length_b   158.033
_cell.length_c   80.439
_cell.angle_alpha   90.00
_cell.angle_beta   104.48
_cell.angle_gamma   90.00
#
_symmetry.space_group_name_H-M   'P 1 21 1'
#
loop_
_entity.id
_entity.type
_entity.pdbx_description
1 polymer 'Zn-dependent hydrolases'
2 non-polymer 'ZINC ION'
3 non-polymer 'PHOSPHATE ION'
4 non-polymer GLYCEROL
5 water water
#
_entity_poly.entity_id   1
_entity_poly.type   'polypeptide(L)'
_entity_poly.pdbx_seq_one_letter_code
;MGNKLFVLDLGEIRVDENFIIANSTFVTPQKPTVSSRLIDIPVSAYLIQCTDATVLYDTGCHPECMGTNGRWPAQSQLNA
PYIGASECNLPERLRQLGLSPDDISTVVLSHLHNDHAGCVEYFGKSRLIAHEDEFATAVRYFATGDHSSPYIVKDIEAWL
ATPRNWDLVGRDERERELAPGVNLLNFGTGHASGMLGLAVRLEKQPGFLLVSDACYTATNYGPPARRAGVLHDTIGYDRT
VSHIRQYAESRSLTVLFGHDREQFASLIKSTDGFYE
;
_entity_poly.pdbx_strand_id   A,B,C,D,E,F
#
loop_
_chem_comp.id
_chem_comp.type
_chem_comp.name
_chem_comp.formula
GOL non-polymer GLYCEROL 'C3 H8 O3'
PO4 non-polymer 'PHOSPHATE ION' 'O4 P -3'
ZN non-polymer 'ZINC ION' 'Zn 2'
#
# COMPACT_ATOMS: atom_id res chain seq x y z
N MET A 1 -14.51 -3.15 -7.89
CA MET A 1 -15.76 -3.33 -8.71
C MET A 1 -15.96 -2.19 -9.73
N GLY A 2 -15.62 -0.97 -9.32
CA GLY A 2 -15.68 0.16 -10.25
C GLY A 2 -14.47 0.13 -11.18
N ASN A 3 -14.65 0.63 -12.40
CA ASN A 3 -13.57 0.70 -13.38
C ASN A 3 -12.57 1.78 -12.94
N LYS A 4 -11.29 1.55 -13.21
CA LYS A 4 -10.25 2.54 -12.93
C LYS A 4 -9.52 2.90 -14.22
N LEU A 5 -9.34 4.20 -14.47
CA LEU A 5 -8.69 4.68 -15.69
CA LEU A 5 -8.69 4.69 -15.69
C LEU A 5 -7.42 5.44 -15.32
N PHE A 6 -6.31 4.99 -15.90
CA PHE A 6 -4.98 5.57 -15.76
C PHE A 6 -4.59 6.24 -17.07
N VAL A 7 -4.11 7.48 -16.95
CA VAL A 7 -3.64 8.25 -18.08
C VAL A 7 -2.11 8.12 -18.18
N LEU A 8 -1.64 7.54 -19.30
CA LEU A 8 -0.21 7.29 -19.47
C LEU A 8 0.43 8.34 -20.38
N ASP A 9 1.39 9.10 -19.84
CA ASP A 9 2.09 10.16 -20.55
C ASP A 9 3.17 9.51 -21.39
N LEU A 10 2.97 9.48 -22.69
CA LEU A 10 3.94 8.85 -23.58
C LEU A 10 4.66 9.87 -24.45
N GLY A 11 4.85 11.06 -23.91
CA GLY A 11 5.75 12.05 -24.51
C GLY A 11 5.07 13.00 -25.48
N GLU A 12 5.81 13.47 -26.47
CA GLU A 12 5.34 14.54 -27.36
C GLU A 12 5.96 14.43 -28.74
N ILE A 13 5.29 15.03 -29.72
CA ILE A 13 5.82 15.16 -31.09
C ILE A 13 5.80 16.63 -31.47
N ARG A 14 6.84 17.06 -32.19
N ARG A 14 6.84 17.12 -32.15
CA ARG A 14 6.92 18.41 -32.71
CA ARG A 14 6.86 18.50 -32.66
C ARG A 14 6.53 18.32 -34.18
C ARG A 14 6.66 18.49 -34.17
N VAL A 15 5.60 19.16 -34.60
CA VAL A 15 5.09 19.06 -35.96
C VAL A 15 4.43 20.37 -36.39
N ASP A 16 4.43 20.58 -37.70
CA ASP A 16 3.79 21.72 -38.30
C ASP A 16 2.28 21.69 -37.97
N GLU A 17 1.79 22.77 -37.39
CA GLU A 17 0.40 22.88 -36.99
C GLU A 17 -0.59 22.60 -38.12
N ASN A 18 -0.18 22.87 -39.36
CA ASN A 18 -1.05 22.66 -40.54
C ASN A 18 -1.43 21.18 -40.73
N PHE A 19 -0.70 20.27 -40.08
CA PHE A 19 -1.08 18.84 -40.16
C PHE A 19 -2.21 18.52 -39.18
N ILE A 20 -2.26 19.29 -38.11
CA ILE A 20 -3.15 19.04 -36.98
C ILE A 20 -4.49 19.75 -37.19
N ILE A 21 -4.43 21.04 -37.59
CA ILE A 21 -5.62 21.78 -38.03
C ILE A 21 -5.38 22.29 -39.47
N ALA A 22 -6.07 21.70 -40.45
CA ALA A 22 -5.75 21.98 -41.85
C ALA A 22 -5.88 23.46 -42.16
N ASN A 23 -4.95 23.94 -42.99
CA ASN A 23 -4.90 25.34 -43.46
C ASN A 23 -5.00 26.38 -42.34
N SER A 24 -4.39 26.07 -41.17
CA SER A 24 -4.37 27.05 -40.07
CA SER A 24 -4.32 27.03 -40.05
C SER A 24 -3.53 28.25 -40.47
N THR A 25 -2.57 28.05 -41.38
CA THR A 25 -1.77 29.15 -41.95
C THR A 25 -1.66 28.87 -43.44
N PHE A 26 -1.81 29.93 -44.24
CA PHE A 26 -1.55 29.86 -45.67
C PHE A 26 -1.13 31.25 -46.17
N VAL A 27 -0.38 31.28 -47.28
CA VAL A 27 0.06 32.57 -47.84
C VAL A 27 -1.03 33.18 -48.72
N THR A 28 -1.05 34.51 -48.77
CA THR A 28 -1.97 35.29 -49.61
C THR A 28 -1.22 36.48 -50.23
N PRO A 29 -1.80 37.13 -51.26
CA PRO A 29 -1.19 38.34 -51.84
C PRO A 29 -0.66 39.39 -50.84
N GLN A 30 -1.43 39.68 -49.77
CA GLN A 30 -0.98 40.68 -48.81
CA GLN A 30 -1.03 40.66 -48.75
C GLN A 30 -0.03 40.08 -47.76
N LYS A 31 -0.08 38.75 -47.58
CA LYS A 31 0.85 38.08 -46.66
C LYS A 31 1.56 36.94 -47.39
N PRO A 32 2.43 37.28 -48.35
CA PRO A 32 2.95 36.27 -49.28
C PRO A 32 4.03 35.35 -48.72
N THR A 33 4.57 35.65 -47.54
CA THR A 33 5.70 34.88 -47.02
C THR A 33 5.58 34.41 -45.55
N VAL A 34 4.38 34.44 -44.98
CA VAL A 34 4.16 33.92 -43.63
C VAL A 34 4.52 32.41 -43.55
N SER A 35 5.20 32.03 -42.47
CA SER A 35 5.55 30.67 -42.20
C SER A 35 4.49 30.08 -41.25
N SER A 36 4.18 28.80 -41.40
CA SER A 36 3.39 28.09 -40.41
C SER A 36 4.23 27.94 -39.13
N ARG A 37 3.67 27.41 -38.06
CA ARG A 37 4.46 27.18 -36.85
C ARG A 37 4.45 25.74 -36.38
N LEU A 38 5.49 25.40 -35.63
CA LEU A 38 5.64 24.12 -35.03
C LEU A 38 4.94 24.12 -33.67
N ILE A 39 4.24 23.03 -33.38
CA ILE A 39 3.54 22.83 -32.10
C ILE A 39 3.93 21.48 -31.51
N ASP A 40 3.89 21.39 -30.19
CA ASP A 40 4.26 20.18 -29.49
C ASP A 40 2.95 19.54 -29.01
N ILE A 41 2.73 18.29 -29.43
CA ILE A 41 1.46 17.63 -29.13
C ILE A 41 1.75 16.39 -28.30
N PRO A 42 0.88 16.11 -27.31
CA PRO A 42 1.08 14.98 -26.43
C PRO A 42 0.73 13.64 -27.10
N VAL A 43 1.49 12.63 -26.74
CA VAL A 43 1.20 11.22 -27.10
C VAL A 43 0.83 10.51 -25.79
N SER A 44 -0.28 9.78 -25.81
CA SER A 44 -0.78 9.16 -24.60
C SER A 44 -1.35 7.77 -24.88
N ALA A 45 -1.60 7.02 -23.80
CA ALA A 45 -2.37 5.76 -23.86
C ALA A 45 -3.14 5.68 -22.54
N TYR A 46 -4.07 4.74 -22.43
CA TYR A 46 -5.01 4.68 -21.28
C TYR A 46 -5.07 3.27 -20.80
N LEU A 47 -4.98 3.07 -19.48
CA LEU A 47 -5.07 1.73 -18.96
C LEU A 47 -6.36 1.67 -18.18
N ILE A 48 -7.19 0.67 -18.44
CA ILE A 48 -8.46 0.53 -17.73
C ILE A 48 -8.40 -0.77 -16.94
N GLN A 49 -8.49 -0.69 -15.61
CA GLN A 49 -8.59 -1.91 -14.80
CA GLN A 49 -8.59 -1.90 -14.79
C GLN A 49 -10.06 -2.14 -14.49
N CYS A 50 -10.53 -3.32 -14.81
CA CYS A 50 -11.89 -3.73 -14.48
C CYS A 50 -11.75 -4.95 -13.60
N THR A 51 -12.81 -5.29 -12.88
CA THR A 51 -12.77 -6.49 -12.03
C THR A 51 -12.19 -7.72 -12.74
N ASP A 52 -12.62 -7.93 -13.99
N ASP A 52 -12.62 -7.99 -13.99
CA ASP A 52 -12.28 -9.13 -14.76
CA ASP A 52 -12.16 -9.21 -14.67
C ASP A 52 -11.03 -9.00 -15.62
C ASP A 52 -11.47 -8.97 -16.02
N ALA A 53 -10.85 -7.84 -16.24
N ALA A 53 -10.74 -7.86 -16.11
CA ALA A 53 -9.80 -7.68 -17.23
CA ALA A 53 -10.01 -7.47 -17.32
C ALA A 53 -9.08 -6.35 -17.09
C ALA A 53 -9.03 -6.32 -17.01
N THR A 54 -7.94 -6.25 -17.79
CA THR A 54 -7.09 -5.05 -17.80
C THR A 54 -6.97 -4.69 -19.28
N VAL A 55 -7.45 -3.51 -19.65
CA VAL A 55 -7.56 -3.11 -21.07
C VAL A 55 -6.63 -1.92 -21.30
N LEU A 56 -5.80 -1.97 -22.35
CA LEU A 56 -5.00 -0.83 -22.70
C LEU A 56 -5.53 -0.24 -24.02
N TYR A 57 -5.65 1.08 -24.09
CA TYR A 57 -6.06 1.71 -25.32
C TYR A 57 -4.87 2.50 -25.80
N ASP A 58 -4.40 2.10 -26.98
CA ASP A 58 -3.19 2.65 -27.63
C ASP A 58 -1.90 2.31 -26.88
N THR A 59 -0.78 2.55 -27.55
CA THR A 59 0.54 2.13 -27.04
C THR A 59 1.71 3.09 -27.21
N GLY A 60 1.47 4.28 -27.76
CA GLY A 60 2.56 5.28 -27.91
C GLY A 60 3.50 4.90 -29.05
N CYS A 61 4.65 5.59 -29.07
CA CYS A 61 5.75 5.32 -30.02
C CYS A 61 6.62 4.17 -29.55
N HIS A 62 7.35 3.56 -30.49
CA HIS A 62 8.32 2.59 -30.11
C HIS A 62 9.37 3.32 -29.26
N PRO A 63 9.86 2.69 -28.19
CA PRO A 63 10.80 3.46 -27.36
C PRO A 63 12.04 3.87 -28.17
N GLU A 64 12.36 3.12 -29.21
CA GLU A 64 13.51 3.44 -30.04
CA GLU A 64 13.52 3.42 -30.05
C GLU A 64 13.12 3.96 -31.42
N CYS A 65 12.08 4.81 -31.45
CA CYS A 65 11.59 5.37 -32.69
C CYS A 65 12.62 6.33 -33.33
N MET A 66 13.37 7.06 -32.50
CA MET A 66 14.36 8.04 -32.97
C MET A 66 15.77 7.47 -32.98
N GLY A 67 16.61 8.03 -33.85
CA GLY A 67 18.03 7.70 -33.85
C GLY A 67 18.51 7.07 -35.15
N THR A 68 19.81 6.87 -35.22
CA THR A 68 20.45 6.41 -36.45
C THR A 68 19.97 5.03 -36.86
N ASN A 69 19.64 4.18 -35.90
CA ASN A 69 18.98 2.88 -36.21
C ASN A 69 17.60 2.86 -35.55
N GLY A 70 16.98 4.04 -35.53
CA GLY A 70 15.63 4.18 -34.97
C GLY A 70 14.58 3.56 -35.88
N ARG A 71 13.44 3.24 -35.31
CA ARG A 71 12.37 2.60 -36.07
C ARG A 71 11.74 3.52 -37.13
N TRP A 72 11.72 4.82 -36.85
CA TRP A 72 11.14 5.75 -37.79
C TRP A 72 12.11 6.08 -38.93
N PRO A 73 11.59 6.17 -40.16
CA PRO A 73 12.45 6.58 -41.27
C PRO A 73 13.01 7.99 -41.01
N ALA A 74 14.18 8.25 -41.57
CA ALA A 74 14.84 9.52 -41.31
C ALA A 74 13.94 10.70 -41.63
N GLN A 75 13.14 10.58 -42.70
CA GLN A 75 12.29 11.69 -43.12
C GLN A 75 11.32 12.10 -42.00
N SER A 76 10.72 11.09 -41.35
CA SER A 76 9.84 11.34 -40.20
C SER A 76 10.61 11.88 -39.00
N GLN A 77 11.81 11.35 -38.75
CA GLN A 77 12.61 11.82 -37.63
C GLN A 77 12.94 13.29 -37.81
N LEU A 78 13.33 13.68 -39.03
CA LEU A 78 13.63 15.07 -39.37
C LEU A 78 12.40 15.97 -39.36
N ASN A 79 11.27 15.48 -39.91
CA ASN A 79 10.12 16.35 -40.20
C ASN A 79 9.14 16.53 -39.04
N ALA A 80 8.98 15.48 -38.25
CA ALA A 80 8.07 15.53 -37.09
C ALA A 80 8.58 14.61 -35.98
N PRO A 81 9.67 15.04 -35.32
CA PRO A 81 10.36 14.19 -34.35
C PRO A 81 9.55 13.90 -33.08
N TYR A 82 9.75 12.72 -32.53
CA TYR A 82 9.35 12.43 -31.16
C TYR A 82 10.36 13.14 -30.26
N ILE A 83 9.85 13.85 -29.24
CA ILE A 83 10.69 14.63 -28.33
C ILE A 83 10.36 14.32 -26.86
N GLY A 84 9.71 13.18 -26.60
CA GLY A 84 9.35 12.81 -25.23
C GLY A 84 10.60 12.53 -24.41
N ALA A 85 10.49 12.71 -23.09
CA ALA A 85 11.58 12.38 -22.18
C ALA A 85 11.73 10.87 -22.05
N SER A 86 12.81 10.45 -21.40
CA SER A 86 13.22 9.04 -21.39
C SER A 86 12.19 8.06 -20.80
N GLU A 87 11.44 8.50 -19.79
CA GLU A 87 10.46 7.63 -19.10
C GLU A 87 9.12 7.54 -19.85
N CYS A 88 8.98 8.36 -20.89
CA CYS A 88 7.68 8.52 -21.54
C CYS A 88 7.44 7.44 -22.60
N ASN A 89 7.47 6.20 -22.16
CA ASN A 89 7.27 5.08 -23.07
C ASN A 89 6.42 4.05 -22.37
N LEU A 90 5.68 3.27 -23.16
CA LEU A 90 4.68 2.39 -22.58
C LEU A 90 5.24 1.34 -21.61
N PRO A 91 6.31 0.59 -21.99
CA PRO A 91 6.89 -0.36 -21.03
C PRO A 91 7.25 0.26 -19.67
N GLU A 92 7.83 1.44 -19.66
CA GLU A 92 8.18 2.12 -18.41
C GLU A 92 6.93 2.55 -17.62
N ARG A 93 5.94 3.09 -18.31
CA ARG A 93 4.69 3.55 -17.66
C ARG A 93 3.96 2.39 -17.01
N LEU A 94 4.01 1.21 -17.65
CA LEU A 94 3.44 0.00 -17.06
C LEU A 94 4.25 -0.46 -15.85
N ARG A 95 5.58 -0.41 -15.98
CA ARG A 95 6.50 -0.81 -14.92
C ARG A 95 6.21 -0.01 -13.67
N GLN A 96 6.04 1.30 -13.86
CA GLN A 96 5.73 2.24 -12.77
C GLN A 96 4.46 1.85 -12.02
N LEU A 97 3.54 1.17 -12.72
CA LEU A 97 2.31 0.72 -12.08
C LEU A 97 2.41 -0.74 -11.60
N GLY A 98 3.60 -1.31 -11.67
CA GLY A 98 3.82 -2.71 -11.31
C GLY A 98 3.22 -3.74 -12.27
N LEU A 99 3.13 -3.37 -13.56
CA LEU A 99 2.51 -4.22 -14.58
C LEU A 99 3.51 -4.55 -15.68
N SER A 100 3.34 -5.70 -16.28
CA SER A 100 4.10 -6.11 -17.45
CA SER A 100 4.11 -6.05 -17.47
C SER A 100 3.12 -6.22 -18.62
N PRO A 101 3.62 -6.22 -19.87
CA PRO A 101 2.69 -6.47 -21.01
C PRO A 101 1.75 -7.67 -20.82
N ASP A 102 2.26 -8.76 -20.24
CA ASP A 102 1.45 -9.95 -20.03
C ASP A 102 0.34 -9.82 -18.99
N ASP A 103 0.40 -8.75 -18.19
CA ASP A 103 -0.69 -8.38 -17.28
C ASP A 103 -1.90 -7.77 -17.98
N ILE A 104 -1.70 -7.33 -19.22
CA ILE A 104 -2.80 -6.73 -19.98
C ILE A 104 -3.61 -7.83 -20.69
N SER A 105 -4.92 -7.87 -20.46
CA SER A 105 -5.83 -8.85 -21.08
C SER A 105 -5.99 -8.54 -22.58
N THR A 106 -6.24 -7.26 -22.87
CA THR A 106 -6.64 -6.78 -24.20
C THR A 106 -6.00 -5.45 -24.48
N VAL A 107 -5.35 -5.34 -25.65
CA VAL A 107 -4.95 -4.01 -26.11
C VAL A 107 -5.78 -3.58 -27.29
N VAL A 108 -6.42 -2.45 -27.12
CA VAL A 108 -7.25 -1.88 -28.17
C VAL A 108 -6.39 -0.89 -28.93
N LEU A 109 -6.15 -1.16 -30.20
CA LEU A 109 -5.41 -0.21 -31.06
C LEU A 109 -6.43 0.68 -31.75
N SER A 110 -6.41 1.98 -31.43
CA SER A 110 -7.29 2.93 -32.10
C SER A 110 -7.09 2.82 -33.60
N HIS A 111 -5.84 2.62 -34.01
CA HIS A 111 -5.47 2.36 -35.42
C HIS A 111 -3.99 2.03 -35.40
N LEU A 112 -3.40 1.79 -36.57
CA LEU A 112 -2.06 1.21 -36.55
C LEU A 112 -0.91 2.12 -36.95
N HIS A 113 -1.10 3.43 -36.81
CA HIS A 113 -0.07 4.44 -37.06
C HIS A 113 1.04 4.50 -36.01
N ASN A 114 2.13 5.11 -36.45
CA ASN A 114 3.37 5.36 -35.70
C ASN A 114 3.28 5.53 -34.17
N ASP A 115 2.59 6.57 -33.75
CA ASP A 115 2.58 6.90 -32.31
C ASP A 115 1.35 6.37 -31.57
N HIS A 116 0.77 5.30 -32.12
CA HIS A 116 -0.35 4.57 -31.49
C HIS A 116 -0.14 3.06 -31.32
N ALA A 117 0.58 2.45 -32.27
CA ALA A 117 0.79 1.00 -32.27
C ALA A 117 2.29 0.69 -32.11
N GLY A 118 3.06 1.69 -31.70
CA GLY A 118 4.51 1.57 -31.57
C GLY A 118 5.02 0.50 -30.61
N CYS A 119 4.21 0.11 -29.62
CA CYS A 119 4.63 -0.92 -28.70
C CYS A 119 3.88 -2.25 -28.86
N VAL A 120 3.21 -2.47 -29.99
CA VAL A 120 2.45 -3.73 -30.15
C VAL A 120 3.36 -4.97 -29.98
N GLU A 121 4.63 -4.84 -30.35
CA GLU A 121 5.56 -5.98 -30.33
C GLU A 121 5.89 -6.49 -28.92
N TYR A 122 5.46 -5.75 -27.91
CA TYR A 122 5.71 -6.14 -26.54
C TYR A 122 4.67 -7.13 -26.07
N PHE A 123 3.60 -7.28 -26.85
CA PHE A 123 2.46 -8.09 -26.41
C PHE A 123 2.42 -9.40 -27.19
N GLY A 124 2.99 -10.42 -26.59
CA GLY A 124 3.02 -11.76 -27.19
C GLY A 124 1.88 -12.66 -26.74
N LYS A 125 1.10 -12.21 -25.76
CA LYS A 125 -0.02 -13.00 -25.26
C LYS A 125 -1.35 -12.26 -25.34
N SER A 126 -1.34 -10.95 -25.06
CA SER A 126 -2.57 -10.16 -24.94
C SER A 126 -3.37 -10.19 -26.23
N ARG A 127 -4.69 -10.13 -26.11
CA ARG A 127 -5.56 -9.98 -27.26
C ARG A 127 -5.28 -8.62 -27.88
N LEU A 128 -5.04 -8.60 -29.18
CA LEU A 128 -4.73 -7.34 -29.84
C LEU A 128 -5.91 -6.98 -30.74
N ILE A 129 -6.67 -6.00 -30.33
CA ILE A 129 -7.85 -5.63 -31.12
C ILE A 129 -7.54 -4.45 -32.00
N ALA A 130 -7.75 -4.63 -33.31
CA ALA A 130 -7.52 -3.59 -34.31
C ALA A 130 -8.59 -3.79 -35.36
N HIS A 131 -8.93 -2.71 -36.07
CA HIS A 131 -9.93 -2.81 -37.16
C HIS A 131 -9.34 -3.64 -38.32
N GLU A 132 -10.13 -4.51 -38.94
CA GLU A 132 -9.58 -5.41 -39.98
C GLU A 132 -8.96 -4.63 -41.14
N ASP A 133 -9.59 -3.52 -41.52
CA ASP A 133 -9.09 -2.74 -42.65
C ASP A 133 -7.81 -2.00 -42.30
N GLU A 134 -7.68 -1.66 -41.03
CA GLU A 134 -6.50 -1.00 -40.54
C GLU A 134 -5.31 -1.98 -40.54
N PHE A 135 -5.54 -3.21 -40.07
CA PHE A 135 -4.56 -4.28 -40.18
C PHE A 135 -4.14 -4.52 -41.64
N ALA A 136 -5.11 -4.65 -42.55
CA ALA A 136 -4.80 -4.89 -43.99
C ALA A 136 -3.90 -3.76 -44.53
N THR A 137 -4.25 -2.52 -44.21
CA THR A 137 -3.47 -1.35 -44.70
C THR A 137 -2.04 -1.38 -44.19
N ALA A 138 -1.90 -1.57 -42.89
CA ALA A 138 -0.57 -1.56 -42.28
C ALA A 138 0.35 -2.62 -42.91
N VAL A 139 -0.17 -3.85 -43.04
N VAL A 139 -0.15 -3.85 -43.05
CA VAL A 139 0.62 -4.94 -43.60
CA VAL A 139 0.68 -4.93 -43.62
C VAL A 139 1.01 -4.59 -45.06
C VAL A 139 0.93 -4.76 -45.12
N ARG A 140 0.10 -3.97 -45.81
CA ARG A 140 0.39 -3.61 -47.21
C ARG A 140 1.59 -2.66 -47.31
N TYR A 141 1.65 -1.66 -46.43
CA TYR A 141 2.83 -0.76 -46.39
C TYR A 141 4.10 -1.52 -46.04
N PHE A 142 4.03 -2.42 -45.07
CA PHE A 142 5.18 -3.23 -44.70
C PHE A 142 5.60 -4.13 -45.89
N ALA A 143 4.63 -4.80 -46.50
CA ALA A 143 4.92 -5.82 -47.55
C ALA A 143 5.59 -5.21 -48.77
N THR A 144 5.30 -3.94 -49.02
CA THR A 144 5.83 -3.19 -50.17
C THR A 144 7.03 -2.29 -49.82
N GLY A 145 7.47 -2.39 -48.57
CA GLY A 145 8.54 -1.56 -48.02
C GLY A 145 8.31 -0.07 -48.23
N ASP A 146 7.06 0.36 -48.08
CA ASP A 146 6.66 1.73 -48.34
C ASP A 146 6.67 2.53 -47.04
N HIS A 147 7.60 3.49 -46.95
CA HIS A 147 7.88 4.28 -45.75
C HIS A 147 7.19 5.62 -45.75
N SER A 148 6.33 5.83 -46.74
CA SER A 148 5.82 7.17 -47.02
C SER A 148 4.65 7.66 -46.19
N SER A 149 4.16 6.81 -45.27
CA SER A 149 2.95 7.13 -44.52
C SER A 149 3.27 7.07 -43.02
N PRO A 150 2.27 7.37 -42.15
CA PRO A 150 2.50 7.20 -40.70
C PRO A 150 2.60 5.75 -40.23
N TYR A 151 2.41 4.78 -41.14
CA TYR A 151 2.69 3.36 -40.84
C TYR A 151 4.21 3.14 -40.82
N ILE A 152 4.68 2.56 -39.73
CA ILE A 152 6.11 2.32 -39.53
C ILE A 152 6.49 0.88 -39.92
N VAL A 153 7.09 0.78 -41.11
CA VAL A 153 7.50 -0.51 -41.66
C VAL A 153 8.28 -1.38 -40.65
N LYS A 154 9.27 -0.78 -40.01
CA LYS A 154 10.10 -1.51 -39.05
C LYS A 154 9.36 -1.97 -37.80
N ASP A 155 8.35 -1.20 -37.35
CA ASP A 155 7.49 -1.66 -36.25
C ASP A 155 6.61 -2.83 -36.74
N ILE A 156 6.00 -2.68 -37.91
CA ILE A 156 5.13 -3.73 -38.43
C ILE A 156 5.91 -5.05 -38.60
N GLU A 157 7.16 -4.93 -39.05
CA GLU A 157 8.05 -6.09 -39.12
C GLU A 157 8.17 -6.84 -37.79
N ALA A 158 8.37 -6.07 -36.73
CA ALA A 158 8.48 -6.60 -35.37
C ALA A 158 7.15 -7.21 -34.90
N TRP A 159 6.01 -6.62 -35.29
CA TRP A 159 4.71 -7.18 -34.92
C TRP A 159 4.56 -8.56 -35.52
N LEU A 160 4.93 -8.65 -36.80
CA LEU A 160 4.77 -9.86 -37.60
C LEU A 160 5.86 -10.94 -37.37
N ALA A 161 6.89 -10.64 -36.56
CA ALA A 161 8.01 -11.57 -36.35
C ALA A 161 7.69 -12.82 -35.54
N THR A 162 6.53 -12.80 -34.88
CA THR A 162 6.04 -13.91 -34.10
C THR A 162 4.51 -13.90 -34.19
N PRO A 163 3.86 -15.08 -34.12
CA PRO A 163 2.40 -15.06 -34.07
C PRO A 163 1.90 -14.32 -32.83
N ARG A 164 0.82 -13.56 -32.98
CA ARG A 164 0.22 -12.84 -31.85
C ARG A 164 -1.27 -13.05 -31.91
N ASN A 165 -1.93 -12.76 -30.78
CA ASN A 165 -3.35 -12.98 -30.60
C ASN A 165 -4.23 -11.82 -31.17
N TRP A 166 -4.08 -11.57 -32.48
CA TRP A 166 -4.90 -10.59 -33.19
C TRP A 166 -6.38 -10.95 -33.17
N ASP A 167 -7.21 -9.95 -32.89
CA ASP A 167 -8.65 -10.12 -32.90
C ASP A 167 -9.16 -8.92 -33.69
N LEU A 168 -9.47 -9.14 -34.96
CA LEU A 168 -9.70 -8.03 -35.88
C LEU A 168 -11.18 -7.69 -35.94
N VAL A 169 -11.49 -6.43 -35.73
CA VAL A 169 -12.87 -5.97 -35.76
C VAL A 169 -13.38 -5.93 -37.21
N GLY A 170 -14.47 -6.63 -37.48
CA GLY A 170 -15.09 -6.61 -38.83
C GLY A 170 -15.62 -5.23 -39.19
N ARG A 171 -15.57 -4.89 -40.48
CA ARG A 171 -15.99 -3.60 -41.00
CA ARG A 171 -15.92 -3.54 -40.83
C ARG A 171 -17.39 -3.21 -40.56
N ASP A 172 -18.25 -4.24 -40.43
CA ASP A 172 -19.68 -4.05 -40.17
C ASP A 172 -20.05 -4.17 -38.69
N GLU A 173 -19.06 -4.47 -37.85
CA GLU A 173 -19.29 -4.58 -36.41
C GLU A 173 -19.43 -3.20 -35.83
N ARG A 174 -20.51 -2.92 -35.11
CA ARG A 174 -20.72 -1.54 -34.58
C ARG A 174 -20.03 -1.28 -33.23
N GLU A 175 -20.24 -2.19 -32.28
CA GLU A 175 -19.72 -2.00 -30.94
C GLU A 175 -19.52 -3.34 -30.27
N ARG A 176 -18.66 -3.37 -29.26
CA ARG A 176 -18.39 -4.59 -28.53
C ARG A 176 -18.20 -4.26 -27.05
N GLU A 177 -18.90 -4.99 -26.16
CA GLU A 177 -18.67 -4.80 -24.75
C GLU A 177 -17.45 -5.58 -24.35
N LEU A 178 -16.43 -4.91 -23.84
CA LEU A 178 -15.22 -5.60 -23.39
C LEU A 178 -15.31 -5.98 -21.92
N ALA A 179 -16.08 -5.19 -21.18
CA ALA A 179 -16.35 -5.45 -19.77
C ALA A 179 -17.46 -4.48 -19.41
N PRO A 180 -18.15 -4.70 -18.27
CA PRO A 180 -19.21 -3.77 -17.91
C PRO A 180 -18.64 -2.36 -17.89
N GLY A 181 -19.28 -1.46 -18.62
CA GLY A 181 -18.88 -0.05 -18.62
C GLY A 181 -17.64 0.24 -19.48
N VAL A 182 -17.20 -0.73 -20.26
N VAL A 182 -17.25 -0.74 -20.28
CA VAL A 182 -16.14 -0.50 -21.25
CA VAL A 182 -16.13 -0.60 -21.22
C VAL A 182 -16.50 -1.10 -22.61
C VAL A 182 -16.61 -1.11 -22.58
N ASN A 183 -16.86 -0.19 -23.50
CA ASN A 183 -17.43 -0.52 -24.81
C ASN A 183 -16.54 -0.05 -25.94
N LEU A 184 -16.14 -1.01 -26.77
CA LEU A 184 -15.34 -0.73 -27.94
C LEU A 184 -16.29 -0.21 -29.02
N LEU A 185 -15.98 0.95 -29.55
CA LEU A 185 -16.76 1.54 -30.67
C LEU A 185 -16.01 1.47 -31.99
N ASN A 186 -16.70 1.03 -33.03
CA ASN A 186 -16.04 0.92 -34.31
C ASN A 186 -16.39 2.16 -35.08
N PHE A 187 -15.47 3.14 -35.09
CA PHE A 187 -15.72 4.38 -35.85
C PHE A 187 -15.53 4.19 -37.34
N GLY A 188 -14.75 3.18 -37.71
CA GLY A 188 -14.54 2.81 -39.12
C GLY A 188 -13.66 3.82 -39.84
N THR A 189 -13.84 3.92 -41.15
CA THR A 189 -12.95 4.72 -41.98
C THR A 189 -13.03 6.25 -41.69
N GLY A 190 -11.88 6.93 -41.66
CA GLY A 190 -11.88 8.37 -41.37
C GLY A 190 -10.46 8.88 -41.41
N HIS A 191 -9.93 9.23 -40.24
CA HIS A 191 -8.50 9.60 -40.16
C HIS A 191 -7.60 8.56 -40.83
N ALA A 192 -7.80 7.29 -40.50
CA ALA A 192 -7.12 6.19 -41.14
C ALA A 192 -8.17 5.19 -41.64
N SER A 193 -7.78 4.01 -42.08
CA SER A 193 -8.79 3.18 -42.70
CA SER A 193 -8.72 3.07 -42.70
C SER A 193 -9.76 2.53 -41.71
N GLY A 194 -9.35 2.36 -40.46
CA GLY A 194 -10.26 1.75 -39.48
C GLY A 194 -9.99 2.19 -38.05
N MET A 195 -10.80 3.15 -37.59
CA MET A 195 -10.63 3.78 -36.29
C MET A 195 -11.51 3.11 -35.23
N LEU A 196 -10.93 2.93 -34.05
CA LEU A 196 -11.64 2.36 -32.87
C LEU A 196 -11.59 3.35 -31.72
N GLY A 197 -12.73 3.50 -31.05
CA GLY A 197 -12.85 4.32 -29.83
C GLY A 197 -13.20 3.45 -28.63
N LEU A 198 -13.16 4.03 -27.43
CA LEU A 198 -13.44 3.22 -26.24
C LEU A 198 -14.20 4.07 -25.25
N ALA A 199 -15.44 3.67 -24.94
CA ALA A 199 -16.24 4.42 -23.95
C ALA A 199 -16.02 3.78 -22.59
N VAL A 200 -15.64 4.61 -21.62
CA VAL A 200 -15.25 4.08 -20.32
C VAL A 200 -16.14 4.71 -19.24
N ARG A 201 -17.01 3.91 -18.63
CA ARG A 201 -17.90 4.43 -17.59
C ARG A 201 -17.23 4.30 -16.24
N LEU A 202 -17.35 5.35 -15.42
CA LEU A 202 -16.83 5.33 -14.08
C LEU A 202 -17.94 5.48 -13.05
N GLU A 203 -17.56 5.41 -11.78
CA GLU A 203 -18.56 5.51 -10.68
C GLU A 203 -18.75 6.92 -10.11
N LYS A 204 -17.68 7.70 -9.96
CA LYS A 204 -17.77 9.01 -9.33
C LYS A 204 -18.03 10.13 -10.34
N GLN A 205 -17.91 9.82 -11.63
CA GLN A 205 -18.30 10.73 -12.72
C GLN A 205 -18.72 9.85 -13.88
N PRO A 206 -19.46 10.38 -14.88
CA PRO A 206 -19.98 9.50 -15.96
C PRO A 206 -18.86 8.72 -16.65
N GLY A 207 -17.74 9.40 -16.90
CA GLY A 207 -16.62 8.79 -17.56
C GLY A 207 -16.16 9.50 -18.81
N PHE A 208 -15.52 8.71 -19.67
CA PHE A 208 -14.70 9.25 -20.73
C PHE A 208 -14.94 8.47 -22.01
N LEU A 209 -14.86 9.18 -23.10
CA LEU A 209 -14.82 8.55 -24.43
C LEU A 209 -13.45 8.82 -25.06
N LEU A 210 -12.65 7.76 -25.23
CA LEU A 210 -11.31 7.84 -25.83
C LEU A 210 -11.45 7.70 -27.34
N VAL A 211 -10.99 8.73 -28.06
CA VAL A 211 -11.19 8.76 -29.52
C VAL A 211 -9.93 8.83 -30.35
N SER A 212 -8.75 8.99 -29.70
CA SER A 212 -7.46 9.00 -30.43
C SER A 212 -7.54 9.98 -31.64
N ASP A 213 -7.05 9.59 -32.82
CA ASP A 213 -6.96 10.50 -33.97
C ASP A 213 -8.28 10.70 -34.75
N ALA A 214 -9.38 10.09 -34.28
CA ALA A 214 -10.71 10.45 -34.80
C ALA A 214 -10.99 11.93 -34.49
N CYS A 215 -10.28 12.48 -33.50
CA CYS A 215 -10.34 13.94 -33.25
C CYS A 215 -9.10 14.39 -32.49
N TYR A 216 -8.16 14.99 -33.21
CA TYR A 216 -6.86 15.34 -32.64
C TYR A 216 -6.97 16.29 -31.44
N THR A 217 -7.78 17.33 -31.56
CA THR A 217 -7.83 18.41 -30.58
C THR A 217 -9.23 19.01 -30.40
N ALA A 218 -9.37 19.80 -29.34
CA ALA A 218 -10.62 20.54 -29.11
C ALA A 218 -10.92 21.49 -30.28
N THR A 219 -9.87 22.02 -30.90
CA THR A 219 -10.02 22.89 -32.07
C THR A 219 -10.66 22.15 -33.25
N ASN A 220 -10.25 20.90 -33.49
CA ASN A 220 -10.93 20.07 -34.49
C ASN A 220 -12.40 19.78 -34.12
N TYR A 221 -12.63 19.58 -32.82
CA TYR A 221 -13.95 19.20 -32.33
C TYR A 221 -14.95 20.35 -32.45
N GLY A 222 -14.47 21.56 -32.20
CA GLY A 222 -15.36 22.72 -32.18
C GLY A 222 -16.50 22.60 -31.17
N PRO A 223 -17.71 23.09 -31.54
CA PRO A 223 -18.11 23.74 -32.80
C PRO A 223 -17.39 25.08 -33.01
N PRO A 224 -17.07 25.43 -34.27
CA PRO A 224 -17.39 24.65 -35.47
C PRO A 224 -16.30 23.57 -35.68
N ALA A 225 -16.69 22.39 -36.17
CA ALA A 225 -15.69 21.35 -36.45
C ALA A 225 -14.71 21.81 -37.52
N ARG A 226 -13.41 21.53 -37.29
CA ARG A 226 -12.36 21.90 -38.23
C ARG A 226 -11.50 20.71 -38.54
N ARG A 227 -11.43 20.35 -39.83
N ARG A 227 -11.44 20.35 -39.83
CA ARG A 227 -10.71 19.16 -40.25
CA ARG A 227 -10.70 19.16 -40.25
C ARG A 227 -9.22 19.22 -39.91
C ARG A 227 -9.22 19.23 -39.87
N ALA A 228 -8.66 18.08 -39.53
CA ALA A 228 -7.20 17.92 -39.46
C ALA A 228 -6.64 17.86 -40.89
N GLY A 229 -5.32 17.91 -41.01
CA GLY A 229 -4.65 17.66 -42.29
C GLY A 229 -4.53 16.16 -42.42
N VAL A 230 -4.00 15.73 -43.56
CA VAL A 230 -3.62 14.36 -43.85
C VAL A 230 -4.64 13.33 -43.37
N LEU A 231 -5.90 13.49 -43.79
CA LEU A 231 -6.96 12.55 -43.47
C LEU A 231 -7.11 11.55 -44.63
N HIS A 232 -7.19 10.27 -44.30
CA HIS A 232 -7.44 9.25 -45.33
C HIS A 232 -8.80 9.47 -46.04
N ASP A 233 -9.85 9.62 -45.25
CA ASP A 233 -11.24 9.66 -45.74
C ASP A 233 -11.92 10.81 -45.03
N THR A 234 -12.03 11.94 -45.69
CA THR A 234 -12.58 13.16 -45.06
C THR A 234 -14.06 13.01 -44.70
N ILE A 235 -14.82 12.36 -45.59
CA ILE A 235 -16.24 12.14 -45.31
C ILE A 235 -16.49 11.26 -44.07
N GLY A 236 -15.80 10.12 -44.00
CA GLY A 236 -15.91 9.22 -42.84
C GLY A 236 -15.40 9.97 -41.59
N TYR A 237 -14.32 10.72 -41.73
CA TYR A 237 -13.83 11.57 -40.63
C TYR A 237 -14.89 12.54 -40.08
N ASP A 238 -15.50 13.32 -40.97
CA ASP A 238 -16.56 14.27 -40.59
C ASP A 238 -17.68 13.58 -39.85
N ARG A 239 -18.17 12.46 -40.41
CA ARG A 239 -19.28 11.70 -39.80
C ARG A 239 -18.92 11.14 -38.43
N THR A 240 -17.67 10.68 -38.31
CA THR A 240 -17.15 10.13 -37.07
C THR A 240 -17.14 11.19 -35.96
N VAL A 241 -16.69 12.40 -36.29
CA VAL A 241 -16.67 13.50 -35.29
C VAL A 241 -18.11 13.79 -34.84
N SER A 242 -19.05 13.83 -35.79
CA SER A 242 -20.47 14.10 -35.43
C SER A 242 -21.01 12.98 -34.55
N HIS A 243 -20.66 11.74 -34.90
CA HIS A 243 -21.03 10.57 -34.11
C HIS A 243 -20.44 10.60 -32.70
N ILE A 244 -19.16 10.93 -32.61
CA ILE A 244 -18.48 11.11 -31.32
C ILE A 244 -19.25 12.11 -30.44
N ARG A 245 -19.56 13.28 -31.02
CA ARG A 245 -20.27 14.28 -30.27
CA ARG A 245 -20.31 14.33 -30.35
CA ARG A 245 -20.31 14.30 -30.30
C ARG A 245 -21.66 13.80 -29.79
N GLN A 246 -22.43 13.16 -30.65
CA GLN A 246 -23.73 12.62 -30.26
C GLN A 246 -23.61 11.52 -29.19
N TYR A 247 -22.65 10.60 -29.37
CA TYR A 247 -22.47 9.48 -28.45
C TYR A 247 -22.10 9.98 -27.05
N ALA A 248 -21.10 10.87 -26.98
CA ALA A 248 -20.59 11.38 -25.70
C ALA A 248 -21.59 12.31 -24.98
N GLU A 249 -22.18 13.25 -25.73
CA GLU A 249 -23.12 14.23 -25.11
C GLU A 249 -24.36 13.55 -24.58
N SER A 250 -24.85 12.56 -25.32
CA SER A 250 -26.05 11.84 -24.87
C SER A 250 -25.78 11.06 -23.59
N ARG A 251 -24.51 10.76 -23.31
N ARG A 251 -24.51 10.77 -23.32
CA ARG A 251 -24.14 9.97 -22.15
CA ARG A 251 -24.11 9.96 -22.17
C ARG A 251 -23.35 10.77 -21.12
C ARG A 251 -23.35 10.76 -21.13
N SER A 252 -23.21 12.08 -21.35
CA SER A 252 -22.39 12.95 -20.51
C SER A 252 -20.94 12.45 -20.32
N LEU A 253 -20.38 11.84 -21.36
CA LEU A 253 -19.00 11.38 -21.26
C LEU A 253 -18.07 12.51 -21.71
N THR A 254 -16.89 12.63 -21.09
CA THR A 254 -15.89 13.58 -21.54
C THR A 254 -15.03 12.98 -22.67
N VAL A 255 -14.98 13.67 -23.81
CA VAL A 255 -14.19 13.18 -24.94
C VAL A 255 -12.71 13.52 -24.70
N LEU A 256 -11.87 12.50 -24.67
CA LEU A 256 -10.43 12.68 -24.59
C LEU A 256 -9.83 12.57 -26.00
N PHE A 257 -9.24 13.66 -26.46
CA PHE A 257 -8.70 13.84 -27.82
C PHE A 257 -7.35 13.16 -28.03
N GLY A 258 -6.98 12.93 -29.30
CA GLY A 258 -5.74 12.19 -29.57
C GLY A 258 -4.49 12.97 -29.17
N HIS A 259 -4.47 14.28 -29.42
CA HIS A 259 -3.19 15.03 -29.23
C HIS A 259 -3.48 16.49 -28.83
N ASP A 260 -4.18 16.66 -27.71
CA ASP A 260 -4.58 18.01 -27.29
C ASP A 260 -3.74 18.43 -26.08
N ARG A 261 -2.78 19.33 -26.30
CA ARG A 261 -1.84 19.75 -25.26
CA ARG A 261 -1.83 19.80 -25.28
C ARG A 261 -2.54 20.30 -24.02
N GLU A 262 -3.49 21.21 -24.20
CA GLU A 262 -4.19 21.85 -23.07
C GLU A 262 -5.02 20.84 -22.26
N GLN A 263 -5.75 20.00 -22.97
CA GLN A 263 -6.53 18.98 -22.33
C GLN A 263 -5.61 18.03 -21.55
N PHE A 264 -4.57 17.55 -22.22
CA PHE A 264 -3.66 16.60 -21.59
C PHE A 264 -3.08 17.14 -20.29
N ALA A 265 -2.68 18.42 -20.30
CA ALA A 265 -2.12 19.05 -19.10
C ALA A 265 -3.12 19.00 -17.93
N SER A 266 -4.42 19.07 -18.23
CA SER A 266 -5.46 19.06 -17.20
C SER A 266 -5.71 17.69 -16.55
N LEU A 267 -5.24 16.62 -17.17
CA LEU A 267 -5.56 15.28 -16.73
C LEU A 267 -4.64 14.81 -15.62
N ILE A 268 -5.19 14.03 -14.70
CA ILE A 268 -4.39 13.35 -13.69
C ILE A 268 -3.62 12.22 -14.40
N LYS A 269 -2.30 12.22 -14.29
CA LYS A 269 -1.45 11.17 -14.90
C LYS A 269 -1.25 9.98 -13.98
N SER A 270 -0.88 8.84 -14.59
CA SER A 270 -0.76 7.57 -13.88
C SER A 270 0.23 7.62 -12.72
N THR A 271 1.18 8.53 -12.78
CA THR A 271 2.18 8.64 -11.72
C THR A 271 1.64 9.38 -10.49
N ASP A 272 0.55 10.13 -10.69
CA ASP A 272 -0.11 10.86 -9.60
C ASP A 272 -1.39 10.22 -9.06
N GLY A 273 -2.08 9.45 -9.88
CA GLY A 273 -3.28 8.79 -9.41
C GLY A 273 -4.05 8.26 -10.58
N PHE A 274 -5.32 7.96 -10.35
CA PHE A 274 -6.21 7.47 -11.42
C PHE A 274 -7.64 7.93 -11.23
N TYR A 275 -8.43 7.77 -12.28
CA TYR A 275 -9.86 8.09 -12.25
C TYR A 275 -10.70 6.90 -11.83
N GLU A 276 -11.65 7.16 -10.93
CA GLU A 276 -12.66 6.15 -10.60
C GLU A 276 -14.07 6.76 -10.57
N MET B 1 49.15 31.14 -18.49
CA MET B 1 48.46 32.03 -17.51
C MET B 1 46.99 32.41 -17.86
N GLY B 2 46.33 31.56 -18.65
CA GLY B 2 44.87 31.51 -18.61
C GLY B 2 44.50 30.72 -17.35
N ASN B 3 43.35 31.02 -16.73
CA ASN B 3 42.85 30.18 -15.65
C ASN B 3 42.58 28.78 -16.19
N LYS B 4 42.93 27.78 -15.41
CA LYS B 4 42.63 26.42 -15.82
C LYS B 4 41.82 25.75 -14.73
N LEU B 5 40.78 25.02 -15.15
CA LEU B 5 39.87 24.36 -14.22
C LEU B 5 39.96 22.83 -14.38
N PHE B 6 40.27 22.16 -13.27
CA PHE B 6 40.34 20.71 -13.20
C PHE B 6 39.17 20.16 -12.38
N VAL B 7 38.48 19.15 -12.93
CA VAL B 7 37.35 18.53 -12.24
C VAL B 7 37.79 17.27 -11.49
N LEU B 8 37.64 17.29 -10.17
CA LEU B 8 38.09 16.17 -9.31
C LEU B 8 36.95 15.22 -8.96
N ASP B 9 37.09 13.98 -9.43
CA ASP B 9 36.11 12.94 -9.20
C ASP B 9 36.32 12.38 -7.80
N LEU B 10 35.43 12.75 -6.87
CA LEU B 10 35.59 12.34 -5.47
C LEU B 10 34.55 11.28 -5.08
N GLY B 11 34.06 10.55 -6.08
CA GLY B 11 33.26 9.35 -5.83
C GLY B 11 31.75 9.62 -5.85
N GLU B 12 31.02 8.84 -5.05
CA GLU B 12 29.55 8.85 -5.07
C GLU B 12 28.94 8.52 -3.71
N ILE B 13 27.71 9.02 -3.51
CA ILE B 13 26.87 8.67 -2.36
C ILE B 13 25.57 8.09 -2.87
N ARG B 14 25.12 7.03 -2.19
CA ARG B 14 23.87 6.39 -2.51
CA ARG B 14 23.88 6.35 -2.49
C ARG B 14 22.85 6.81 -1.47
N VAL B 15 21.71 7.31 -1.93
CA VAL B 15 20.74 7.95 -1.03
C VAL B 15 19.32 8.00 -1.63
N ASP B 16 18.31 8.00 -0.74
CA ASP B 16 16.91 8.19 -1.14
C ASP B 16 16.78 9.50 -1.96
N GLU B 17 16.26 9.39 -3.18
CA GLU B 17 15.93 10.56 -4.03
C GLU B 17 15.18 11.68 -3.28
N ASN B 18 14.36 11.34 -2.28
CA ASN B 18 13.54 12.35 -1.58
C ASN B 18 14.36 13.34 -0.78
N PHE B 19 15.62 12.98 -0.46
CA PHE B 19 16.52 13.93 0.15
C PHE B 19 17.02 14.97 -0.84
N ILE B 20 17.11 14.56 -2.10
CA ILE B 20 17.67 15.42 -3.15
C ILE B 20 16.59 16.29 -3.82
N ILE B 21 15.44 15.69 -4.12
CA ILE B 21 14.32 16.48 -4.59
C ILE B 21 13.15 16.18 -3.64
N ALA B 22 12.80 17.13 -2.75
CA ALA B 22 11.81 16.88 -1.70
C ALA B 22 10.48 16.40 -2.29
N ASN B 23 9.87 15.44 -1.62
CA ASN B 23 8.55 14.92 -1.99
C ASN B 23 8.42 14.43 -3.43
N SER B 24 9.53 13.98 -4.01
CA SER B 24 9.58 13.30 -5.32
C SER B 24 8.59 12.16 -5.36
N THR B 25 8.49 11.47 -4.23
CA THR B 25 7.63 10.30 -4.07
CA THR B 25 7.55 10.36 -4.10
C THR B 25 6.86 10.40 -2.74
N PHE B 26 5.57 10.10 -2.75
CA PHE B 26 4.83 9.98 -1.50
C PHE B 26 3.64 9.06 -1.73
N VAL B 27 3.14 8.48 -0.65
CA VAL B 27 2.03 7.50 -0.72
C VAL B 27 0.72 8.27 -0.62
N THR B 28 -0.35 7.70 -1.20
CA THR B 28 -1.70 8.27 -1.11
C THR B 28 -2.62 7.07 -0.89
N PRO B 29 -3.89 7.30 -0.46
CA PRO B 29 -4.83 6.16 -0.32
C PRO B 29 -4.91 5.28 -1.58
N GLN B 30 -4.93 5.93 -2.75
CA GLN B 30 -5.01 5.21 -4.02
C GLN B 30 -3.76 4.43 -4.28
N LYS B 31 -2.63 5.03 -3.91
CA LYS B 31 -1.32 4.45 -4.17
CA LYS B 31 -1.31 4.49 -4.18
C LYS B 31 -0.61 4.27 -2.86
N PRO B 32 -1.06 3.27 -2.07
CA PRO B 32 -0.45 3.16 -0.77
C PRO B 32 0.87 2.40 -0.74
N THR B 33 1.33 1.92 -1.89
CA THR B 33 2.50 1.06 -1.90
C THR B 33 3.64 1.69 -2.69
N VAL B 34 3.45 2.92 -3.13
CA VAL B 34 4.46 3.55 -3.95
C VAL B 34 5.70 3.71 -3.07
N SER B 35 6.86 3.66 -3.70
CA SER B 35 8.11 3.64 -2.96
C SER B 35 9.11 4.58 -3.62
N SER B 36 9.94 5.19 -2.77
CA SER B 36 10.99 6.07 -3.26
C SER B 36 12.08 5.15 -3.80
N ARG B 37 13.17 5.74 -4.26
CA ARG B 37 14.25 4.94 -4.83
C ARG B 37 15.56 5.55 -4.40
N LEU B 38 16.60 4.72 -4.41
CA LEU B 38 17.96 5.18 -4.16
C LEU B 38 18.55 5.68 -5.46
N ILE B 39 19.27 6.80 -5.38
CA ILE B 39 20.04 7.29 -6.52
C ILE B 39 21.50 7.45 -6.13
N ASP B 40 22.39 7.37 -7.11
CA ASP B 40 23.82 7.56 -6.86
C ASP B 40 24.19 8.93 -7.35
N ILE B 41 24.77 9.73 -6.45
CA ILE B 41 25.07 11.12 -6.76
C ILE B 41 26.56 11.35 -6.65
N PRO B 42 27.11 12.18 -7.59
CA PRO B 42 28.54 12.51 -7.64
C PRO B 42 28.99 13.40 -6.47
N VAL B 43 30.15 13.08 -5.89
CA VAL B 43 30.85 14.00 -4.97
C VAL B 43 32.05 14.54 -5.72
N SER B 44 32.24 15.88 -5.72
CA SER B 44 33.34 16.45 -6.48
C SER B 44 34.02 17.64 -5.83
N ALA B 45 35.15 18.07 -6.42
CA ALA B 45 35.85 19.29 -6.02
C ALA B 45 36.51 19.83 -7.28
N TYR B 46 37.02 21.06 -7.20
CA TYR B 46 37.42 21.79 -8.40
C TYR B 46 38.68 22.51 -8.08
N LEU B 47 39.71 22.26 -8.90
CA LEU B 47 41.00 22.88 -8.71
C LEU B 47 41.13 23.94 -9.79
N ILE B 48 41.41 25.18 -9.38
CA ILE B 48 41.58 26.26 -10.33
C ILE B 48 43.02 26.75 -10.26
N GLN B 49 43.74 26.52 -11.35
CA GLN B 49 45.10 27.01 -11.49
CA GLN B 49 45.11 26.98 -11.51
C GLN B 49 45.14 28.40 -12.10
N CYS B 50 45.70 29.34 -11.34
CA CYS B 50 45.90 30.71 -11.82
C CYS B 50 47.39 31.01 -11.83
N THR B 51 47.75 32.12 -12.47
CA THR B 51 49.13 32.59 -12.42
C THR B 51 49.46 32.99 -10.95
N ASP B 52 48.52 33.66 -10.31
CA ASP B 52 48.71 34.20 -8.96
C ASP B 52 48.58 33.14 -7.84
N ALA B 53 47.94 32.00 -8.14
CA ALA B 53 47.47 31.11 -7.07
C ALA B 53 46.87 29.80 -7.58
N THR B 54 46.73 28.84 -6.67
CA THR B 54 45.90 27.66 -6.93
C THR B 54 44.83 27.54 -5.86
N VAL B 55 43.58 27.48 -6.33
CA VAL B 55 42.39 27.54 -5.49
C VAL B 55 41.65 26.20 -5.62
N LEU B 56 41.31 25.61 -4.49
CA LEU B 56 40.53 24.38 -4.49
C LEU B 56 39.14 24.71 -3.97
N TYR B 57 38.09 24.31 -4.68
CA TYR B 57 36.72 24.50 -4.20
C TYR B 57 36.19 23.17 -3.75
N ASP B 58 35.84 23.08 -2.46
CA ASP B 58 35.40 21.84 -1.79
C ASP B 58 36.51 20.75 -1.68
N THR B 59 36.23 19.71 -0.89
CA THR B 59 37.27 18.74 -0.51
C THR B 59 36.79 17.27 -0.45
N GLY B 60 35.52 17.05 -0.72
CA GLY B 60 34.95 15.73 -0.67
C GLY B 60 34.75 15.15 0.72
N CYS B 61 34.62 13.83 0.75
CA CYS B 61 34.50 13.10 2.02
C CYS B 61 35.90 12.83 2.59
N HIS B 62 35.96 12.56 3.89
CA HIS B 62 37.20 12.05 4.47
C HIS B 62 37.48 10.65 3.86
N PRO B 63 38.76 10.36 3.51
CA PRO B 63 39.05 9.02 2.93
C PRO B 63 38.53 7.86 3.77
N GLU B 64 38.49 8.04 5.10
CA GLU B 64 38.06 7.00 6.02
CA GLU B 64 38.06 6.98 6.00
C GLU B 64 36.68 7.29 6.60
N CYS B 65 35.80 7.88 5.78
CA CYS B 65 34.45 8.18 6.25
C CYS B 65 33.66 6.89 6.55
N MET B 66 33.89 5.83 5.76
CA MET B 66 33.15 4.57 5.91
C MET B 66 33.93 3.56 6.74
N GLY B 67 33.20 2.61 7.31
CA GLY B 67 33.86 1.53 8.03
C GLY B 67 33.49 1.58 9.50
N THR B 68 33.73 0.47 10.21
N THR B 68 33.73 0.46 10.17
CA THR B 68 33.37 0.41 11.62
CA THR B 68 33.46 0.33 11.60
C THR B 68 34.15 1.41 12.49
C THR B 68 34.11 1.48 12.39
N ASN B 69 35.35 1.78 12.05
CA ASN B 69 36.09 2.84 12.75
C ASN B 69 36.06 4.17 11.98
N GLY B 70 35.09 4.29 11.07
CA GLY B 70 35.02 5.42 10.14
C GLY B 70 34.57 6.73 10.79
N ARG B 71 34.81 7.81 10.06
CA ARG B 71 34.47 9.14 10.56
C ARG B 71 32.95 9.34 10.65
N TRP B 72 32.20 8.78 9.71
CA TRP B 72 30.74 8.95 9.73
C TRP B 72 30.07 8.05 10.77
N PRO B 73 29.11 8.61 11.54
CA PRO B 73 28.30 7.77 12.43
C PRO B 73 27.81 6.50 11.72
N ALA B 74 27.71 5.40 12.46
CA ALA B 74 27.25 4.13 11.93
C ALA B 74 25.93 4.29 11.19
N GLN B 75 24.97 4.98 11.81
CA GLN B 75 23.65 5.17 11.19
C GLN B 75 23.71 5.97 9.87
N SER B 76 24.56 6.98 9.81
CA SER B 76 24.76 7.74 8.57
C SER B 76 25.30 6.86 7.45
N GLN B 77 26.24 6.00 7.80
CA GLN B 77 26.81 5.05 6.85
C GLN B 77 25.73 4.14 6.28
N LEU B 78 24.86 3.65 7.16
N LEU B 78 24.85 3.67 7.15
CA LEU B 78 23.72 2.84 6.72
CA LEU B 78 23.73 2.82 6.72
C LEU B 78 22.76 3.62 5.82
C LEU B 78 22.65 3.57 5.91
N ASN B 79 22.46 4.86 6.21
CA ASN B 79 21.39 5.63 5.54
C ASN B 79 21.78 6.15 4.16
N ALA B 80 23.01 6.62 4.04
CA ALA B 80 23.48 7.24 2.79
C ALA B 80 24.99 7.05 2.67
N PRO B 81 25.42 5.81 2.32
CA PRO B 81 26.86 5.50 2.33
C PRO B 81 27.63 6.17 1.21
N TYR B 82 28.89 6.45 1.49
CA TYR B 82 29.84 6.78 0.45
C TYR B 82 30.19 5.46 -0.25
N ILE B 83 30.13 5.49 -1.58
CA ILE B 83 30.24 4.33 -2.44
CA ILE B 83 30.33 4.28 -2.40
C ILE B 83 31.39 4.54 -3.45
N GLY B 84 32.17 5.60 -3.27
CA GLY B 84 33.23 5.91 -4.24
C GLY B 84 34.35 4.87 -4.28
N ALA B 85 34.96 4.72 -5.46
CA ALA B 85 36.13 3.85 -5.59
C ALA B 85 37.30 4.43 -4.76
N SER B 86 38.28 3.59 -4.45
CA SER B 86 39.40 3.93 -3.58
C SER B 86 40.21 5.16 -3.98
N GLU B 87 40.38 5.37 -5.27
CA GLU B 87 41.23 6.48 -5.74
C GLU B 87 40.51 7.83 -5.71
N CYS B 88 39.19 7.78 -5.50
CA CYS B 88 38.32 8.97 -5.55
C CYS B 88 38.33 9.76 -4.25
N ASN B 89 39.53 10.08 -3.77
CA ASN B 89 39.72 10.87 -2.58
C ASN B 89 40.57 12.09 -2.90
N LEU B 90 40.32 13.17 -2.18
CA LEU B 90 40.92 14.44 -2.56
C LEU B 90 42.45 14.40 -2.54
N PRO B 91 43.07 13.87 -1.47
CA PRO B 91 44.56 13.90 -1.47
C PRO B 91 45.15 13.13 -2.63
N GLU B 92 44.55 11.99 -2.99
CA GLU B 92 45.08 11.22 -4.12
C GLU B 92 44.82 11.93 -5.45
N ARG B 93 43.69 12.60 -5.59
CA ARG B 93 43.41 13.34 -6.83
C ARG B 93 44.41 14.46 -7.04
N LEU B 94 44.81 15.14 -5.98
CA LEU B 94 45.84 16.19 -6.05
C LEU B 94 47.22 15.59 -6.39
N ARG B 95 47.54 14.45 -5.77
CA ARG B 95 48.81 13.75 -6.01
C ARG B 95 48.97 13.22 -7.44
N GLN B 96 47.87 12.79 -8.07
CA GLN B 96 47.88 12.41 -9.46
C GLN B 96 48.24 13.60 -10.36
N LEU B 97 48.01 14.81 -9.87
CA LEU B 97 48.33 16.03 -10.62
C LEU B 97 49.67 16.60 -10.19
N GLY B 98 50.33 15.92 -9.28
CA GLY B 98 51.64 16.32 -8.80
C GLY B 98 51.58 17.36 -7.70
N LEU B 99 50.44 17.41 -6.99
CA LEU B 99 50.20 18.42 -5.95
C LEU B 99 50.03 17.81 -4.56
N SER B 100 50.63 18.43 -3.54
CA SER B 100 50.33 18.13 -2.15
C SER B 100 49.43 19.26 -1.59
N PRO B 101 48.80 19.03 -0.43
CA PRO B 101 47.93 20.08 0.19
C PRO B 101 48.62 21.44 0.28
N ASP B 102 49.90 21.46 0.68
CA ASP B 102 50.65 22.73 0.76
C ASP B 102 50.83 23.44 -0.58
N ASP B 103 50.61 22.75 -1.70
CA ASP B 103 50.61 23.41 -3.02
C ASP B 103 49.34 24.20 -3.32
N ILE B 104 48.35 24.09 -2.44
CA ILE B 104 47.07 24.80 -2.63
C ILE B 104 47.14 26.11 -1.85
N SER B 105 46.97 27.23 -2.55
CA SER B 105 47.07 28.54 -1.92
C SER B 105 45.86 28.76 -1.01
N THR B 106 44.69 28.39 -1.54
CA THR B 106 43.42 28.66 -0.86
C THR B 106 42.45 27.53 -1.12
N VAL B 107 41.87 27.03 -0.03
CA VAL B 107 40.72 26.14 -0.10
C VAL B 107 39.46 26.94 0.20
N VAL B 108 38.56 27.00 -0.77
CA VAL B 108 37.21 27.55 -0.56
C VAL B 108 36.26 26.40 -0.17
N LEU B 109 35.76 26.45 1.07
CA LEU B 109 34.73 25.50 1.51
C LEU B 109 33.36 26.07 1.26
N SER B 110 32.62 25.42 0.38
CA SER B 110 31.25 25.85 0.04
C SER B 110 30.43 25.91 1.31
N HIS B 111 30.71 24.97 2.20
CA HIS B 111 30.14 24.88 3.53
C HIS B 111 30.84 23.75 4.26
N LEU B 112 30.42 23.44 5.49
CA LEU B 112 31.26 22.55 6.30
C LEU B 112 30.63 21.17 6.58
N HIS B 113 29.76 20.73 5.67
CA HIS B 113 29.11 19.42 5.78
C HIS B 113 30.04 18.28 5.36
N ASN B 114 29.61 17.08 5.75
CA ASN B 114 30.27 15.81 5.54
C ASN B 114 31.09 15.59 4.24
N ASP B 115 30.44 15.69 3.10
CA ASP B 115 31.11 15.39 1.84
C ASP B 115 31.59 16.61 1.10
N HIS B 116 31.82 17.70 1.86
CA HIS B 116 32.41 18.93 1.33
C HIS B 116 33.67 19.36 2.07
N ALA B 117 33.69 19.13 3.38
CA ALA B 117 34.78 19.59 4.22
C ALA B 117 35.56 18.40 4.78
N GLY B 118 35.32 17.21 4.23
CA GLY B 118 35.90 16.00 4.81
C GLY B 118 37.42 15.92 4.79
N CYS B 119 38.08 16.69 3.91
CA CYS B 119 39.55 16.68 3.85
C CYS B 119 40.23 17.98 4.31
N VAL B 120 39.50 18.83 5.04
CA VAL B 120 40.07 20.05 5.60
C VAL B 120 41.33 19.74 6.44
N GLU B 121 41.33 18.60 7.14
CA GLU B 121 42.44 18.30 8.08
C GLU B 121 43.80 18.12 7.43
N TYR B 122 43.80 17.94 6.10
CA TYR B 122 45.01 17.80 5.31
C TYR B 122 45.70 19.13 5.00
N PHE B 123 45.05 20.24 5.35
CA PHE B 123 45.51 21.56 4.99
C PHE B 123 46.01 22.28 6.22
N GLY B 124 47.30 22.11 6.49
CA GLY B 124 47.95 22.73 7.63
C GLY B 124 48.45 24.13 7.36
N LYS B 125 48.53 24.52 6.10
CA LYS B 125 49.07 25.84 5.70
C LYS B 125 48.15 26.70 4.82
N SER B 126 47.44 26.06 3.89
CA SER B 126 46.55 26.73 2.96
C SER B 126 45.54 27.62 3.70
N ARG B 127 45.23 28.76 3.11
CA ARG B 127 44.14 29.60 3.61
CA ARG B 127 44.13 29.61 3.58
C ARG B 127 42.85 28.81 3.45
N LEU B 128 42.06 28.73 4.53
CA LEU B 128 40.81 27.99 4.52
C LEU B 128 39.68 29.01 4.64
N ILE B 129 39.00 29.23 3.53
CA ILE B 129 37.89 30.18 3.47
C ILE B 129 36.55 29.45 3.67
N ALA B 130 35.83 29.87 4.70
CA ALA B 130 34.51 29.32 5.03
C ALA B 130 33.70 30.46 5.58
N HIS B 131 32.40 30.37 5.43
CA HIS B 131 31.49 31.42 5.92
C HIS B 131 31.57 31.44 7.44
N GLU B 132 31.64 32.62 8.06
CA GLU B 132 31.75 32.64 9.53
C GLU B 132 30.63 31.88 10.27
N ASP B 133 29.39 31.95 9.76
CA ASP B 133 28.29 31.28 10.43
C ASP B 133 28.41 29.77 10.24
N GLU B 134 29.00 29.34 9.12
CA GLU B 134 29.18 27.95 8.84
C GLU B 134 30.21 27.35 9.83
N PHE B 135 31.30 28.08 10.03
CA PHE B 135 32.31 27.74 11.03
C PHE B 135 31.71 27.64 12.44
N ALA B 136 30.95 28.66 12.81
CA ALA B 136 30.32 28.71 14.12
C ALA B 136 29.40 27.47 14.34
N THR B 137 28.55 27.17 13.35
CA THR B 137 27.64 26.02 13.42
C THR B 137 28.42 24.69 13.58
N ALA B 138 29.42 24.49 12.72
CA ALA B 138 30.20 23.25 12.71
C ALA B 138 30.83 23.02 14.11
N VAL B 139 31.46 24.04 14.67
CA VAL B 139 32.15 23.88 15.96
CA VAL B 139 32.14 23.87 15.96
C VAL B 139 31.15 23.70 17.10
N ARG B 140 29.95 24.26 16.97
CA ARG B 140 28.91 24.01 18.00
C ARG B 140 28.49 22.53 18.01
N TYR B 141 28.24 21.95 16.84
CA TYR B 141 27.89 20.50 16.78
C TYR B 141 29.01 19.66 17.38
N PHE B 142 30.24 19.98 17.03
CA PHE B 142 31.41 19.30 17.58
C PHE B 142 31.49 19.48 19.10
N ALA B 143 31.39 20.72 19.56
CA ALA B 143 31.55 21.02 21.00
C ALA B 143 30.49 20.38 21.90
N THR B 144 29.31 20.10 21.34
CA THR B 144 28.19 19.50 22.09
C THR B 144 28.16 17.99 21.82
N GLY B 145 29.10 17.51 21.01
CA GLY B 145 29.10 16.08 20.59
C GLY B 145 27.81 15.61 19.93
N ASP B 146 27.25 16.46 19.08
CA ASP B 146 25.94 16.23 18.47
C ASP B 146 26.15 15.65 17.07
N HIS B 147 25.81 14.37 16.90
CA HIS B 147 26.03 13.65 15.64
C HIS B 147 24.83 13.65 14.71
N SER B 148 23.81 14.45 15.03
CA SER B 148 22.50 14.31 14.36
C SER B 148 22.38 15.02 12.99
N SER B 149 23.44 15.72 12.55
CA SER B 149 23.39 16.51 11.30
C SER B 149 24.43 16.04 10.29
N PRO B 150 24.44 16.63 9.07
CA PRO B 150 25.56 16.36 8.14
C PRO B 150 26.96 16.84 8.60
N TYR B 151 27.05 17.63 9.68
CA TYR B 151 28.35 17.93 10.34
C TYR B 151 28.91 16.68 11.03
N ILE B 152 30.17 16.37 10.72
CA ILE B 152 30.79 15.14 11.16
C ILE B 152 31.71 15.51 12.29
N VAL B 153 31.28 15.21 13.50
CA VAL B 153 32.00 15.55 14.74
C VAL B 153 33.48 15.09 14.69
N LYS B 154 33.73 13.87 14.20
CA LYS B 154 35.08 13.34 14.18
C LYS B 154 35.99 14.06 13.18
N ASP B 155 35.41 14.56 12.08
CA ASP B 155 36.19 15.38 11.13
C ASP B 155 36.50 16.74 11.76
N ILE B 156 35.48 17.38 12.32
CA ILE B 156 35.69 18.67 12.99
C ILE B 156 36.78 18.55 14.08
N GLU B 157 36.74 17.48 14.86
CA GLU B 157 37.82 17.22 15.85
C GLU B 157 39.21 17.25 15.22
N ALA B 158 39.37 16.59 14.08
CA ALA B 158 40.61 16.63 13.30
C ALA B 158 40.99 18.04 12.78
N TRP B 159 40.01 18.81 12.31
CA TRP B 159 40.29 20.18 11.86
C TRP B 159 40.89 21.00 13.00
N LEU B 160 40.33 20.81 14.19
CA LEU B 160 40.63 21.64 15.34
C LEU B 160 41.85 21.16 16.12
N ALA B 161 42.37 20.00 15.72
CA ALA B 161 43.53 19.37 16.36
C ALA B 161 44.83 20.17 16.25
N THR B 162 44.91 21.00 15.21
CA THR B 162 46.10 21.85 14.98
C THR B 162 45.65 23.18 14.48
N PRO B 163 46.37 24.25 14.85
CA PRO B 163 46.06 25.56 14.25
C PRO B 163 46.04 25.51 12.72
N ARG B 164 45.08 26.22 12.13
CA ARG B 164 45.00 26.29 10.69
C ARG B 164 44.74 27.70 10.29
N ASN B 165 44.95 27.95 9.00
CA ASN B 165 44.89 29.29 8.44
C ASN B 165 43.44 29.65 8.05
N TRP B 166 42.55 29.66 9.01
CA TRP B 166 41.16 29.93 8.71
C TRP B 166 40.98 31.40 8.32
N ASP B 167 40.18 31.63 7.29
CA ASP B 167 39.85 33.00 6.87
C ASP B 167 38.33 33.04 6.70
N LEU B 168 37.63 33.52 7.72
CA LEU B 168 36.18 33.42 7.74
C LEU B 168 35.52 34.59 7.01
N VAL B 169 34.62 34.27 6.09
CA VAL B 169 33.83 35.24 5.37
C VAL B 169 32.73 35.84 6.29
N GLY B 170 32.76 37.15 6.47
CA GLY B 170 31.75 37.86 7.26
C GLY B 170 30.38 37.74 6.63
N ARG B 171 29.33 37.63 7.45
CA ARG B 171 28.01 37.40 6.86
C ARG B 171 27.51 38.57 5.97
N ASP B 172 28.09 39.76 6.13
CA ASP B 172 27.73 40.86 5.24
C ASP B 172 28.66 41.15 4.07
N GLU B 173 29.70 40.35 3.90
CA GLU B 173 30.52 40.43 2.68
C GLU B 173 29.73 39.89 1.49
N ARG B 174 29.76 40.55 0.35
CA ARG B 174 29.04 40.08 -0.84
CA ARG B 174 29.02 40.02 -0.79
C ARG B 174 29.91 39.14 -1.66
N GLU B 175 31.13 39.59 -1.94
CA GLU B 175 31.96 38.92 -2.92
C GLU B 175 33.42 39.23 -2.59
N ARG B 176 34.32 38.40 -3.10
CA ARG B 176 35.75 38.61 -2.91
C ARG B 176 36.43 38.14 -4.18
N GLU B 177 37.31 38.98 -4.74
CA GLU B 177 38.11 38.54 -5.86
C GLU B 177 39.30 37.78 -5.29
N LEU B 178 39.43 36.52 -5.69
CA LEU B 178 40.58 35.71 -5.25
C LEU B 178 41.75 35.81 -6.22
N ALA B 179 41.43 36.03 -7.49
CA ALA B 179 42.40 36.13 -8.59
C ALA B 179 41.62 36.70 -9.75
N PRO B 180 42.32 37.23 -10.77
CA PRO B 180 41.58 37.71 -11.92
C PRO B 180 40.69 36.61 -12.46
N GLY B 181 39.41 36.93 -12.63
CA GLY B 181 38.46 35.97 -13.17
C GLY B 181 38.03 34.86 -12.21
N VAL B 182 38.45 34.94 -10.95
CA VAL B 182 37.95 33.99 -9.94
C VAL B 182 37.40 34.72 -8.71
N ASN B 183 36.08 34.70 -8.61
CA ASN B 183 35.38 35.51 -7.65
C ASN B 183 34.59 34.66 -6.70
N LEU B 184 34.82 34.89 -5.41
CA LEU B 184 34.13 34.17 -4.35
C LEU B 184 32.78 34.83 -4.14
N LEU B 185 31.69 34.06 -4.14
CA LEU B 185 30.37 34.66 -3.93
C LEU B 185 29.83 34.18 -2.60
N ASN B 186 29.43 35.13 -1.77
CA ASN B 186 28.78 34.80 -0.52
C ASN B 186 27.27 34.58 -0.73
N PHE B 187 26.84 33.33 -0.85
CA PHE B 187 25.40 33.06 -0.98
C PHE B 187 24.63 33.16 0.37
N GLY B 188 25.34 33.05 1.48
CA GLY B 188 24.74 33.20 2.80
C GLY B 188 23.89 31.99 3.16
N THR B 189 22.96 32.23 4.07
CA THR B 189 22.11 31.19 4.61
C THR B 189 21.17 30.56 3.55
N GLY B 190 21.05 29.22 3.58
CA GLY B 190 20.16 28.52 2.69
C GLY B 190 20.20 27.03 3.00
N HIS B 191 20.83 26.26 2.10
CA HIS B 191 21.00 24.81 2.34
C HIS B 191 21.60 24.55 3.74
N ALA B 192 22.67 25.28 4.07
CA ALA B 192 23.24 25.34 5.41
C ALA B 192 23.36 26.81 5.85
N SER B 193 24.05 27.06 6.95
CA SER B 193 24.03 28.37 7.53
C SER B 193 24.84 29.42 6.73
N GLY B 194 25.85 28.98 5.95
CA GLY B 194 26.67 29.93 5.17
C GLY B 194 27.30 29.29 3.92
N MET B 195 26.63 29.47 2.78
CA MET B 195 27.04 28.86 1.49
C MET B 195 27.92 29.82 0.70
N LEU B 196 29.03 29.31 0.15
CA LEU B 196 29.91 30.10 -0.71
C LEU B 196 29.94 29.45 -2.09
N GLY B 197 29.86 30.28 -3.13
CA GLY B 197 30.00 29.82 -4.51
C GLY B 197 31.29 30.39 -5.10
N LEU B 198 31.63 29.94 -6.29
CA LEU B 198 32.87 30.39 -6.93
C LEU B 198 32.66 30.57 -8.42
N ALA B 199 32.87 31.79 -8.88
CA ALA B 199 32.70 32.11 -10.30
C ALA B 199 34.08 32.04 -10.92
N VAL B 200 34.20 31.16 -11.91
CA VAL B 200 35.50 30.92 -12.58
C VAL B 200 35.37 31.29 -14.04
N ARG B 201 35.97 32.41 -14.41
CA ARG B 201 35.98 32.86 -15.80
CA ARG B 201 35.99 32.88 -15.80
C ARG B 201 37.14 32.23 -16.58
N LEU B 202 36.83 31.79 -17.81
CA LEU B 202 37.80 31.12 -18.70
C LEU B 202 37.95 31.89 -20.04
N GLU B 203 38.73 31.34 -20.96
CA GLU B 203 39.07 32.05 -22.21
C GLU B 203 38.46 31.42 -23.46
N LYS B 204 38.53 30.09 -23.54
CA LYS B 204 37.98 29.34 -24.66
C LYS B 204 36.47 29.16 -24.51
N GLN B 205 35.97 29.41 -23.31
CA GLN B 205 34.53 29.51 -23.05
C GLN B 205 34.30 30.48 -21.90
N PRO B 206 33.06 30.98 -21.75
CA PRO B 206 32.84 31.98 -20.71
C PRO B 206 33.29 31.55 -19.30
N GLY B 207 33.01 30.29 -18.93
CA GLY B 207 33.36 29.77 -17.61
C GLY B 207 32.23 29.12 -16.83
N PHE B 208 32.44 29.01 -15.54
CA PHE B 208 31.62 28.14 -14.71
C PHE B 208 31.27 28.86 -13.44
N LEU B 209 30.08 28.56 -12.92
CA LEU B 209 29.71 28.98 -11.58
C LEU B 209 29.53 27.76 -10.69
N LEU B 210 30.43 27.61 -9.72
CA LEU B 210 30.42 26.46 -8.82
C LEU B 210 29.55 26.81 -7.62
N VAL B 211 28.52 25.99 -7.36
CA VAL B 211 27.50 26.35 -6.37
C VAL B 211 27.30 25.27 -5.30
N SER B 212 27.91 24.10 -5.49
CA SER B 212 27.82 23.02 -4.50
C SER B 212 26.32 22.80 -4.10
N ASP B 213 26.06 22.63 -2.82
CA ASP B 213 24.70 22.33 -2.35
C ASP B 213 23.69 23.47 -2.37
N ALA B 214 24.11 24.65 -2.78
CA ALA B 214 23.12 25.70 -3.00
C ALA B 214 22.17 25.24 -4.13
N CYS B 215 22.60 24.26 -4.93
CA CYS B 215 21.69 23.67 -5.90
C CYS B 215 22.20 22.28 -6.26
N TYR B 216 21.59 21.26 -5.66
CA TYR B 216 22.03 19.87 -5.86
C TYR B 216 22.07 19.41 -7.33
N THR B 217 20.98 19.65 -8.06
CA THR B 217 20.83 19.08 -9.39
C THR B 217 20.09 20.01 -10.34
N ALA B 218 20.22 19.73 -11.63
CA ALA B 218 19.44 20.41 -12.66
C ALA B 218 17.93 20.34 -12.38
N THR B 219 17.44 19.24 -11.80
CA THR B 219 16.03 19.16 -11.39
C THR B 219 15.64 20.19 -10.30
N ASN B 220 16.56 20.48 -9.38
CA ASN B 220 16.29 21.50 -8.37
C ASN B 220 16.32 22.89 -9.04
N TYR B 221 17.22 23.07 -10.01
CA TYR B 221 17.42 24.35 -10.70
C TYR B 221 16.19 24.74 -11.52
N GLY B 222 15.59 23.75 -12.17
CA GLY B 222 14.47 23.98 -13.08
C GLY B 222 14.81 24.89 -14.27
N PRO B 223 13.85 25.72 -14.69
CA PRO B 223 12.52 25.85 -14.08
C PRO B 223 11.63 24.65 -14.39
N PRO B 224 10.68 24.34 -13.50
CA PRO B 224 10.37 25.15 -12.32
C PRO B 224 11.38 24.76 -11.22
N ALA B 225 11.81 25.70 -10.38
CA ALA B 225 12.71 25.31 -9.27
C ALA B 225 11.99 24.37 -8.29
N ARG B 226 12.71 23.36 -7.83
CA ARG B 226 12.18 22.37 -6.88
C ARG B 226 13.14 22.21 -5.70
N ARG B 227 12.62 22.44 -4.49
CA ARG B 227 13.45 22.35 -3.30
C ARG B 227 14.04 20.96 -3.05
N ALA B 228 15.27 20.96 -2.57
CA ALA B 228 15.86 19.76 -1.97
C ALA B 228 15.17 19.50 -0.65
N GLY B 229 15.42 18.31 -0.10
CA GLY B 229 15.00 17.98 1.25
C GLY B 229 16.04 18.59 2.20
N VAL B 230 15.81 18.41 3.48
CA VAL B 230 16.75 18.74 4.53
C VAL B 230 17.50 20.09 4.33
N LEU B 231 16.74 21.15 4.08
CA LEU B 231 17.29 22.50 3.96
C LEU B 231 17.27 23.21 5.30
N HIS B 232 18.38 23.85 5.67
CA HIS B 232 18.42 24.64 6.90
C HIS B 232 17.42 25.81 6.83
N ASP B 233 17.49 26.59 5.76
CA ASP B 233 16.72 27.82 5.59
C ASP B 233 16.12 27.83 4.20
N THR B 234 14.85 27.47 4.11
CA THR B 234 14.19 27.27 2.81
C THR B 234 14.08 28.59 2.06
N ILE B 235 13.79 29.66 2.78
CA ILE B 235 13.66 30.98 2.13
C ILE B 235 15.01 31.45 1.56
N GLY B 236 16.06 31.39 2.37
CA GLY B 236 17.38 31.77 1.87
C GLY B 236 17.81 30.85 0.72
N TYR B 237 17.47 29.57 0.80
CA TYR B 237 17.76 28.61 -0.30
C TYR B 237 17.06 29.01 -1.61
N ASP B 238 15.75 29.27 -1.52
CA ASP B 238 14.98 29.76 -2.66
C ASP B 238 15.61 30.99 -3.32
N ARG B 239 15.91 32.00 -2.51
CA ARG B 239 16.48 33.26 -3.01
C ARG B 239 17.84 33.01 -3.63
N THR B 240 18.57 32.08 -3.04
CA THR B 240 19.93 31.79 -3.52
C THR B 240 19.88 31.15 -4.90
N VAL B 241 18.99 30.19 -5.11
CA VAL B 241 18.79 29.62 -6.45
C VAL B 241 18.45 30.72 -7.48
N SER B 242 17.53 31.64 -7.14
CA SER B 242 17.20 32.72 -8.04
C SER B 242 18.42 33.61 -8.32
N HIS B 243 19.20 33.91 -7.28
CA HIS B 243 20.39 34.73 -7.45
C HIS B 243 21.44 34.04 -8.34
N ILE B 244 21.60 32.72 -8.17
CA ILE B 244 22.51 31.91 -8.98
C ILE B 244 22.14 32.01 -10.48
N ARG B 245 20.85 31.84 -10.77
N ARG B 245 20.86 31.81 -10.78
CA ARG B 245 20.33 31.87 -12.13
CA ARG B 245 20.38 31.87 -12.16
C ARG B 245 20.65 33.20 -12.79
C ARG B 245 20.71 33.22 -12.78
N GLN B 246 20.32 34.29 -12.10
CA GLN B 246 20.58 35.66 -12.60
C GLN B 246 22.09 35.95 -12.76
N TYR B 247 22.89 35.60 -11.76
CA TYR B 247 24.35 35.76 -11.83
C TYR B 247 24.98 35.03 -13.03
N ALA B 248 24.68 33.74 -13.15
CA ALA B 248 25.20 32.91 -14.23
C ALA B 248 24.71 33.32 -15.62
N GLU B 249 23.40 33.49 -15.75
CA GLU B 249 22.79 33.78 -17.06
C GLU B 249 23.28 35.10 -17.64
N SER B 250 23.42 36.10 -16.77
CA SER B 250 23.83 37.41 -17.19
C SER B 250 25.29 37.42 -17.62
N ARG B 251 26.09 36.47 -17.12
CA ARG B 251 27.46 36.33 -17.62
C ARG B 251 27.74 35.09 -18.48
N SER B 252 26.68 34.42 -18.90
CA SER B 252 26.75 33.22 -19.73
C SER B 252 27.61 32.11 -19.09
N LEU B 253 27.60 32.05 -17.75
CA LEU B 253 28.37 31.04 -17.02
C LEU B 253 27.56 29.75 -16.90
N THR B 254 28.27 28.63 -16.94
CA THR B 254 27.63 27.33 -16.80
C THR B 254 27.60 26.96 -15.32
N VAL B 255 26.40 26.71 -14.81
CA VAL B 255 26.21 26.34 -13.40
C VAL B 255 26.59 24.88 -13.21
N LEU B 256 27.59 24.66 -12.37
CA LEU B 256 27.95 23.30 -11.98
CA LEU B 256 27.98 23.32 -11.98
C LEU B 256 27.34 22.98 -10.63
N PHE B 257 26.43 22.00 -10.65
CA PHE B 257 25.62 21.62 -9.50
C PHE B 257 26.39 20.80 -8.49
N GLY B 258 25.83 20.68 -7.28
CA GLY B 258 26.50 20.00 -6.20
C GLY B 258 26.64 18.50 -6.43
N HIS B 259 25.57 17.89 -6.96
CA HIS B 259 25.48 16.43 -6.96
C HIS B 259 24.63 15.98 -8.13
N ASP B 260 24.98 16.41 -9.35
CA ASP B 260 24.18 16.06 -10.52
C ASP B 260 24.91 14.99 -11.35
N ARG B 261 24.39 13.77 -11.31
CA ARG B 261 25.02 12.60 -11.96
C ARG B 261 25.21 12.82 -13.48
N GLU B 262 24.17 13.25 -14.17
CA GLU B 262 24.23 13.40 -15.61
C GLU B 262 25.19 14.49 -16.03
N GLN B 263 25.13 15.65 -15.37
CA GLN B 263 26.06 16.74 -15.65
C GLN B 263 27.50 16.31 -15.37
N PHE B 264 27.70 15.62 -14.25
CA PHE B 264 29.06 15.27 -13.86
C PHE B 264 29.67 14.26 -14.85
N ALA B 265 28.83 13.37 -15.40
CA ALA B 265 29.23 12.43 -16.46
C ALA B 265 29.75 13.15 -17.70
N SER B 266 29.20 14.33 -17.98
CA SER B 266 29.57 15.10 -19.18
C SER B 266 30.87 15.89 -19.03
N LEU B 267 31.39 16.01 -17.82
CA LEU B 267 32.59 16.84 -17.61
C LEU B 267 33.87 16.02 -17.86
N ILE B 268 34.89 16.69 -18.38
CA ILE B 268 36.23 16.11 -18.51
C ILE B 268 36.82 16.09 -17.10
N LYS B 269 37.30 14.94 -16.65
CA LYS B 269 37.84 14.80 -15.30
C LYS B 269 39.32 15.08 -15.31
N SER B 270 39.87 15.37 -14.13
CA SER B 270 41.26 15.83 -14.01
C SER B 270 42.28 14.83 -14.54
N THR B 271 41.95 13.55 -14.51
CA THR B 271 42.84 12.48 -15.03
C THR B 271 42.95 12.50 -16.57
N ASP B 272 42.00 13.17 -17.23
CA ASP B 272 41.93 13.18 -18.70
C ASP B 272 42.16 14.56 -19.31
N GLY B 273 41.98 15.62 -18.53
CA GLY B 273 42.13 16.98 -19.03
C GLY B 273 41.61 18.07 -18.13
N PHE B 274 41.37 19.25 -18.70
CA PHE B 274 41.00 20.47 -17.96
C PHE B 274 40.30 21.45 -18.89
N TYR B 275 39.77 22.53 -18.31
CA TYR B 275 39.04 23.56 -19.04
C TYR B 275 39.83 24.84 -18.99
N GLU B 276 39.91 25.54 -20.13
CA GLU B 276 40.55 26.86 -20.18
C GLU B 276 39.73 27.86 -21.03
N MET C 1 -18.07 34.63 35.10
CA MET C 1 -16.96 33.78 35.58
C MET C 1 -15.88 33.50 34.51
N GLY C 2 -15.05 32.50 34.77
CA GLY C 2 -13.84 32.32 33.96
C GLY C 2 -14.08 31.88 32.52
N ASN C 3 -12.98 31.81 31.77
CA ASN C 3 -13.05 31.31 30.41
C ASN C 3 -13.37 29.84 30.39
N LYS C 4 -14.08 29.42 29.36
CA LYS C 4 -14.33 27.99 29.15
C LYS C 4 -13.89 27.65 27.76
N LEU C 5 -13.16 26.55 27.65
CA LEU C 5 -12.67 26.10 26.36
C LEU C 5 -13.39 24.84 25.89
N PHE C 6 -13.82 24.88 24.63
CA PHE C 6 -14.49 23.76 23.96
C PHE C 6 -13.67 23.29 22.78
N VAL C 7 -13.49 21.98 22.72
CA VAL C 7 -12.74 21.32 21.66
C VAL C 7 -13.69 20.78 20.59
N LEU C 8 -13.60 21.33 19.38
CA LEU C 8 -14.50 20.98 18.27
C LEU C 8 -13.83 19.93 17.38
N ASP C 9 -14.50 18.78 17.26
CA ASP C 9 -13.98 17.67 16.47
C ASP C 9 -14.44 17.88 15.04
N LEU C 10 -13.52 18.26 14.14
CA LEU C 10 -13.88 18.56 12.74
C LEU C 10 -13.31 17.54 11.77
N GLY C 11 -13.17 16.30 12.21
CA GLY C 11 -12.87 15.20 11.32
C GLY C 11 -11.41 14.82 11.24
N GLU C 12 -11.03 14.20 10.12
CA GLU C 12 -9.67 13.68 10.00
C GLU C 12 -9.26 13.83 8.55
N ILE C 13 -7.94 13.85 8.34
CA ILE C 13 -7.37 13.77 7.00
C ILE C 13 -6.44 12.56 6.98
N ARG C 14 -6.41 11.84 5.86
CA ARG C 14 -5.52 10.69 5.69
C ARG C 14 -4.38 11.14 4.79
N VAL C 15 -3.13 10.97 5.24
CA VAL C 15 -1.98 11.53 4.53
C VAL C 15 -0.72 10.75 4.84
N ASP C 16 0.24 10.79 3.91
CA ASP C 16 1.55 10.26 4.14
C ASP C 16 2.16 10.95 5.36
N GLU C 17 2.58 10.15 6.34
CA GLU C 17 3.25 10.61 7.53
C GLU C 17 4.46 11.51 7.25
N ASN C 18 5.15 11.28 6.13
CA ASN C 18 6.31 12.10 5.73
C ASN C 18 5.99 13.59 5.57
N PHE C 19 4.74 13.94 5.33
CA PHE C 19 4.37 15.38 5.30
C PHE C 19 4.28 15.94 6.71
N ILE C 20 3.98 15.08 7.66
CA ILE C 20 3.71 15.53 9.05
C ILE C 20 5.00 15.57 9.86
N ILE C 21 5.80 14.51 9.76
CA ILE C 21 7.13 14.48 10.37
C ILE C 21 8.13 14.14 9.25
N ALA C 22 8.94 15.12 8.85
CA ALA C 22 9.78 15.00 7.66
C ALA C 22 10.74 13.83 7.78
N ASN C 23 10.87 13.05 6.71
CA ASN C 23 11.82 11.91 6.73
C ASN C 23 11.59 10.88 7.84
N SER C 24 10.32 10.68 8.19
CA SER C 24 9.90 9.60 9.06
C SER C 24 10.15 8.20 8.44
N THR C 25 10.00 8.09 7.11
CA THR C 25 10.40 6.88 6.36
C THR C 25 11.24 7.33 5.16
N PHE C 26 12.33 6.60 4.89
CA PHE C 26 13.07 6.76 3.64
C PHE C 26 13.73 5.45 3.30
N VAL C 27 14.03 5.24 2.01
CA VAL C 27 14.72 4.00 1.58
C VAL C 27 16.24 4.08 1.86
N THR C 28 16.87 2.92 2.02
CA THR C 28 18.30 2.82 2.33
C THR C 28 18.87 1.61 1.54
N PRO C 29 20.19 1.50 1.41
CA PRO C 29 20.69 0.29 0.73
C PRO C 29 20.17 -1.03 1.32
N GLN C 30 20.00 -1.09 2.63
N GLN C 30 19.96 -1.07 2.63
CA GLN C 30 19.43 -2.28 3.27
CA GLN C 30 19.44 -2.24 3.36
C GLN C 30 17.95 -2.44 2.90
C GLN C 30 17.93 -2.44 3.22
N LYS C 31 17.18 -1.35 2.98
CA LYS C 31 15.75 -1.42 2.73
C LYS C 31 15.45 -0.57 1.52
N PRO C 32 15.75 -1.08 0.31
CA PRO C 32 15.71 -0.22 -0.87
C PRO C 32 14.31 0.17 -1.38
N THR C 33 13.25 -0.47 -0.88
CA THR C 33 11.91 -0.22 -1.42
C THR C 33 10.81 -0.05 -0.39
N VAL C 34 11.17 0.15 0.87
CA VAL C 34 10.16 0.38 1.92
C VAL C 34 9.23 1.57 1.57
N SER C 35 7.94 1.43 1.84
CA SER C 35 6.99 2.53 1.63
CA SER C 35 6.97 2.51 1.63
C SER C 35 6.70 3.26 2.93
N SER C 36 6.41 4.56 2.82
CA SER C 36 5.99 5.35 3.97
C SER C 36 4.58 4.90 4.32
N ARG C 37 4.04 5.40 5.43
CA ARG C 37 2.70 4.99 5.77
C ARG C 37 1.70 6.14 5.78
N LEU C 38 0.45 5.84 5.44
CA LEU C 38 -0.66 6.74 5.62
C LEU C 38 -1.06 6.80 7.09
N ILE C 39 -1.34 8.01 7.58
CA ILE C 39 -1.87 8.19 8.93
C ILE C 39 -3.09 9.09 8.89
N ASP C 40 -3.98 8.92 9.87
CA ASP C 40 -5.19 9.70 9.97
C ASP C 40 -4.99 10.74 11.06
N ILE C 41 -5.08 12.00 10.67
CA ILE C 41 -4.78 13.10 11.57
C ILE C 41 -6.03 13.93 11.84
N PRO C 42 -6.19 14.39 13.08
CA PRO C 42 -7.40 15.11 13.44
C PRO C 42 -7.37 16.55 12.95
N VAL C 43 -8.55 17.04 12.58
CA VAL C 43 -8.75 18.44 12.24
C VAL C 43 -9.66 18.97 13.34
N SER C 44 -9.29 20.08 13.95
CA SER C 44 -10.10 20.63 15.05
C SER C 44 -10.19 22.15 15.04
N ALA C 45 -11.06 22.67 15.89
CA ALA C 45 -11.14 24.11 16.15
C ALA C 45 -11.49 24.24 17.63
N TYR C 46 -11.43 25.45 18.15
CA TYR C 46 -11.54 25.67 19.61
C TYR C 46 -12.43 26.86 19.79
N LEU C 47 -13.43 26.71 20.67
CA LEU C 47 -14.32 27.81 20.97
C LEU C 47 -14.06 28.22 22.42
N ILE C 48 -13.89 29.51 22.65
N ILE C 48 -13.89 29.52 22.62
CA ILE C 48 -13.61 30.00 23.99
CA ILE C 48 -13.61 30.09 23.92
C ILE C 48 -14.74 30.92 24.39
C ILE C 48 -14.83 30.89 24.33
N GLN C 49 -15.42 30.52 25.46
CA GLN C 49 -16.58 31.24 26.00
C GLN C 49 -16.09 32.09 27.16
N CYS C 50 -16.19 33.41 26.98
CA CYS C 50 -15.81 34.41 27.97
C CYS C 50 -17.04 35.25 28.32
N THR C 51 -16.93 36.02 29.39
N THR C 51 -16.93 36.06 29.37
CA THR C 51 -17.94 37.02 29.68
CA THR C 51 -17.96 37.06 29.63
C THR C 51 -18.05 37.94 28.47
C THR C 51 -18.05 38.01 28.46
N ASP C 52 -19.26 38.15 27.94
CA ASP C 52 -19.37 39.20 26.94
CA ASP C 52 -19.56 39.12 26.89
C ASP C 52 -18.99 38.72 25.54
N ALA C 53 -18.38 37.52 25.43
CA ALA C 53 -17.70 37.17 24.16
C ALA C 53 -17.55 35.70 23.90
N THR C 54 -17.60 35.35 22.62
CA THR C 54 -17.21 34.02 22.23
C THR C 54 -16.22 34.10 21.07
N VAL C 55 -15.08 33.45 21.28
CA VAL C 55 -14.00 33.51 20.30
C VAL C 55 -13.82 32.14 19.69
N LEU C 56 -13.57 32.08 18.39
CA LEU C 56 -13.36 30.83 17.69
C LEU C 56 -11.91 30.88 17.14
N TYR C 57 -11.17 29.81 17.35
CA TYR C 57 -9.84 29.64 16.78
C TYR C 57 -9.88 28.53 15.73
N ASP C 58 -9.62 28.89 14.47
CA ASP C 58 -9.73 27.95 13.34
C ASP C 58 -11.19 27.53 13.01
N THR C 59 -11.37 26.95 11.83
CA THR C 59 -12.71 26.68 11.29
C THR C 59 -12.87 25.35 10.54
N GLY C 60 -11.81 24.54 10.48
CA GLY C 60 -11.84 23.22 9.80
C GLY C 60 -11.92 23.31 8.28
N CYS C 61 -12.31 22.21 7.64
CA CYS C 61 -12.53 22.15 6.19
C CYS C 61 -13.91 22.70 5.81
N HIS C 62 -14.04 23.16 4.56
CA HIS C 62 -15.38 23.46 4.07
C HIS C 62 -16.20 22.14 4.11
N PRO C 63 -17.49 22.20 4.49
CA PRO C 63 -18.27 20.94 4.53
C PRO C 63 -18.35 20.25 3.17
N GLU C 64 -18.19 20.99 2.08
CA GLU C 64 -18.20 20.37 0.73
C GLU C 64 -16.79 20.30 0.10
N CYS C 65 -15.77 20.10 0.92
CA CYS C 65 -14.41 20.04 0.38
C CYS C 65 -14.16 18.88 -0.58
N MET C 66 -14.85 17.76 -0.33
CA MET C 66 -14.70 16.52 -1.12
C MET C 66 -15.79 16.33 -2.18
N GLY C 67 -15.46 15.56 -3.20
CA GLY C 67 -16.42 15.18 -4.23
C GLY C 67 -16.07 15.73 -5.59
N THR C 68 -16.74 15.22 -6.61
CA THR C 68 -16.47 15.68 -7.98
CA THR C 68 -16.53 15.66 -7.99
C THR C 68 -16.73 17.18 -8.16
N ASN C 69 -17.71 17.74 -7.45
CA ASN C 69 -17.87 19.22 -7.47
C ASN C 69 -17.41 19.84 -6.16
N GLY C 70 -16.42 19.22 -5.53
CA GLY C 70 -15.98 19.66 -4.21
C GLY C 70 -15.08 20.88 -4.29
N ARG C 71 -14.91 21.56 -3.16
CA ARG C 71 -14.00 22.73 -3.08
C ARG C 71 -12.53 22.40 -3.38
N TRP C 72 -12.07 21.23 -2.93
CA TRP C 72 -10.66 20.85 -3.09
C TRP C 72 -10.40 20.34 -4.51
N PRO C 73 -9.23 20.74 -5.10
CA PRO C 73 -8.86 20.18 -6.40
C PRO C 73 -8.83 18.65 -6.37
N ALA C 74 -9.15 18.03 -7.52
CA ALA C 74 -9.19 16.57 -7.63
C ALA C 74 -7.90 15.95 -7.07
N GLN C 75 -6.74 16.52 -7.42
CA GLN C 75 -5.47 15.89 -7.04
C GLN C 75 -5.25 16.02 -5.53
N SER C 76 -5.72 17.13 -4.95
CA SER C 76 -5.61 17.30 -3.48
C SER C 76 -6.49 16.27 -2.76
N GLN C 77 -7.68 16.03 -3.30
CA GLN C 77 -8.55 14.98 -2.75
C GLN C 77 -7.92 13.60 -2.80
N LEU C 78 -7.16 13.32 -3.87
CA LEU C 78 -6.44 12.06 -3.99
C LEU C 78 -5.26 12.01 -3.02
N ASN C 79 -4.51 13.10 -2.92
CA ASN C 79 -3.26 13.12 -2.12
C ASN C 79 -3.50 13.02 -0.60
N ALA C 80 -4.48 13.75 -0.12
CA ALA C 80 -4.69 13.84 1.33
C ALA C 80 -6.19 14.13 1.57
N PRO C 81 -7.03 13.09 1.42
CA PRO C 81 -8.46 13.30 1.50
C PRO C 81 -8.94 13.63 2.91
N TYR C 82 -9.97 14.43 2.97
CA TYR C 82 -10.73 14.61 4.20
C TYR C 82 -11.60 13.36 4.33
N ILE C 83 -11.57 12.74 5.51
CA ILE C 83 -12.32 11.50 5.73
C ILE C 83 -13.20 11.62 6.98
N GLY C 84 -13.54 12.85 7.36
CA GLY C 84 -14.37 13.04 8.55
C GLY C 84 -15.79 12.57 8.37
N ALA C 85 -16.42 12.19 9.50
CA ALA C 85 -17.83 11.83 9.55
C ALA C 85 -18.74 13.02 9.22
N SER C 86 -19.99 12.74 8.87
CA SER C 86 -20.90 13.79 8.40
C SER C 86 -21.08 14.93 9.41
N GLU C 87 -21.07 14.63 10.71
CA GLU C 87 -21.24 15.68 11.73
C GLU C 87 -19.98 16.51 12.02
N CYS C 88 -18.82 16.12 11.48
CA CYS C 88 -17.54 16.72 11.84
C CYS C 88 -17.20 17.95 11.01
N ASN C 89 -18.07 18.95 11.12
CA ASN C 89 -17.91 20.19 10.39
C ASN C 89 -18.32 21.35 11.29
N LEU C 90 -17.71 22.52 11.07
CA LEU C 90 -17.89 23.64 12.00
C LEU C 90 -19.37 24.04 12.22
N PRO C 91 -20.15 24.28 11.13
CA PRO C 91 -21.56 24.67 11.34
C PRO C 91 -22.36 23.70 12.21
N GLU C 92 -22.11 22.40 12.06
CA GLU C 92 -22.77 21.38 12.87
C GLU C 92 -22.33 21.41 14.32
N ARG C 93 -21.01 21.50 14.56
CA ARG C 93 -20.52 21.60 15.94
C ARG C 93 -21.06 22.84 16.65
N LEU C 94 -21.16 23.97 15.94
CA LEU C 94 -21.73 25.18 16.51
C LEU C 94 -23.22 24.97 16.82
N ARG C 95 -23.97 24.36 15.89
CA ARG C 95 -25.40 24.19 16.17
CA ARG C 95 -25.41 24.07 16.09
C ARG C 95 -25.64 23.21 17.33
N GLN C 96 -24.79 22.20 17.49
CA GLN C 96 -24.85 21.32 18.68
C GLN C 96 -24.69 22.08 20.01
N LEU C 97 -24.01 23.20 19.96
CA LEU C 97 -23.76 24.05 21.14
C LEU C 97 -24.80 25.17 21.21
N GLY C 98 -25.79 25.12 20.33
CA GLY C 98 -26.83 26.12 20.30
C GLY C 98 -26.35 27.47 19.80
N LEU C 99 -25.30 27.46 18.97
CA LEU C 99 -24.71 28.71 18.46
C LEU C 99 -24.82 28.83 16.95
N SER C 100 -24.89 30.07 16.46
CA SER C 100 -24.78 30.38 15.05
C SER C 100 -23.48 31.15 14.79
N PRO C 101 -23.03 31.25 13.52
CA PRO C 101 -21.84 32.06 13.28
C PRO C 101 -21.90 33.48 13.89
N ASP C 102 -23.07 34.13 13.90
CA ASP C 102 -23.14 35.49 14.44
C ASP C 102 -23.00 35.56 15.95
N ASP C 103 -23.18 34.44 16.64
CA ASP C 103 -22.89 34.40 18.09
C ASP C 103 -21.38 34.49 18.40
N ILE C 104 -20.54 34.23 17.39
CA ILE C 104 -19.08 34.34 17.57
C ILE C 104 -18.66 35.81 17.32
N SER C 105 -18.02 36.45 18.28
CA SER C 105 -17.65 37.85 18.05
C SER C 105 -16.33 37.99 17.25
N THR C 106 -15.42 37.04 17.44
CA THR C 106 -14.10 37.03 16.76
C THR C 106 -13.71 35.61 16.36
N VAL C 107 -13.30 35.47 15.09
CA VAL C 107 -12.68 34.26 14.55
C VAL C 107 -11.19 34.55 14.32
N VAL C 108 -10.34 33.84 15.04
CA VAL C 108 -8.89 33.90 14.82
C VAL C 108 -8.56 32.75 13.86
N LEU C 109 -7.99 33.11 12.71
CA LEU C 109 -7.54 32.13 11.73
C LEU C 109 -6.05 31.92 11.96
N SER C 110 -5.67 30.74 12.42
CA SER C 110 -4.24 30.44 12.63
C SER C 110 -3.44 30.76 11.36
N HIS C 111 -4.06 30.48 10.22
CA HIS C 111 -3.54 30.81 8.89
C HIS C 111 -4.65 30.43 7.89
N LEU C 112 -4.40 30.55 6.60
CA LEU C 112 -5.53 30.50 5.65
C LEU C 112 -5.54 29.26 4.76
N HIS C 113 -4.87 28.21 5.23
CA HIS C 113 -4.85 26.95 4.51
C HIS C 113 -6.19 26.17 4.63
N ASN C 114 -6.38 25.30 3.63
CA ASN C 114 -7.49 24.35 3.43
C ASN C 114 -8.29 23.95 4.66
N ASP C 115 -7.64 23.27 5.59
CA ASP C 115 -8.37 22.70 6.70
C ASP C 115 -8.38 23.58 7.96
N HIS C 116 -8.13 24.87 7.77
CA HIS C 116 -8.20 25.81 8.90
C HIS C 116 -9.15 26.98 8.66
N ALA C 117 -9.22 27.38 7.39
CA ALA C 117 -10.03 28.51 6.97
C ALA C 117 -11.22 28.09 6.10
N GLY C 118 -11.55 26.80 6.10
CA GLY C 118 -12.58 26.25 5.21
C GLY C 118 -13.97 26.80 5.43
N CYS C 119 -14.23 27.32 6.63
CA CYS C 119 -15.56 27.81 6.92
C CYS C 119 -15.61 29.31 7.18
N VAL C 120 -14.56 30.04 6.78
CA VAL C 120 -14.57 31.50 6.87
C VAL C 120 -15.83 32.12 6.22
N GLU C 121 -16.34 31.50 5.15
CA GLU C 121 -17.43 32.10 4.35
C GLU C 121 -18.77 32.12 5.11
N TYR C 122 -18.85 31.40 6.22
CA TYR C 122 -20.05 31.41 7.05
C TYR C 122 -20.16 32.67 7.90
N PHE C 123 -19.06 33.42 7.99
CA PHE C 123 -18.95 34.54 8.94
C PHE C 123 -19.10 35.86 8.24
N GLY C 124 -20.34 36.31 8.21
CA GLY C 124 -20.66 37.57 7.55
C GLY C 124 -20.49 38.77 8.45
N LYS C 125 -20.53 38.53 9.77
N LYS C 125 -20.49 38.56 9.77
CA LYS C 125 -20.47 39.62 10.72
CA LYS C 125 -20.38 39.71 10.66
C LYS C 125 -19.18 39.63 11.55
C LYS C 125 -19.24 39.67 11.70
N SER C 126 -18.82 38.46 12.07
CA SER C 126 -17.73 38.30 13.05
C SER C 126 -16.42 38.92 12.54
N ARG C 127 -15.64 39.47 13.48
CA ARG C 127 -14.29 39.97 13.18
C ARG C 127 -13.45 38.76 12.76
N LEU C 128 -12.81 38.87 11.61
CA LEU C 128 -11.96 37.77 11.10
C LEU C 128 -10.50 38.21 11.23
N ILE C 129 -9.83 37.65 12.23
CA ILE C 129 -8.40 37.97 12.49
C ILE C 129 -7.47 37.00 11.75
N ALA C 130 -6.69 37.54 10.81
CA ALA C 130 -5.70 36.76 10.11
C ALA C 130 -4.45 37.62 9.97
N HIS C 131 -3.29 36.98 9.86
CA HIS C 131 -2.03 37.71 9.62
C HIS C 131 -2.10 38.37 8.24
N GLU C 132 -1.66 39.63 8.16
CA GLU C 132 -1.69 40.36 6.89
C GLU C 132 -0.95 39.65 5.77
N ASP C 133 0.19 39.04 6.07
CA ASP C 133 0.97 38.38 5.01
C ASP C 133 0.28 37.10 4.55
N GLU C 134 -0.39 36.43 5.48
CA GLU C 134 -1.18 35.22 5.20
C GLU C 134 -2.35 35.58 4.29
N PHE C 135 -3.05 36.66 4.63
CA PHE C 135 -4.13 37.16 3.77
C PHE C 135 -3.62 37.45 2.34
N ALA C 136 -2.51 38.16 2.26
CA ALA C 136 -1.98 38.54 0.93
C ALA C 136 -1.63 37.28 0.11
N THR C 137 -1.05 36.28 0.77
CA THR C 137 -0.64 35.05 0.07
C THR C 137 -1.87 34.31 -0.45
N ALA C 138 -2.85 34.10 0.43
CA ALA C 138 -4.08 33.41 0.05
C ALA C 138 -4.71 34.07 -1.19
N VAL C 139 -4.83 35.39 -1.16
CA VAL C 139 -5.49 36.11 -2.25
CA VAL C 139 -5.50 36.07 -2.26
C VAL C 139 -4.68 36.03 -3.55
N ARG C 140 -3.37 35.89 -3.45
N ARG C 140 -3.34 35.97 -3.43
CA ARG C 140 -2.53 35.78 -4.64
CA ARG C 140 -2.44 35.75 -4.58
C ARG C 140 -2.64 34.38 -5.30
C ARG C 140 -2.81 34.43 -5.28
N TYR C 141 -2.83 33.34 -4.51
CA TYR C 141 -3.18 31.99 -5.08
C TYR C 141 -4.54 32.04 -5.80
N PHE C 142 -5.52 32.65 -5.16
CA PHE C 142 -6.83 32.80 -5.75
C PHE C 142 -6.79 33.61 -7.06
N ALA C 143 -6.12 34.74 -6.99
CA ALA C 143 -6.07 35.71 -8.09
C ALA C 143 -5.42 35.10 -9.31
N THR C 144 -4.50 34.16 -9.08
CA THR C 144 -3.74 33.50 -10.16
C THR C 144 -4.34 32.16 -10.58
N GLY C 145 -5.41 31.75 -9.93
CA GLY C 145 -6.00 30.44 -10.22
C GLY C 145 -5.02 29.29 -9.97
N ASP C 146 -4.12 29.49 -9.02
CA ASP C 146 -3.07 28.52 -8.72
C ASP C 146 -3.60 27.58 -7.65
N HIS C 147 -3.82 26.34 -8.07
CA HIS C 147 -4.31 25.29 -7.17
C HIS C 147 -3.26 24.42 -6.54
N SER C 148 -2.00 24.81 -6.62
CA SER C 148 -0.91 23.89 -6.30
C SER C 148 -0.53 23.81 -4.83
N SER C 149 -1.22 24.56 -3.95
CA SER C 149 -0.80 24.66 -2.56
C SER C 149 -1.98 24.30 -1.67
N PRO C 150 -1.78 24.28 -0.33
CA PRO C 150 -2.89 24.04 0.58
C PRO C 150 -3.92 25.17 0.60
N TYR C 151 -3.73 26.25 -0.17
CA TYR C 151 -4.73 27.32 -0.29
C TYR C 151 -5.78 26.87 -1.28
N ILE C 152 -7.04 26.98 -0.87
CA ILE C 152 -8.16 26.50 -1.67
C ILE C 152 -8.81 27.64 -2.43
N VAL C 153 -8.48 27.72 -3.72
CA VAL C 153 -8.92 28.81 -4.58
C VAL C 153 -10.45 28.99 -4.50
N LYS C 154 -11.21 27.90 -4.54
CA LYS C 154 -12.68 27.95 -4.46
C LYS C 154 -13.24 28.48 -3.12
N ASP C 155 -12.58 28.12 -2.02
CA ASP C 155 -12.93 28.67 -0.71
C ASP C 155 -12.63 30.17 -0.67
N ILE C 156 -11.42 30.54 -1.09
CA ILE C 156 -11.03 31.94 -1.05
C ILE C 156 -11.99 32.81 -1.90
N GLU C 157 -12.38 32.28 -3.07
CA GLU C 157 -13.39 32.95 -3.90
C GLU C 157 -14.64 33.28 -3.08
N ALA C 158 -15.11 32.30 -2.30
CA ALA C 158 -16.30 32.50 -1.50
C ALA C 158 -16.09 33.52 -0.38
N TRP C 159 -14.90 33.52 0.25
CA TRP C 159 -14.60 34.50 1.28
C TRP C 159 -14.75 35.90 0.68
N LEU C 160 -14.26 36.04 -0.55
CA LEU C 160 -14.16 37.36 -1.18
C LEU C 160 -15.42 37.79 -1.90
N ALA C 161 -16.41 36.89 -1.93
CA ALA C 161 -17.65 37.10 -2.67
C ALA C 161 -18.47 38.25 -2.09
N THR C 162 -18.20 38.59 -0.84
CA THR C 162 -18.91 39.70 -0.19
C THR C 162 -17.95 40.38 0.78
N PRO C 163 -18.09 41.70 1.02
CA PRO C 163 -17.24 42.29 2.08
C PRO C 163 -17.37 41.61 3.45
N ARG C 164 -16.25 41.44 4.14
CA ARG C 164 -16.28 40.88 5.49
C ARG C 164 -15.49 41.76 6.47
N ASN C 165 -15.70 41.44 7.75
CA ASN C 165 -15.09 42.15 8.85
C ASN C 165 -13.60 41.74 9.07
N TRP C 166 -12.77 41.83 8.03
CA TRP C 166 -11.35 41.44 8.16
C TRP C 166 -10.61 42.40 9.06
N ASP C 167 -9.85 41.84 10.00
CA ASP C 167 -8.98 42.61 10.88
C ASP C 167 -7.60 41.94 10.81
N LEU C 168 -6.76 42.48 9.95
CA LEU C 168 -5.47 41.85 9.64
C LEU C 168 -4.34 42.28 10.59
N VAL C 169 -3.62 41.28 11.10
CA VAL C 169 -2.56 41.49 12.07
C VAL C 169 -1.30 41.96 11.34
N GLY C 170 -0.76 43.09 11.75
CA GLY C 170 0.44 43.64 11.13
C GLY C 170 1.61 42.70 11.41
N ARG C 171 2.49 42.54 10.42
CA ARG C 171 3.66 41.68 10.64
C ARG C 171 4.53 42.06 11.84
N ASP C 172 4.50 43.33 12.28
CA ASP C 172 5.25 43.72 13.45
C ASP C 172 4.48 43.76 14.78
N GLU C 173 3.18 43.46 14.77
CA GLU C 173 2.41 43.37 16.02
C GLU C 173 2.75 42.08 16.69
N ARG C 174 3.10 42.11 17.97
CA ARG C 174 3.52 40.86 18.63
C ARG C 174 2.41 40.03 19.29
N GLU C 175 1.43 40.72 19.90
CA GLU C 175 0.46 40.10 20.78
C GLU C 175 -0.74 41.05 20.85
N ARG C 176 -1.96 40.52 20.94
CA ARG C 176 -3.15 41.33 21.23
C ARG C 176 -3.96 40.64 22.32
N GLU C 177 -4.42 41.40 23.32
CA GLU C 177 -5.39 40.85 24.25
C GLU C 177 -6.75 40.88 23.58
N LEU C 178 -7.38 39.74 23.43
CA LEU C 178 -8.72 39.71 22.84
C LEU C 178 -9.79 39.85 23.92
N ALA C 179 -9.51 39.30 25.10
CA ALA C 179 -10.37 39.37 26.27
C ALA C 179 -9.44 39.00 27.43
N PRO C 180 -9.89 39.22 28.70
CA PRO C 180 -9.01 38.82 29.81
C PRO C 180 -8.63 37.35 29.74
N GLY C 181 -7.33 37.06 29.78
CA GLY C 181 -6.84 35.69 29.68
C GLY C 181 -6.98 35.04 28.30
N VAL C 182 -7.22 35.85 27.28
CA VAL C 182 -7.27 35.35 25.88
C VAL C 182 -6.37 36.25 25.03
N ASN C 183 -5.18 35.76 24.72
CA ASN C 183 -4.18 36.58 24.07
CA ASN C 183 -4.16 36.58 24.09
C ASN C 183 -3.73 35.97 22.77
N LEU C 184 -3.88 36.77 21.72
CA LEU C 184 -3.47 36.43 20.36
C LEU C 184 -1.95 36.61 20.23
N LEU C 185 -1.27 35.58 19.78
CA LEU C 185 0.17 35.68 19.60
C LEU C 185 0.49 35.65 18.11
N ASN C 186 1.27 36.63 17.66
CA ASN C 186 1.69 36.68 16.28
C ASN C 186 3.00 35.87 16.14
N PHE C 187 2.89 34.63 15.68
CA PHE C 187 4.06 33.77 15.48
C PHE C 187 4.82 34.12 14.20
N GLY C 188 4.13 34.76 13.27
CA GLY C 188 4.69 35.19 11.99
C GLY C 188 5.04 34.05 11.03
N THR C 189 5.99 34.33 10.16
CA THR C 189 6.36 33.41 9.08
C THR C 189 6.92 32.05 9.57
N GLY C 190 6.48 30.95 8.98
CA GLY C 190 6.99 29.63 9.43
C GLY C 190 6.39 28.57 8.53
N HIS C 191 5.49 27.76 9.10
CA HIS C 191 4.76 26.76 8.32
C HIS C 191 4.16 27.44 7.09
N ALA C 192 3.54 28.60 7.30
CA ALA C 192 2.98 29.41 6.20
C ALA C 192 3.49 30.82 6.36
N SER C 193 2.96 31.77 5.59
CA SER C 193 3.54 33.13 5.66
CA SER C 193 3.40 33.18 5.59
C SER C 193 3.18 33.93 6.90
N GLY C 194 2.08 33.60 7.58
CA GLY C 194 1.69 34.36 8.80
C GLY C 194 0.86 33.53 9.77
N MET C 195 1.50 33.01 10.81
CA MET C 195 0.89 32.04 11.75
C MET C 195 0.45 32.79 13.00
N LEU C 196 -0.77 32.54 13.45
CA LEU C 196 -1.27 33.08 14.72
C LEU C 196 -1.57 31.97 15.75
N GLY C 197 -1.23 32.25 17.02
CA GLY C 197 -1.54 31.35 18.12
C GLY C 197 -2.49 32.05 19.10
N LEU C 198 -3.01 31.27 20.03
CA LEU C 198 -3.93 31.84 21.01
C LEU C 198 -3.67 31.24 22.38
N ALA C 199 -3.32 32.08 23.34
CA ALA C 199 -3.11 31.62 24.71
C ALA C 199 -4.43 31.85 25.47
N VAL C 200 -4.95 30.77 26.06
CA VAL C 200 -6.23 30.78 26.78
C VAL C 200 -5.99 30.36 28.24
N ARG C 201 -6.04 31.34 29.12
CA ARG C 201 -5.91 31.12 30.56
C ARG C 201 -7.25 30.69 31.16
N LEU C 202 -7.20 29.68 32.02
CA LEU C 202 -8.39 29.12 32.67
C LEU C 202 -8.27 29.28 34.19
N GLU C 203 -9.25 28.75 34.93
CA GLU C 203 -9.32 28.94 36.39
C GLU C 203 -8.99 27.71 37.21
N LYS C 204 -9.48 26.54 36.80
CA LYS C 204 -9.18 25.29 37.52
C LYS C 204 -7.84 24.69 37.10
N GLN C 205 -7.27 25.22 36.02
N GLN C 205 -7.25 25.29 36.07
CA GLN C 205 -5.95 24.83 35.53
CA GLN C 205 -5.98 24.86 35.48
C GLN C 205 -5.37 26.02 34.77
C GLN C 205 -5.37 26.06 34.80
N PRO C 206 -4.04 26.06 34.58
CA PRO C 206 -3.41 27.26 34.00
C PRO C 206 -3.99 27.64 32.64
N GLY C 207 -4.22 26.65 31.80
CA GLY C 207 -4.79 26.89 30.48
C GLY C 207 -4.04 26.17 29.36
N PHE C 208 -4.27 26.68 28.16
CA PHE C 208 -3.82 26.01 26.95
C PHE C 208 -3.21 27.03 25.99
N LEU C 209 -2.28 26.57 25.16
CA LEU C 209 -1.79 27.41 24.07
C LEU C 209 -2.10 26.70 22.76
N LEU C 210 -2.92 27.33 21.94
CA LEU C 210 -3.35 26.77 20.70
C LEU C 210 -2.37 27.24 19.62
N VAL C 211 -1.78 26.28 18.90
CA VAL C 211 -0.70 26.64 17.97
C VAL C 211 -0.96 26.17 16.54
N SER C 212 -1.96 25.31 16.34
CA SER C 212 -2.31 24.88 14.99
C SER C 212 -1.03 24.36 14.30
N ASP C 213 -0.85 24.68 13.03
CA ASP C 213 0.25 24.12 12.23
C ASP C 213 1.65 24.66 12.53
N ALA C 214 1.76 25.58 13.49
CA ALA C 214 3.08 25.98 14.02
C ALA C 214 3.73 24.76 14.67
N CYS C 215 2.93 23.78 15.06
CA CYS C 215 3.48 22.52 15.56
C CYS C 215 2.46 21.44 15.40
N TYR C 216 2.66 20.57 14.41
CA TYR C 216 1.65 19.57 14.05
C TYR C 216 1.34 18.57 15.18
N THR C 217 2.40 18.06 15.82
CA THR C 217 2.29 16.94 16.74
C THR C 217 3.34 17.04 17.83
N ALA C 218 3.15 16.21 18.87
CA ALA C 218 4.11 16.12 19.97
C ALA C 218 5.44 15.61 19.44
N THR C 219 5.40 14.83 18.35
CA THR C 219 6.65 14.35 17.74
C THR C 219 7.44 15.52 17.15
N ASN C 220 6.75 16.47 16.51
CA ASN C 220 7.43 17.68 16.03
C ASN C 220 7.97 18.55 17.18
N TYR C 221 7.18 18.64 18.25
CA TYR C 221 7.55 19.46 19.40
C TYR C 221 8.79 18.91 20.13
N GLY C 222 8.88 17.58 20.24
CA GLY C 222 10.01 16.92 20.96
C GLY C 222 10.11 17.36 22.42
N PRO C 223 11.34 17.54 22.96
CA PRO C 223 12.71 17.40 22.42
C PRO C 223 12.99 16.01 21.88
N PRO C 224 13.81 15.92 20.82
CA PRO C 224 14.36 17.10 20.14
C PRO C 224 13.30 17.56 19.11
N ALA C 225 13.23 18.84 18.75
CA ALA C 225 12.23 19.26 17.77
C ALA C 225 12.47 18.57 16.44
N ARG C 226 11.39 18.18 15.76
CA ARG C 226 11.52 17.51 14.50
C ARG C 226 10.66 18.23 13.50
N ARG C 227 11.27 18.66 12.39
N ARG C 227 11.26 18.66 12.40
CA ARG C 227 10.57 19.41 11.36
CA ARG C 227 10.50 19.43 11.45
C ARG C 227 9.42 18.63 10.72
C ARG C 227 9.41 18.63 10.74
N ALA C 228 8.30 19.31 10.44
CA ALA C 228 7.26 18.80 9.54
C ALA C 228 7.81 18.87 8.12
N GLY C 229 7.14 18.18 7.21
CA GLY C 229 7.34 18.36 5.77
C GLY C 229 6.69 19.68 5.32
N VAL C 230 6.88 19.99 4.04
CA VAL C 230 6.29 21.12 3.32
C VAL C 230 6.11 22.40 4.15
N LEU C 231 7.22 22.91 4.66
CA LEU C 231 7.26 24.16 5.43
C LEU C 231 7.64 25.28 4.48
N HIS C 232 6.97 26.42 4.62
CA HIS C 232 7.30 27.62 3.83
C HIS C 232 8.69 28.14 4.20
N ASP C 233 8.87 28.38 5.50
CA ASP C 233 10.02 29.11 6.04
C ASP C 233 10.53 28.33 7.25
N THR C 234 11.55 27.53 7.03
CA THR C 234 12.04 26.59 8.06
C THR C 234 12.68 27.33 9.23
N ILE C 235 13.39 28.43 8.98
CA ILE C 235 13.97 29.24 10.07
C ILE C 235 12.87 29.80 10.98
N GLY C 236 11.90 30.45 10.36
CA GLY C 236 10.73 30.96 11.11
C GLY C 236 10.02 29.85 11.87
N TYR C 237 9.85 28.70 11.23
CA TYR C 237 9.18 27.57 11.87
C TYR C 237 9.94 27.12 13.11
N ASP C 238 11.26 26.96 12.97
CA ASP C 238 12.10 26.53 14.10
C ASP C 238 12.04 27.53 15.25
N ARG C 239 12.17 28.82 14.93
CA ARG C 239 12.16 29.86 15.97
C ARG C 239 10.80 29.91 16.64
N THR C 240 9.74 29.68 15.86
CA THR C 240 8.39 29.68 16.41
C THR C 240 8.19 28.52 17.39
N VAL C 241 8.63 27.31 17.04
CA VAL C 241 8.57 26.16 17.95
C VAL C 241 9.29 26.44 19.29
N SER C 242 10.50 27.00 19.21
CA SER C 242 11.22 27.44 20.42
C SER C 242 10.44 28.48 21.24
N HIS C 243 9.83 29.45 20.56
CA HIS C 243 9.05 30.51 21.20
C HIS C 243 7.80 29.93 21.87
N ILE C 244 7.17 28.96 21.20
CA ILE C 244 6.02 28.23 21.78
C ILE C 244 6.40 27.60 23.11
N ARG C 245 7.53 26.90 23.10
CA ARG C 245 7.96 26.10 24.23
C ARG C 245 8.26 27.01 25.41
N GLN C 246 8.96 28.12 25.15
CA GLN C 246 9.28 29.08 26.20
C GLN C 246 8.01 29.77 26.73
N TYR C 247 7.15 30.24 25.83
CA TYR C 247 5.93 30.93 26.22
C TYR C 247 5.02 30.05 27.09
N ALA C 248 4.80 28.83 26.62
CA ALA C 248 3.95 27.89 27.32
C ALA C 248 4.56 27.42 28.63
N GLU C 249 5.83 26.99 28.61
CA GLU C 249 6.44 26.44 29.82
C GLU C 249 6.53 27.49 30.95
N SER C 250 6.78 28.74 30.58
CA SER C 250 6.89 29.79 31.59
C SER C 250 5.53 30.13 32.24
N ARG C 251 4.43 29.72 31.58
CA ARG C 251 3.07 29.92 32.10
C ARG C 251 2.36 28.61 32.47
N SER C 252 3.05 27.47 32.42
CA SER C 252 2.42 26.13 32.65
C SER C 252 1.19 25.85 31.76
N LEU C 253 1.17 26.43 30.57
CA LEU C 253 0.08 26.19 29.61
C LEU C 253 0.36 24.89 28.88
N THR C 254 -0.70 24.15 28.58
CA THR C 254 -0.58 22.93 27.79
C THR C 254 -0.69 23.32 26.31
N VAL C 255 0.31 22.94 25.51
CA VAL C 255 0.29 23.20 24.08
C VAL C 255 -0.64 22.21 23.36
N LEU C 256 -1.64 22.74 22.65
CA LEU C 256 -2.49 21.94 21.81
C LEU C 256 -2.04 22.02 20.38
N PHE C 257 -1.66 20.88 19.84
CA PHE C 257 -1.01 20.78 18.53
C PHE C 257 -2.01 20.83 17.37
N GLY C 258 -1.54 21.09 16.15
CA GLY C 258 -2.46 21.21 15.01
C GLY C 258 -3.19 19.92 14.69
N HIS C 259 -2.46 18.80 14.67
CA HIS C 259 -2.98 17.54 14.09
C HIS C 259 -2.39 16.32 14.79
N ASP C 260 -2.58 16.26 16.11
CA ASP C 260 -1.97 15.19 16.89
C ASP C 260 -3.04 14.18 17.32
N ARG C 261 -3.05 13.02 16.65
CA ARG C 261 -4.10 12.00 16.88
C ARG C 261 -4.19 11.59 18.39
N GLU C 262 -3.05 11.28 18.99
CA GLU C 262 -3.01 10.78 20.39
C GLU C 262 -3.47 11.83 21.39
N GLN C 263 -2.95 13.03 21.23
CA GLN C 263 -3.35 14.15 22.09
C GLN C 263 -4.83 14.42 21.92
N PHE C 264 -5.28 14.47 20.67
CA PHE C 264 -6.67 14.79 20.43
C PHE C 264 -7.60 13.74 21.06
N ALA C 265 -7.20 12.47 20.97
CA ALA C 265 -8.01 11.38 21.57
C ALA C 265 -8.19 11.57 23.08
N SER C 266 -7.18 12.14 23.73
CA SER C 266 -7.20 12.43 25.16
C SER C 266 -8.08 13.65 25.57
N LEU C 267 -8.47 14.49 24.60
CA LEU C 267 -9.22 15.72 24.90
C LEU C 267 -10.73 15.47 25.02
N ILE C 268 -11.37 16.13 25.98
CA ILE C 268 -12.81 16.13 26.10
C ILE C 268 -13.36 16.98 24.94
N LYS C 269 -14.25 16.40 24.13
CA LYS C 269 -14.85 17.11 23.00
C LYS C 269 -16.11 17.87 23.41
N SER C 270 -16.47 18.83 22.57
CA SER C 270 -17.57 19.76 22.84
C SER C 270 -18.91 19.06 23.08
N THR C 271 -19.05 17.84 22.54
CA THR C 271 -20.28 17.03 22.75
C THR C 271 -20.34 16.40 24.16
N ASP C 272 -19.21 16.37 24.85
CA ASP C 272 -19.08 15.67 26.12
C ASP C 272 -18.80 16.59 27.29
N GLY C 273 -18.17 17.73 27.04
CA GLY C 273 -17.89 18.69 28.10
C GLY C 273 -16.94 19.76 27.64
N PHE C 274 -16.23 20.35 28.59
CA PHE C 274 -15.41 21.52 28.31
C PHE C 274 -14.36 21.67 29.41
N TYR C 275 -13.49 22.67 29.26
CA TYR C 275 -12.39 22.94 30.19
C TYR C 275 -12.61 24.29 30.82
N GLU C 276 -12.24 24.39 32.10
CA GLU C 276 -12.51 25.55 32.94
C GLU C 276 -11.34 25.76 33.87
N MET D 1 -36.45 5.76 -14.19
CA MET D 1 -35.71 5.66 -12.90
C MET D 1 -36.36 4.60 -11.97
N GLY D 2 -36.19 3.32 -12.31
CA GLY D 2 -36.98 2.20 -11.73
C GLY D 2 -36.49 1.54 -10.44
N ASN D 3 -37.45 1.17 -9.58
CA ASN D 3 -37.12 0.55 -8.29
C ASN D 3 -36.73 -0.92 -8.42
N LYS D 4 -35.82 -1.35 -7.54
CA LYS D 4 -35.45 -2.76 -7.39
C LYS D 4 -35.75 -3.23 -5.97
N LEU D 5 -36.54 -4.29 -5.84
CA LEU D 5 -36.91 -4.92 -4.57
C LEU D 5 -36.15 -6.24 -4.40
N PHE D 6 -35.39 -6.33 -3.30
CA PHE D 6 -34.71 -7.54 -2.87
C PHE D 6 -35.39 -8.14 -1.66
N VAL D 7 -35.65 -9.45 -1.73
CA VAL D 7 -36.27 -10.23 -0.65
C VAL D 7 -35.17 -10.88 0.20
N LEU D 8 -35.20 -10.56 1.51
CA LEU D 8 -34.16 -11.00 2.41
C LEU D 8 -34.68 -12.12 3.30
N ASP D 9 -34.04 -13.28 3.16
CA ASP D 9 -34.38 -14.45 3.92
C ASP D 9 -33.70 -14.32 5.29
N LEU D 10 -34.50 -14.03 6.32
CA LEU D 10 -33.94 -13.87 7.66
C LEU D 10 -34.35 -15.01 8.61
N GLY D 11 -34.61 -16.19 8.04
CA GLY D 11 -34.71 -17.40 8.85
C GLY D 11 -36.12 -17.84 9.13
N GLU D 12 -36.34 -18.47 10.28
CA GLU D 12 -37.63 -19.03 10.61
C GLU D 12 -37.86 -18.98 12.11
N ILE D 13 -39.14 -18.99 12.48
CA ILE D 13 -39.53 -19.23 13.88
C ILE D 13 -40.42 -20.47 13.97
N ARG D 14 -40.26 -21.25 15.03
CA ARG D 14 -41.11 -22.43 15.23
C ARG D 14 -42.10 -22.12 16.33
N VAL D 15 -43.39 -22.21 16.03
CA VAL D 15 -44.44 -21.68 16.91
C VAL D 15 -45.78 -22.43 16.71
N ASP D 16 -46.57 -22.47 17.77
CA ASP D 16 -47.93 -23.05 17.74
C ASP D 16 -48.74 -22.28 16.71
N GLU D 17 -49.33 -23.03 15.77
CA GLU D 17 -50.14 -22.45 14.70
C GLU D 17 -51.28 -21.57 15.24
N ASN D 18 -51.80 -21.88 16.43
CA ASN D 18 -52.91 -21.13 17.03
C ASN D 18 -52.57 -19.65 17.31
N PHE D 19 -51.29 -19.31 17.38
CA PHE D 19 -50.90 -17.89 17.49
C PHE D 19 -51.03 -17.16 16.14
N ILE D 20 -50.90 -17.92 15.07
CA ILE D 20 -50.77 -17.37 13.74
C ILE D 20 -52.16 -17.25 13.15
N ILE D 21 -52.95 -18.32 13.30
CA ILE D 21 -54.37 -18.31 12.92
C ILE D 21 -55.20 -18.75 14.12
N ALA D 22 -55.94 -17.80 14.70
CA ALA D 22 -56.57 -18.03 15.99
C ALA D 22 -57.61 -19.15 15.92
N ASN D 23 -57.64 -19.99 16.96
CA ASN D 23 -58.57 -21.11 17.06
C ASN D 23 -58.60 -22.03 15.84
N SER D 24 -57.45 -22.18 15.17
CA SER D 24 -57.38 -23.16 14.07
C SER D 24 -57.42 -24.62 14.57
N THR D 25 -57.06 -24.82 15.84
CA THR D 25 -57.33 -26.07 16.56
C THR D 25 -57.95 -25.78 17.93
N PHE D 26 -59.05 -26.48 18.23
CA PHE D 26 -59.61 -26.50 19.57
C PHE D 26 -60.24 -27.85 19.92
N VAL D 27 -60.31 -28.10 21.22
CA VAL D 27 -60.86 -29.30 21.83
C VAL D 27 -62.41 -29.21 21.90
N THR D 28 -63.07 -30.32 21.60
CA THR D 28 -64.54 -30.44 21.70
C THR D 28 -64.90 -31.74 22.44
N PRO D 29 -66.13 -31.85 23.00
CA PRO D 29 -66.59 -33.10 23.62
C PRO D 29 -66.35 -34.40 22.82
N GLN D 30 -66.53 -34.36 21.50
CA GLN D 30 -66.25 -35.54 20.65
C GLN D 30 -64.81 -35.66 20.18
N LYS D 31 -64.10 -34.54 20.06
CA LYS D 31 -62.68 -34.56 19.74
C LYS D 31 -61.87 -33.95 20.88
N PRO D 32 -61.89 -34.58 22.08
CA PRO D 32 -61.22 -33.92 23.19
C PRO D 32 -59.72 -34.20 23.20
N THR D 33 -59.29 -35.00 22.24
CA THR D 33 -57.93 -35.47 22.17
C THR D 33 -57.09 -34.70 21.12
N VAL D 34 -57.74 -33.80 20.38
CA VAL D 34 -57.05 -33.09 19.29
C VAL D 34 -55.98 -32.16 19.83
N SER D 35 -54.92 -31.99 19.03
CA SER D 35 -53.78 -31.15 19.42
C SER D 35 -53.47 -30.15 18.34
N SER D 36 -52.99 -28.98 18.78
CA SER D 36 -52.45 -28.00 17.85
C SER D 36 -51.07 -28.45 17.42
N ARG D 37 -50.54 -27.79 16.41
CA ARG D 37 -49.26 -28.23 15.87
C ARG D 37 -48.31 -27.06 15.78
N LEU D 38 -47.02 -27.36 15.85
CA LEU D 38 -45.99 -26.37 15.60
C LEU D 38 -45.79 -26.19 14.10
N ILE D 39 -45.60 -24.94 13.70
CA ILE D 39 -45.30 -24.60 12.31
C ILE D 39 -44.04 -23.75 12.24
N ASP D 40 -43.32 -23.88 11.12
CA ASP D 40 -42.11 -23.11 10.92
C ASP D 40 -42.47 -22.00 9.97
N ILE D 41 -42.35 -20.75 10.45
CA ILE D 41 -42.80 -19.57 9.71
C ILE D 41 -41.59 -18.72 9.31
N PRO D 42 -41.60 -18.15 8.09
CA PRO D 42 -40.45 -17.37 7.62
C PRO D 42 -40.36 -15.99 8.30
N VAL D 43 -39.13 -15.53 8.50
CA VAL D 43 -38.88 -14.16 8.94
C VAL D 43 -38.15 -13.47 7.79
N SER D 44 -38.62 -12.30 7.38
CA SER D 44 -38.02 -11.63 6.22
C SER D 44 -37.95 -10.12 6.38
N ALA D 45 -37.15 -9.51 5.50
CA ALA D 45 -37.08 -8.06 5.33
C ALA D 45 -36.89 -7.81 3.83
N TYR D 46 -37.09 -6.54 3.43
CA TYR D 46 -37.20 -6.14 2.02
C TYR D 46 -36.36 -4.89 1.79
N LEU D 47 -35.46 -4.97 0.81
CA LEU D 47 -34.54 -3.87 0.53
C LEU D 47 -34.93 -3.30 -0.83
N ILE D 48 -35.21 -2.00 -0.85
CA ILE D 48 -35.70 -1.29 -2.02
C ILE D 48 -34.61 -0.33 -2.47
N GLN D 49 -34.10 -0.56 -3.68
CA GLN D 49 -33.10 0.32 -4.28
C GLN D 49 -33.80 1.33 -5.17
N CYS D 50 -33.60 2.60 -4.85
CA CYS D 50 -34.09 3.71 -5.67
C CYS D 50 -32.86 4.50 -6.14
N THR D 51 -33.05 5.43 -7.08
CA THR D 51 -31.90 6.26 -7.50
C THR D 51 -31.63 7.23 -6.36
N ASP D 52 -32.72 7.72 -5.79
CA ASP D 52 -32.77 8.70 -4.74
C ASP D 52 -32.28 8.17 -3.39
N ALA D 53 -32.53 6.89 -3.14
CA ALA D 53 -32.49 6.37 -1.78
C ALA D 53 -32.37 4.85 -1.74
N THR D 54 -32.05 4.33 -0.56
CA THR D 54 -32.02 2.91 -0.31
C THR D 54 -32.86 2.71 0.95
N VAL D 55 -33.93 1.94 0.81
CA VAL D 55 -34.90 1.73 1.89
C VAL D 55 -34.96 0.26 2.31
N LEU D 56 -34.81 0.02 3.62
CA LEU D 56 -34.99 -1.30 4.19
C LEU D 56 -36.33 -1.36 4.96
N TYR D 57 -37.16 -2.37 4.66
CA TYR D 57 -38.38 -2.62 5.40
C TYR D 57 -38.20 -3.83 6.32
N ASP D 58 -38.27 -3.57 7.63
CA ASP D 58 -37.99 -4.56 8.68
C ASP D 58 -36.54 -5.02 8.72
N THR D 59 -36.17 -5.69 9.80
CA THR D 59 -34.78 -6.01 10.07
C THR D 59 -34.56 -7.40 10.63
N GLY D 60 -35.61 -8.21 10.75
CA GLY D 60 -35.48 -9.56 11.31
C GLY D 60 -35.15 -9.60 12.79
N CYS D 61 -34.57 -10.73 13.22
CA CYS D 61 -34.19 -10.99 14.61
C CYS D 61 -32.76 -10.54 14.81
N HIS D 62 -32.41 -10.22 16.05
CA HIS D 62 -30.99 -9.99 16.35
C HIS D 62 -30.20 -11.28 16.06
N PRO D 63 -28.99 -11.15 15.46
CA PRO D 63 -28.22 -12.36 15.08
C PRO D 63 -27.95 -13.28 16.28
N GLU D 64 -27.92 -12.70 17.49
CA GLU D 64 -27.68 -13.45 18.74
C GLU D 64 -28.93 -13.52 19.62
N CYS D 65 -30.11 -13.66 19.01
CA CYS D 65 -31.35 -13.75 19.77
C CYS D 65 -31.41 -15.02 20.63
N MET D 66 -30.86 -16.12 20.13
CA MET D 66 -31.02 -17.44 20.76
C MET D 66 -29.79 -17.80 21.60
N GLY D 67 -30.01 -18.63 22.62
CA GLY D 67 -28.90 -19.28 23.34
C GLY D 67 -28.93 -18.90 24.80
N THR D 68 -28.25 -19.69 25.63
CA THR D 68 -28.16 -19.40 27.09
C THR D 68 -27.62 -17.96 27.32
N ASN D 69 -27.05 -17.36 26.29
N ASN D 69 -27.08 -17.39 26.26
CA ASN D 69 -26.53 -15.99 26.32
CA ASN D 69 -26.48 -16.05 26.22
C ASN D 69 -27.31 -15.05 25.37
C ASN D 69 -27.30 -15.07 25.37
N GLY D 70 -28.45 -15.52 24.87
CA GLY D 70 -29.19 -14.80 23.83
C GLY D 70 -29.97 -13.58 24.27
N ARG D 71 -30.30 -12.71 23.32
CA ARG D 71 -31.09 -11.48 23.55
C ARG D 71 -32.50 -11.82 24.01
N TRP D 72 -33.05 -12.93 23.51
CA TRP D 72 -34.41 -13.32 23.88
C TRP D 72 -34.43 -13.97 25.27
N PRO D 73 -35.43 -13.58 26.12
CA PRO D 73 -35.52 -14.29 27.40
C PRO D 73 -35.70 -15.80 27.16
N ALA D 74 -35.14 -16.60 28.08
CA ALA D 74 -35.28 -18.04 27.99
C ALA D 74 -36.70 -18.51 27.73
N GLN D 75 -37.67 -17.92 28.44
CA GLN D 75 -39.05 -18.31 28.26
CA GLN D 75 -39.04 -18.34 28.25
C GLN D 75 -39.50 -18.12 26.80
N SER D 76 -39.05 -17.02 26.19
CA SER D 76 -39.41 -16.76 24.78
C SER D 76 -38.74 -17.78 23.86
N GLN D 77 -37.47 -18.05 24.09
CA GLN D 77 -36.76 -19.09 23.33
C GLN D 77 -37.44 -20.47 23.44
N LEU D 78 -37.97 -20.79 24.62
CA LEU D 78 -38.65 -22.07 24.84
C LEU D 78 -39.98 -22.13 24.14
N ASN D 79 -40.71 -21.01 24.13
CA ASN D 79 -42.06 -20.96 23.60
C ASN D 79 -42.12 -20.93 22.07
N ALA D 80 -41.23 -20.15 21.48
CA ALA D 80 -41.25 -19.87 20.04
C ALA D 80 -39.86 -19.53 19.54
N PRO D 81 -38.99 -20.56 19.43
CA PRO D 81 -37.60 -20.29 19.12
C PRO D 81 -37.41 -19.83 17.70
N TYR D 82 -36.41 -18.99 17.50
CA TYR D 82 -35.85 -18.74 16.18
C TYR D 82 -35.02 -19.97 15.81
N ILE D 83 -35.28 -20.52 14.63
CA ILE D 83 -34.58 -21.72 14.19
C ILE D 83 -33.99 -21.48 12.79
N GLY D 84 -33.70 -20.24 12.44
CA GLY D 84 -33.07 -19.94 11.15
C GLY D 84 -31.64 -20.45 11.04
N ALA D 85 -31.18 -20.63 9.80
CA ALA D 85 -29.80 -21.00 9.50
C ALA D 85 -28.87 -19.83 9.83
N SER D 86 -27.57 -20.13 9.98
CA SER D 86 -26.52 -19.18 10.35
C SER D 86 -26.51 -17.88 9.56
N GLU D 87 -26.68 -18.00 8.24
CA GLU D 87 -26.59 -16.88 7.28
C GLU D 87 -27.84 -16.02 7.24
N CYS D 88 -28.91 -16.48 7.88
CA CYS D 88 -30.21 -15.85 7.72
C CYS D 88 -30.38 -14.66 8.69
N ASN D 89 -29.45 -13.72 8.63
CA ASN D 89 -29.51 -12.53 9.47
C ASN D 89 -29.25 -11.32 8.61
N LEU D 90 -29.74 -10.16 9.05
CA LEU D 90 -29.67 -8.93 8.27
C LEU D 90 -28.25 -8.43 7.90
N PRO D 91 -27.31 -8.36 8.87
CA PRO D 91 -25.95 -7.94 8.53
C PRO D 91 -25.30 -8.85 7.49
N GLU D 92 -25.56 -10.16 7.57
CA GLU D 92 -25.09 -11.09 6.53
C GLU D 92 -25.74 -10.84 5.17
N ARG D 93 -27.07 -10.70 5.14
CA ARG D 93 -27.77 -10.48 3.86
C ARG D 93 -27.35 -9.18 3.18
N LEU D 94 -27.08 -8.14 3.96
CA LEU D 94 -26.56 -6.89 3.39
C LEU D 94 -25.15 -7.05 2.84
N ARG D 95 -24.29 -7.76 3.58
CA ARG D 95 -22.91 -8.03 3.17
C ARG D 95 -22.92 -8.74 1.80
N GLN D 96 -23.78 -9.74 1.66
CA GLN D 96 -23.91 -10.49 0.40
C GLN D 96 -24.26 -9.58 -0.76
N LEU D 97 -24.89 -8.44 -0.47
CA LEU D 97 -25.31 -7.51 -1.51
C LEU D 97 -24.30 -6.38 -1.68
N GLY D 98 -23.17 -6.48 -0.97
CA GLY D 98 -22.12 -5.46 -1.00
C GLY D 98 -22.50 -4.18 -0.27
N LEU D 99 -23.35 -4.33 0.73
CA LEU D 99 -23.90 -3.18 1.46
C LEU D 99 -23.58 -3.30 2.95
N SER D 100 -23.55 -2.14 3.59
CA SER D 100 -23.38 -2.04 5.03
CA SER D 100 -23.39 -2.05 5.04
C SER D 100 -24.62 -1.32 5.60
N PRO D 101 -24.81 -1.37 6.94
CA PRO D 101 -25.98 -0.61 7.40
C PRO D 101 -25.99 0.87 7.00
N ASP D 102 -24.82 1.52 6.95
CA ASP D 102 -24.75 2.93 6.54
C ASP D 102 -25.12 3.22 5.08
N ASP D 103 -25.09 2.21 4.22
CA ASP D 103 -25.52 2.40 2.85
C ASP D 103 -27.04 2.49 2.75
N ILE D 104 -27.74 2.18 3.85
CA ILE D 104 -29.20 2.31 3.89
C ILE D 104 -29.58 3.72 4.31
N SER D 105 -30.44 4.39 3.54
CA SER D 105 -30.84 5.76 3.83
CA SER D 105 -30.82 5.76 3.86
C SER D 105 -31.91 5.80 4.93
N THR D 106 -32.82 4.84 4.86
CA THR D 106 -34.00 4.79 5.70
C THR D 106 -34.36 3.36 5.99
N VAL D 107 -34.54 3.07 7.28
CA VAL D 107 -35.16 1.81 7.63
C VAL D 107 -36.55 2.04 8.19
N VAL D 108 -37.50 1.34 7.58
CA VAL D 108 -38.88 1.41 7.99
C VAL D 108 -39.14 0.19 8.88
N LEU D 109 -39.47 0.45 10.14
CA LEU D 109 -39.83 -0.62 11.06
C LEU D 109 -41.34 -0.79 11.03
N SER D 110 -41.82 -1.95 10.54
CA SER D 110 -43.27 -2.19 10.51
C SER D 110 -43.80 -1.98 11.92
N HIS D 111 -42.99 -2.37 12.90
CA HIS D 111 -43.30 -2.21 14.35
C HIS D 111 -42.09 -2.67 15.15
N LEU D 112 -42.16 -2.66 16.48
CA LEU D 112 -40.90 -2.79 17.23
C LEU D 112 -40.74 -4.12 17.97
N HIS D 113 -41.51 -5.12 17.54
CA HIS D 113 -41.42 -6.50 18.05
C HIS D 113 -40.13 -7.28 17.68
N ASN D 114 -39.85 -8.29 18.49
CA ASN D 114 -38.68 -9.19 18.43
C ASN D 114 -38.07 -9.44 17.06
N ASP D 115 -38.89 -9.98 16.15
CA ASP D 115 -38.35 -10.47 14.87
C ASP D 115 -38.51 -9.49 13.73
N HIS D 116 -38.72 -8.22 14.08
CA HIS D 116 -38.80 -7.17 13.07
C HIS D 116 -37.82 -6.03 13.30
N ALA D 117 -37.56 -5.74 14.59
CA ALA D 117 -36.71 -4.62 14.97
C ALA D 117 -35.41 -5.18 15.56
N GLY D 118 -35.18 -6.48 15.41
CA GLY D 118 -33.99 -7.10 16.01
C GLY D 118 -32.63 -6.55 15.61
N CYS D 119 -32.52 -5.95 14.42
CA CYS D 119 -31.23 -5.36 13.99
C CYS D 119 -31.15 -3.83 13.96
N VAL D 120 -32.07 -3.16 14.65
CA VAL D 120 -32.07 -1.69 14.69
C VAL D 120 -30.72 -1.15 15.17
N GLU D 121 -30.07 -1.85 16.12
CA GLU D 121 -28.81 -1.37 16.72
C GLU D 121 -27.66 -1.28 15.73
N TYR D 122 -27.80 -1.93 14.57
CA TYR D 122 -26.79 -1.83 13.52
C TYR D 122 -26.82 -0.53 12.73
N PHE D 123 -27.86 0.29 12.92
CA PHE D 123 -28.04 1.53 12.14
C PHE D 123 -27.79 2.78 12.99
N GLY D 124 -26.56 3.29 12.92
CA GLY D 124 -26.14 4.48 13.64
C GLY D 124 -26.35 5.77 12.87
N LYS D 125 -26.62 5.67 11.58
CA LYS D 125 -26.75 6.86 10.74
C LYS D 125 -28.10 6.94 10.06
N SER D 126 -28.61 5.79 9.59
CA SER D 126 -29.82 5.75 8.77
C SER D 126 -31.03 6.32 9.50
N ARG D 127 -31.96 6.91 8.76
CA ARG D 127 -33.22 7.35 9.34
C ARG D 127 -34.04 6.12 9.75
N LEU D 128 -34.45 6.06 11.02
CA LEU D 128 -35.26 4.98 11.56
C LEU D 128 -36.69 5.43 11.69
N ILE D 129 -37.55 4.94 10.80
CA ILE D 129 -38.95 5.32 10.84
C ILE D 129 -39.74 4.27 11.59
N ALA D 130 -40.40 4.70 12.64
CA ALA D 130 -41.30 3.83 13.38
C ALA D 130 -42.47 4.63 13.88
N HIS D 131 -43.58 3.95 14.15
CA HIS D 131 -44.77 4.64 14.65
C HIS D 131 -44.51 5.17 16.06
N GLU D 132 -44.98 6.39 16.34
CA GLU D 132 -44.63 7.01 17.64
C GLU D 132 -45.18 6.19 18.80
N ASP D 133 -46.36 5.59 18.61
CA ASP D 133 -46.91 4.72 19.68
C ASP D 133 -46.16 3.40 19.89
N GLU D 134 -45.54 2.89 18.82
CA GLU D 134 -44.69 1.71 18.89
C GLU D 134 -43.43 2.03 19.68
N PHE D 135 -42.79 3.14 19.35
CA PHE D 135 -41.61 3.61 20.07
C PHE D 135 -41.96 3.75 21.57
N ALA D 136 -43.10 4.38 21.86
CA ALA D 136 -43.50 4.64 23.26
C ALA D 136 -43.63 3.34 24.05
N THR D 137 -44.33 2.37 23.46
CA THR D 137 -44.58 1.07 24.06
C THR D 137 -43.28 0.30 24.30
N ALA D 138 -42.45 0.20 23.27
CA ALA D 138 -41.13 -0.47 23.38
C ALA D 138 -40.34 0.06 24.56
N VAL D 139 -40.18 1.38 24.62
CA VAL D 139 -39.33 2.00 25.63
CA VAL D 139 -39.30 1.93 25.64
C VAL D 139 -39.88 1.76 27.04
N ARG D 140 -41.22 1.76 27.16
CA ARG D 140 -41.89 1.48 28.44
CA ARG D 140 -41.89 1.47 28.44
C ARG D 140 -41.52 0.06 28.97
N TYR D 141 -41.60 -0.96 28.09
CA TYR D 141 -41.19 -2.32 28.49
C TYR D 141 -39.73 -2.31 28.92
N PHE D 142 -38.85 -1.69 28.12
CA PHE D 142 -37.45 -1.61 28.51
C PHE D 142 -37.25 -0.90 29.88
N ALA D 143 -37.89 0.25 30.06
CA ALA D 143 -37.64 1.10 31.23
C ALA D 143 -38.10 0.41 32.51
N THR D 144 -39.06 -0.51 32.38
CA THR D 144 -39.60 -1.24 33.53
C THR D 144 -39.01 -2.65 33.67
N GLY D 145 -38.07 -3.01 32.78
CA GLY D 145 -37.43 -4.35 32.76
C GLY D 145 -38.46 -5.46 32.60
N ASP D 146 -39.47 -5.21 31.77
CA ASP D 146 -40.60 -6.11 31.64
C ASP D 146 -40.33 -6.97 30.39
N HIS D 147 -40.08 -8.27 30.60
CA HIS D 147 -39.69 -9.22 29.54
C HIS D 147 -40.84 -10.06 29.02
N SER D 148 -42.06 -9.68 29.38
CA SER D 148 -43.22 -10.56 29.24
C SER D 148 -43.91 -10.48 27.88
N SER D 149 -43.36 -9.69 26.95
CA SER D 149 -44.03 -9.41 25.69
C SER D 149 -43.08 -9.65 24.52
N PRO D 150 -43.56 -9.49 23.26
CA PRO D 150 -42.65 -9.65 22.14
C PRO D 150 -41.65 -8.51 21.98
N TYR D 151 -41.70 -7.50 22.86
CA TYR D 151 -40.64 -6.48 22.89
C TYR D 151 -39.46 -7.03 23.68
N ILE D 152 -38.27 -6.96 23.09
CA ILE D 152 -37.07 -7.56 23.65
C ILE D 152 -36.23 -6.51 24.35
N VAL D 153 -36.27 -6.54 25.68
CA VAL D 153 -35.70 -5.40 26.40
C VAL D 153 -34.21 -5.28 26.11
N LYS D 154 -33.51 -6.41 25.96
CA LYS D 154 -32.06 -6.35 25.65
C LYS D 154 -31.77 -5.74 24.28
N ASP D 155 -32.67 -5.95 23.31
CA ASP D 155 -32.54 -5.28 22.00
C ASP D 155 -32.77 -3.79 22.17
N ILE D 156 -33.82 -3.45 22.91
CA ILE D 156 -34.16 -2.05 23.12
C ILE D 156 -33.00 -1.29 23.81
N GLU D 157 -32.40 -1.91 24.84
CA GLU D 157 -31.20 -1.41 25.52
C GLU D 157 -30.11 -1.02 24.51
N ALA D 158 -29.86 -1.91 23.55
CA ALA D 158 -28.88 -1.70 22.50
C ALA D 158 -29.29 -0.57 21.57
N TRP D 159 -30.57 -0.46 21.20
CA TRP D 159 -31.02 0.66 20.35
C TRP D 159 -30.75 1.99 21.07
N LEU D 160 -30.99 2.02 22.37
CA LEU D 160 -30.85 3.27 23.15
C LEU D 160 -29.43 3.56 23.70
N ALA D 161 -28.48 2.66 23.45
CA ALA D 161 -27.11 2.78 23.96
C ALA D 161 -26.37 3.91 23.28
N THR D 162 -26.91 4.38 22.16
CA THR D 162 -26.29 5.47 21.40
C THR D 162 -27.40 6.23 20.69
N PRO D 163 -27.25 7.56 20.50
CA PRO D 163 -28.25 8.33 19.75
C PRO D 163 -28.43 7.80 18.33
N ARG D 164 -29.66 7.79 17.85
CA ARG D 164 -29.99 7.33 16.48
C ARG D 164 -30.94 8.30 15.83
N ASN D 165 -31.07 8.18 14.51
CA ASN D 165 -31.85 9.09 13.71
C ASN D 165 -33.32 8.68 13.60
N TRP D 166 -33.95 8.53 14.76
CA TRP D 166 -35.36 8.19 14.87
C TRP D 166 -36.24 9.27 14.23
N ASP D 167 -37.19 8.83 13.45
CA ASP D 167 -38.15 9.70 12.81
C ASP D 167 -39.52 9.07 13.05
N LEU D 168 -40.21 9.52 14.08
CA LEU D 168 -41.43 8.87 14.52
C LEU D 168 -42.63 9.36 13.71
N VAL D 169 -43.43 8.41 13.25
CA VAL D 169 -44.67 8.82 12.58
C VAL D 169 -45.79 9.07 13.56
N GLY D 170 -46.41 10.23 13.41
CA GLY D 170 -47.53 10.64 14.27
C GLY D 170 -48.74 9.76 14.08
N ARG D 171 -49.45 9.54 15.18
CA ARG D 171 -50.69 8.75 15.19
C ARG D 171 -51.71 9.17 14.11
N ASP D 172 -51.72 10.45 13.73
CA ASP D 172 -52.73 10.98 12.79
C ASP D 172 -52.23 11.16 11.36
N GLU D 173 -50.95 10.88 11.16
CA GLU D 173 -50.35 10.85 9.85
C GLU D 173 -50.97 9.68 9.08
N ARG D 174 -51.16 9.83 7.78
CA ARG D 174 -51.80 8.76 7.00
C ARG D 174 -50.80 8.08 6.08
N GLU D 175 -49.96 8.88 5.41
CA GLU D 175 -49.13 8.41 4.31
C GLU D 175 -47.89 9.30 4.22
N ARG D 176 -46.80 8.77 3.69
CA ARG D 176 -45.58 9.52 3.45
C ARG D 176 -44.85 8.94 2.22
N GLU D 177 -44.55 9.79 1.25
CA GLU D 177 -43.76 9.38 0.09
C GLU D 177 -42.28 9.40 0.43
N LEU D 178 -41.62 8.25 0.38
CA LEU D 178 -40.20 8.14 0.73
C LEU D 178 -39.30 8.37 -0.47
N ALA D 179 -39.84 8.04 -1.64
CA ALA D 179 -39.22 8.24 -2.95
C ALA D 179 -40.31 7.95 -3.96
N PRO D 180 -40.11 8.33 -5.24
CA PRO D 180 -41.15 8.03 -6.21
C PRO D 180 -41.42 6.53 -6.27
N GLY D 181 -42.69 6.13 -6.16
CA GLY D 181 -43.05 4.73 -6.22
C GLY D 181 -42.93 3.98 -4.90
N VAL D 182 -42.43 4.64 -3.86
CA VAL D 182 -42.36 3.99 -2.53
C VAL D 182 -43.07 4.82 -1.45
N ASN D 183 -44.26 4.35 -1.07
CA ASN D 183 -45.13 5.07 -0.14
C ASN D 183 -45.29 4.35 1.20
N LEU D 184 -44.95 5.08 2.27
CA LEU D 184 -45.10 4.60 3.64
C LEU D 184 -46.53 4.76 4.07
N LEU D 185 -47.16 3.67 4.55
CA LEU D 185 -48.57 3.73 4.94
C LEU D 185 -48.68 3.57 6.45
N ASN D 186 -49.43 4.47 7.09
CA ASN D 186 -49.64 4.36 8.52
C ASN D 186 -50.90 3.58 8.81
N PHE D 187 -50.72 2.28 9.13
CA PHE D 187 -51.84 1.40 9.41
C PHE D 187 -52.40 1.61 10.81
N GLY D 188 -51.57 2.10 11.73
CA GLY D 188 -52.02 2.44 13.08
C GLY D 188 -52.16 1.20 13.93
N THR D 189 -53.01 1.30 14.94
CA THR D 189 -53.21 0.28 15.97
C THR D 189 -53.86 -0.98 15.41
N GLY D 190 -53.31 -2.15 15.75
CA GLY D 190 -53.88 -3.41 15.27
C GLY D 190 -53.19 -4.56 15.96
N HIS D 191 -52.34 -5.28 15.22
CA HIS D 191 -51.53 -6.35 15.78
C HIS D 191 -50.70 -5.85 16.97
N ALA D 192 -50.04 -4.69 16.77
CA ALA D 192 -49.37 -3.95 17.83
C ALA D 192 -49.90 -2.50 17.82
N SER D 193 -49.31 -1.62 18.63
CA SER D 193 -49.84 -0.27 18.82
CA SER D 193 -49.79 -0.23 18.83
C SER D 193 -49.71 0.64 17.58
N GLY D 194 -48.69 0.41 16.77
CA GLY D 194 -48.46 1.26 15.57
C GLY D 194 -47.81 0.54 14.40
N MET D 195 -48.64 0.04 13.49
CA MET D 195 -48.19 -0.75 12.34
C MET D 195 -47.94 0.16 11.13
N LEU D 196 -46.82 -0.05 10.44
CA LEU D 196 -46.49 0.69 9.22
C LEU D 196 -46.39 -0.28 8.05
N GLY D 197 -46.90 0.11 6.90
CA GLY D 197 -46.68 -0.66 5.66
C GLY D 197 -45.88 0.14 4.62
N LEU D 198 -45.50 -0.52 3.54
CA LEU D 198 -44.73 0.13 2.47
C LEU D 198 -45.23 -0.35 1.12
N ALA D 199 -45.80 0.56 0.35
CA ALA D 199 -46.23 0.27 -1.03
C ALA D 199 -45.05 0.50 -1.94
N VAL D 200 -44.70 -0.51 -2.74
CA VAL D 200 -43.57 -0.42 -3.63
C VAL D 200 -43.99 -0.67 -5.08
N ARG D 201 -44.02 0.41 -5.85
CA ARG D 201 -44.30 0.33 -7.28
C ARG D 201 -43.09 -0.07 -8.11
N LEU D 202 -43.29 -1.03 -9.00
CA LEU D 202 -42.24 -1.47 -9.91
C LEU D 202 -42.58 -1.17 -11.39
N GLU D 203 -41.62 -1.38 -12.29
CA GLU D 203 -41.79 -1.02 -13.70
C GLU D 203 -42.36 -2.16 -14.55
N LYS D 204 -41.68 -3.30 -14.53
N LYS D 204 -41.77 -3.35 -14.45
CA LYS D 204 -42.02 -4.44 -15.41
CA LYS D 204 -42.36 -4.58 -15.01
C LYS D 204 -43.16 -5.28 -14.83
C LYS D 204 -43.76 -4.81 -14.45
N GLN D 205 -43.90 -4.66 -13.89
N GLN D 205 -43.83 -5.45 -13.27
CA GLN D 205 -44.97 -5.26 -13.04
CA GLN D 205 -45.12 -5.68 -12.65
C GLN D 205 -45.45 -4.24 -11.96
C GLN D 205 -45.46 -4.43 -11.87
N PRO D 206 -46.74 -4.28 -11.51
CA PRO D 206 -47.22 -3.18 -10.68
C PRO D 206 -46.43 -2.99 -9.38
N GLY D 207 -46.10 -4.09 -8.70
CA GLY D 207 -45.27 -4.01 -7.50
C GLY D 207 -45.89 -4.69 -6.30
N PHE D 208 -45.41 -4.32 -5.12
CA PHE D 208 -45.81 -5.03 -3.91
C PHE D 208 -46.26 -4.09 -2.80
N LEU D 209 -47.10 -4.62 -1.91
CA LEU D 209 -47.45 -3.92 -0.68
C LEU D 209 -46.94 -4.77 0.49
N LEU D 210 -45.92 -4.27 1.18
CA LEU D 210 -45.34 -4.97 2.34
C LEU D 210 -46.11 -4.62 3.61
N VAL D 211 -46.66 -5.63 4.29
CA VAL D 211 -47.59 -5.39 5.40
C VAL D 211 -47.14 -6.02 6.72
N SER D 212 -46.12 -6.88 6.67
CA SER D 212 -45.57 -7.47 7.91
C SER D 212 -46.72 -8.09 8.75
N ASP D 213 -46.70 -7.88 10.08
CA ASP D 213 -47.67 -8.54 10.98
C ASP D 213 -49.08 -7.95 10.93
N ALA D 214 -49.30 -6.95 10.08
CA ALA D 214 -50.69 -6.53 9.79
C ALA D 214 -51.48 -7.67 9.15
N CYS D 215 -50.76 -8.60 8.52
CA CYS D 215 -51.38 -9.82 8.02
C CYS D 215 -50.32 -10.90 7.91
N TYR D 216 -50.35 -11.84 8.86
CA TYR D 216 -49.36 -12.90 8.97
C TYR D 216 -49.28 -13.76 7.71
N THR D 217 -50.43 -14.21 7.23
CA THR D 217 -50.44 -15.22 6.15
C THR D 217 -51.62 -15.02 5.21
N ALA D 218 -51.54 -15.70 4.06
CA ALA D 218 -52.67 -15.77 3.13
C ALA D 218 -53.91 -16.32 3.80
N THR D 219 -53.79 -17.19 4.81
CA THR D 219 -55.04 -17.66 5.46
C THR D 219 -55.74 -16.62 6.37
N ASN D 220 -54.96 -15.74 7.01
CA ASN D 220 -55.51 -14.58 7.69
C ASN D 220 -56.20 -13.65 6.70
N TYR D 221 -55.56 -13.47 5.55
CA TYR D 221 -56.04 -12.53 4.51
C TYR D 221 -57.36 -12.96 3.92
N GLY D 222 -57.44 -14.26 3.57
CA GLY D 222 -58.65 -14.84 3.02
C GLY D 222 -58.95 -14.28 1.63
N PRO D 223 -60.23 -14.00 1.35
CA PRO D 223 -61.41 -14.25 2.22
C PRO D 223 -61.72 -15.74 2.44
N PRO D 224 -62.41 -16.08 3.54
CA PRO D 224 -62.85 -15.16 4.60
C PRO D 224 -61.61 -14.72 5.42
N ALA D 225 -61.58 -13.47 5.84
CA ALA D 225 -60.50 -12.99 6.71
C ALA D 225 -60.53 -13.74 8.04
N ARG D 226 -59.35 -14.14 8.53
CA ARG D 226 -59.27 -14.93 9.75
C ARG D 226 -58.22 -14.33 10.67
N ARG D 227 -58.63 -13.93 11.87
CA ARG D 227 -57.74 -13.19 12.79
C ARG D 227 -56.59 -14.04 13.28
N ALA D 228 -55.44 -13.40 13.47
CA ALA D 228 -54.29 -14.02 14.11
C ALA D 228 -54.60 -14.10 15.58
N GLY D 229 -53.76 -14.83 16.32
CA GLY D 229 -53.82 -14.79 17.77
C GLY D 229 -53.07 -13.57 18.27
N VAL D 230 -53.09 -13.41 19.59
CA VAL D 230 -52.31 -12.40 20.30
C VAL D 230 -52.28 -11.05 19.60
N LEU D 231 -53.47 -10.51 19.32
CA LEU D 231 -53.59 -9.19 18.72
C LEU D 231 -53.80 -8.13 19.81
N HIS D 232 -53.11 -7.01 19.72
CA HIS D 232 -53.36 -5.90 20.63
C HIS D 232 -54.78 -5.31 20.50
N ASP D 233 -55.16 -4.92 19.29
CA ASP D 233 -56.41 -4.21 19.00
C ASP D 233 -57.09 -4.91 17.83
N THR D 234 -58.07 -5.76 18.14
CA THR D 234 -58.74 -6.57 17.10
C THR D 234 -59.55 -5.75 16.08
N ILE D 235 -60.23 -4.70 16.52
CA ILE D 235 -61.00 -3.79 15.62
C ILE D 235 -60.05 -3.10 14.64
N GLY D 236 -58.98 -2.50 15.18
CA GLY D 236 -57.95 -1.89 14.36
C GLY D 236 -57.33 -2.89 13.41
N TYR D 237 -57.03 -4.07 13.91
CA TYR D 237 -56.51 -5.15 13.06
C TYR D 237 -57.48 -5.46 11.92
N ASP D 238 -58.76 -5.62 12.22
CA ASP D 238 -59.76 -5.97 11.19
C ASP D 238 -59.82 -4.91 10.11
N ARG D 239 -59.84 -3.65 10.54
CA ARG D 239 -59.97 -2.53 9.64
C ARG D 239 -58.75 -2.40 8.75
N THR D 240 -57.57 -2.66 9.32
CA THR D 240 -56.31 -2.66 8.61
C THR D 240 -56.25 -3.69 7.49
N VAL D 241 -56.70 -4.92 7.76
CA VAL D 241 -56.74 -5.94 6.70
C VAL D 241 -57.65 -5.52 5.54
N SER D 242 -58.80 -4.96 5.87
CA SER D 242 -59.72 -4.44 4.84
C SER D 242 -59.08 -3.32 4.04
N HIS D 243 -58.38 -2.44 4.75
CA HIS D 243 -57.70 -1.34 4.10
C HIS D 243 -56.59 -1.80 3.18
N ILE D 244 -55.79 -2.76 3.66
CA ILE D 244 -54.77 -3.41 2.86
C ILE D 244 -55.36 -3.98 1.57
N ARG D 245 -56.46 -4.72 1.70
CA ARG D 245 -57.13 -5.34 0.55
C ARG D 245 -57.56 -4.26 -0.42
N GLN D 246 -58.29 -3.26 0.09
CA GLN D 246 -58.75 -2.12 -0.73
C GLN D 246 -57.56 -1.45 -1.41
N TYR D 247 -56.48 -1.19 -0.67
CA TYR D 247 -55.33 -0.46 -1.19
C TYR D 247 -54.57 -1.23 -2.28
N ALA D 248 -54.33 -2.51 -2.04
CA ALA D 248 -53.53 -3.31 -2.96
C ALA D 248 -54.31 -3.62 -4.26
N GLU D 249 -55.59 -3.94 -4.10
CA GLU D 249 -56.43 -4.36 -5.21
C GLU D 249 -56.77 -3.22 -6.17
N SER D 250 -56.64 -1.98 -5.69
N SER D 250 -57.07 -2.04 -5.63
CA SER D 250 -56.79 -0.79 -6.55
CA SER D 250 -57.54 -0.93 -6.44
C SER D 250 -55.51 -0.41 -7.32
C SER D 250 -56.44 -0.68 -7.43
N ARG D 251 -54.35 -0.87 -6.87
N ARG D 251 -55.23 -0.74 -6.89
CA ARG D 251 -53.08 -0.51 -7.51
CA ARG D 251 -54.02 -0.83 -7.68
C ARG D 251 -52.43 -1.70 -8.19
C ARG D 251 -53.90 -2.31 -8.02
N SER D 252 -53.10 -2.85 -8.13
N SER D 252 -52.75 -2.80 -8.41
CA SER D 252 -52.56 -4.06 -8.74
CA SER D 252 -52.66 -4.24 -8.65
C SER D 252 -51.28 -4.55 -8.05
C SER D 252 -51.47 -4.85 -7.94
N LEU D 253 -51.20 -4.33 -6.73
CA LEU D 253 -50.03 -4.71 -5.95
C LEU D 253 -50.25 -6.07 -5.29
N THR D 254 -49.21 -6.88 -5.31
CA THR D 254 -49.21 -8.15 -4.62
C THR D 254 -48.88 -7.88 -3.13
N VAL D 255 -49.78 -8.29 -2.23
CA VAL D 255 -49.53 -8.17 -0.78
C VAL D 255 -48.50 -9.21 -0.31
N LEU D 256 -47.42 -8.76 0.30
CA LEU D 256 -46.44 -9.67 0.87
C LEU D 256 -46.61 -9.72 2.39
N PHE D 257 -46.96 -10.92 2.87
CA PHE D 257 -47.38 -11.16 4.26
C PHE D 257 -46.22 -11.26 5.23
N GLY D 258 -46.50 -11.16 6.53
CA GLY D 258 -45.44 -11.19 7.53
C GLY D 258 -44.69 -12.51 7.65
N HIS D 259 -45.40 -13.64 7.58
CA HIS D 259 -44.86 -14.95 7.99
C HIS D 259 -45.57 -16.08 7.26
N ASP D 260 -45.59 -15.99 5.93
CA ASP D 260 -46.27 -16.97 5.08
C ASP D 260 -45.26 -17.87 4.36
N ARG D 261 -45.15 -19.11 4.84
CA ARG D 261 -44.15 -20.03 4.34
C ARG D 261 -44.30 -20.27 2.85
N GLU D 262 -45.55 -20.49 2.43
CA GLU D 262 -45.86 -20.86 1.06
C GLU D 262 -45.53 -19.73 0.08
N GLN D 263 -46.01 -18.53 0.41
CA GLN D 263 -45.70 -17.35 -0.38
C GLN D 263 -44.20 -17.06 -0.38
N PHE D 264 -43.57 -17.15 0.79
CA PHE D 264 -42.16 -16.85 0.87
C PHE D 264 -41.31 -17.78 -0.02
N ALA D 265 -41.65 -19.06 -0.07
CA ALA D 265 -40.99 -20.01 -0.99
C ALA D 265 -41.07 -19.60 -2.47
N SER D 266 -42.15 -18.95 -2.87
CA SER D 266 -42.39 -18.49 -4.24
C SER D 266 -41.53 -17.29 -4.65
N LEU D 267 -41.01 -16.56 -3.66
CA LEU D 267 -40.25 -15.35 -3.92
C LEU D 267 -38.81 -15.63 -4.30
N ILE D 268 -38.32 -14.85 -5.24
CA ILE D 268 -36.89 -14.81 -5.58
C ILE D 268 -36.15 -14.11 -4.43
N LYS D 269 -35.15 -14.79 -3.86
CA LYS D 269 -34.38 -14.26 -2.73
C LYS D 269 -33.22 -13.40 -3.21
N SER D 270 -32.73 -12.56 -2.31
CA SER D 270 -31.66 -11.61 -2.60
C SER D 270 -30.38 -12.26 -3.14
N THR D 271 -30.17 -13.54 -2.82
CA THR D 271 -28.97 -14.25 -3.24
C THR D 271 -29.04 -14.65 -4.72
N ASP D 272 -30.26 -14.69 -5.25
CA ASP D 272 -30.52 -15.16 -6.62
C ASP D 272 -30.94 -14.06 -7.60
N GLY D 273 -31.77 -13.11 -7.15
CA GLY D 273 -32.21 -12.04 -8.03
C GLY D 273 -32.91 -10.90 -7.32
N PHE D 274 -33.73 -10.16 -8.06
CA PHE D 274 -34.54 -9.11 -7.52
C PHE D 274 -35.74 -8.88 -8.42
N TYR D 275 -36.67 -8.05 -7.95
CA TYR D 275 -37.82 -7.67 -8.72
C TYR D 275 -37.63 -6.25 -9.24
N GLU D 276 -38.09 -6.01 -10.46
CA GLU D 276 -38.10 -4.65 -11.02
C GLU D 276 -39.36 -4.44 -11.84
N MET E 1 -0.48 -46.31 -46.05
N MET E 1 2.58 -44.07 -46.26
CA MET E 1 0.77 -46.21 -45.24
CA MET E 1 3.11 -44.93 -45.17
C MET E 1 0.47 -46.41 -43.73
C MET E 1 2.23 -44.88 -43.92
N GLY E 2 1.31 -45.86 -42.84
N GLY E 2 2.74 -45.40 -42.80
CA GLY E 2 1.20 -46.17 -41.40
CA GLY E 2 1.89 -45.75 -41.64
C GLY E 2 1.18 -45.02 -40.39
C GLY E 2 1.79 -44.74 -40.50
N ASN E 3 1.87 -45.23 -39.27
CA ASN E 3 1.80 -44.35 -38.09
C ASN E 3 2.87 -43.24 -38.09
N LYS E 4 2.49 -42.02 -37.72
CA LYS E 4 3.47 -40.92 -37.57
C LYS E 4 3.55 -40.45 -36.11
N LEU E 5 4.78 -40.28 -35.60
CA LEU E 5 5.02 -39.93 -34.19
C LEU E 5 5.67 -38.55 -34.05
N PHE E 6 4.98 -37.59 -33.45
CA PHE E 6 5.58 -36.29 -33.24
C PHE E 6 5.94 -36.15 -31.77
N VAL E 7 7.15 -35.66 -31.51
CA VAL E 7 7.65 -35.42 -30.18
C VAL E 7 7.43 -33.96 -29.76
N LEU E 8 6.60 -33.77 -28.74
N LEU E 8 6.55 -33.77 -28.80
CA LEU E 8 6.20 -32.43 -28.27
CA LEU E 8 6.27 -32.42 -28.36
C LEU E 8 7.01 -31.92 -27.09
C LEU E 8 7.23 -32.13 -27.22
N ASP E 9 7.95 -31.02 -27.35
CA ASP E 9 8.81 -30.47 -26.33
C ASP E 9 7.99 -29.53 -25.45
N LEU E 10 7.67 -30.02 -24.26
CA LEU E 10 6.80 -29.30 -23.36
C LEU E 10 7.60 -28.71 -22.19
N GLY E 11 8.91 -28.57 -22.39
CA GLY E 11 9.77 -27.86 -21.44
C GLY E 11 10.57 -28.76 -20.52
N GLU E 12 10.87 -28.23 -19.33
CA GLU E 12 11.72 -28.90 -18.34
C GLU E 12 11.25 -28.64 -16.93
N ILE E 13 11.65 -29.55 -16.01
CA ILE E 13 11.46 -29.35 -14.58
C ILE E 13 12.86 -29.44 -13.96
N ARG E 14 13.09 -28.62 -12.95
CA ARG E 14 14.33 -28.61 -12.21
C ARG E 14 14.04 -29.23 -10.83
N VAL E 15 14.71 -30.33 -10.52
CA VAL E 15 14.36 -31.17 -9.35
C VAL E 15 15.59 -31.92 -8.77
N ASP E 16 15.55 -32.17 -7.46
CA ASP E 16 16.55 -33.02 -6.78
C ASP E 16 16.60 -34.38 -7.45
N GLU E 17 17.80 -34.80 -7.85
CA GLU E 17 18.03 -36.08 -8.48
C GLU E 17 17.52 -37.26 -7.64
N ASN E 18 17.55 -37.11 -6.33
CA ASN E 18 17.07 -38.15 -5.41
C ASN E 18 15.57 -38.55 -5.63
N PHE E 19 14.76 -37.63 -6.16
CA PHE E 19 13.37 -37.96 -6.49
C PHE E 19 13.28 -38.88 -7.72
N ILE E 20 14.25 -38.71 -8.62
CA ILE E 20 14.23 -39.38 -9.90
C ILE E 20 14.93 -40.74 -9.81
N ILE E 21 16.07 -40.80 -9.09
CA ILE E 21 16.79 -42.04 -8.82
C ILE E 21 17.02 -42.08 -7.31
N ALA E 22 16.26 -42.91 -6.60
CA ALA E 22 16.27 -42.87 -5.14
C ALA E 22 17.65 -43.18 -4.58
N ASN E 23 18.03 -42.43 -3.55
CA ASN E 23 19.27 -42.65 -2.84
C ASN E 23 20.52 -42.60 -3.73
N SER E 24 20.46 -41.81 -4.81
CA SER E 24 21.66 -41.58 -5.61
C SER E 24 22.76 -40.79 -4.84
N THR E 25 22.34 -39.90 -3.92
CA THR E 25 23.22 -39.28 -2.90
C THR E 25 22.68 -39.47 -1.48
N PHE E 26 23.55 -39.83 -0.56
CA PHE E 26 23.23 -39.85 0.85
C PHE E 26 24.52 -39.59 1.61
N VAL E 27 24.38 -39.07 2.80
CA VAL E 27 25.52 -38.86 3.68
C VAL E 27 25.93 -40.13 4.42
N THR E 28 27.20 -40.21 4.80
CA THR E 28 27.69 -41.32 5.58
C THR E 28 28.73 -40.74 6.54
N PRO E 29 29.08 -41.47 7.61
CA PRO E 29 30.13 -40.94 8.48
C PRO E 29 31.47 -40.71 7.74
N GLN E 30 31.75 -41.54 6.74
CA GLN E 30 32.97 -41.40 5.94
C GLN E 30 32.91 -40.11 5.13
N LYS E 31 31.77 -39.90 4.49
CA LYS E 31 31.57 -38.74 3.64
C LYS E 31 30.30 -38.00 4.05
N PRO E 32 30.36 -37.26 5.17
CA PRO E 32 29.19 -36.61 5.81
C PRO E 32 28.71 -35.28 5.22
N THR E 33 29.47 -34.68 4.30
CA THR E 33 29.20 -33.30 3.89
C THR E 33 28.67 -33.19 2.46
N VAL E 34 28.36 -34.33 1.83
CA VAL E 34 27.93 -34.35 0.43
C VAL E 34 26.52 -33.84 0.33
N SER E 35 26.17 -33.26 -0.82
CA SER E 35 24.80 -32.83 -1.05
C SER E 35 24.32 -33.49 -2.32
N SER E 36 22.99 -33.63 -2.44
CA SER E 36 22.41 -34.09 -3.67
C SER E 36 22.48 -32.92 -4.66
N ARG E 37 22.05 -33.13 -5.90
CA ARG E 37 22.06 -32.04 -6.89
C ARG E 37 20.74 -31.94 -7.62
N LEU E 38 20.46 -30.73 -8.10
CA LEU E 38 19.36 -30.46 -9.02
C LEU E 38 19.72 -30.87 -10.44
N ILE E 39 18.78 -31.55 -11.09
CA ILE E 39 18.86 -31.84 -12.52
C ILE E 39 17.65 -31.22 -13.22
N ASP E 40 17.81 -30.99 -14.53
CA ASP E 40 16.73 -30.47 -15.36
C ASP E 40 16.29 -31.67 -16.17
N ILE E 41 15.00 -32.00 -16.06
CA ILE E 41 14.45 -33.19 -16.71
C ILE E 41 13.42 -32.75 -17.76
N PRO E 42 13.37 -33.44 -18.90
CA PRO E 42 12.44 -33.02 -19.98
C PRO E 42 10.97 -33.37 -19.70
N VAL E 43 10.04 -32.45 -20.01
CA VAL E 43 8.59 -32.72 -20.00
C VAL E 43 8.15 -32.82 -21.47
N SER E 44 7.52 -33.94 -21.82
CA SER E 44 7.09 -34.16 -23.18
C SER E 44 5.68 -34.77 -23.34
N ALA E 45 5.23 -34.81 -24.60
CA ALA E 45 4.01 -35.47 -25.00
C ALA E 45 4.24 -35.95 -26.42
N TYR E 46 3.38 -36.87 -26.88
CA TYR E 46 3.60 -37.53 -28.17
C TYR E 46 2.31 -37.56 -28.93
N LEU E 47 2.33 -36.95 -30.10
CA LEU E 47 1.18 -36.94 -30.98
C LEU E 47 1.38 -38.04 -32.02
N ILE E 48 0.42 -38.96 -32.10
CA ILE E 48 0.47 -40.04 -33.06
C ILE E 48 -0.65 -39.81 -34.07
N GLN E 49 -0.24 -39.63 -35.32
CA GLN E 49 -1.15 -39.63 -36.45
C GLN E 49 -1.28 -41.08 -36.89
N CYS E 50 -2.42 -41.67 -36.58
CA CYS E 50 -2.69 -43.05 -36.94
C CYS E 50 -3.38 -43.05 -38.30
N THR E 51 -3.67 -44.24 -38.78
CA THR E 51 -4.50 -44.49 -39.95
C THR E 51 -5.81 -43.69 -39.90
N ASP E 52 -6.54 -43.93 -38.82
CA ASP E 52 -7.94 -43.55 -38.69
C ASP E 52 -8.21 -42.75 -37.44
N ALA E 53 -7.18 -42.10 -36.90
CA ALA E 53 -7.29 -41.39 -35.64
C ALA E 53 -6.04 -40.56 -35.40
N THR E 54 -6.16 -39.55 -34.54
CA THR E 54 -4.98 -38.87 -34.05
C THR E 54 -5.00 -39.04 -32.54
N VAL E 55 -3.93 -39.62 -32.02
CA VAL E 55 -3.86 -39.96 -30.58
C VAL E 55 -2.74 -39.17 -29.92
N LEU E 56 -3.02 -38.57 -28.76
CA LEU E 56 -2.01 -37.80 -28.03
C LEU E 56 -1.70 -38.56 -26.74
N TYR E 57 -0.43 -38.79 -26.46
CA TYR E 57 -0.02 -39.41 -25.18
C TYR E 57 0.58 -38.34 -24.26
N ASP E 58 -0.12 -38.05 -23.15
CA ASP E 58 0.26 -37.01 -22.20
C ASP E 58 0.03 -35.58 -22.74
N THR E 59 0.11 -34.57 -21.87
CA THR E 59 -0.34 -33.20 -22.23
C THR E 59 0.53 -32.11 -21.56
N GLY E 60 1.59 -32.53 -20.88
CA GLY E 60 2.52 -31.61 -20.15
C GLY E 60 1.93 -30.85 -18.98
N CYS E 61 2.57 -29.72 -18.64
CA CYS E 61 2.05 -28.82 -17.59
C CYS E 61 1.00 -27.88 -18.13
N HIS E 62 0.16 -27.36 -17.25
CA HIS E 62 -0.71 -26.23 -17.62
C HIS E 62 0.18 -25.03 -18.01
N PRO E 63 -0.17 -24.32 -19.10
CA PRO E 63 0.67 -23.20 -19.55
C PRO E 63 0.97 -22.22 -18.43
N GLU E 64 0.00 -22.03 -17.53
CA GLU E 64 0.09 -21.13 -16.38
C GLU E 64 0.35 -21.85 -15.05
N CYS E 65 1.21 -22.86 -15.05
CA CYS E 65 1.49 -23.59 -13.80
C CYS E 65 2.33 -22.75 -12.82
N MET E 66 3.18 -21.90 -13.38
CA MET E 66 4.13 -21.09 -12.60
C MET E 66 3.62 -19.66 -12.35
N GLY E 67 3.99 -19.08 -11.21
CA GLY E 67 3.67 -17.68 -10.91
C GLY E 67 2.80 -17.50 -9.68
N THR E 68 2.61 -16.23 -9.28
CA THR E 68 1.84 -15.90 -8.08
C THR E 68 0.37 -16.34 -8.16
N ASN E 69 -0.23 -16.23 -9.35
CA ASN E 69 -1.57 -16.76 -9.58
C ASN E 69 -1.55 -18.07 -10.40
N GLY E 70 -0.47 -18.84 -10.28
CA GLY E 70 -0.26 -20.05 -11.06
C GLY E 70 -1.09 -21.23 -10.56
N ARG E 71 -1.12 -22.31 -11.35
CA ARG E 71 -1.88 -23.53 -11.00
C ARG E 71 -1.23 -24.36 -9.89
N TRP E 72 0.10 -24.46 -9.92
CA TRP E 72 0.87 -25.21 -8.91
C TRP E 72 0.97 -24.45 -7.59
N PRO E 73 0.86 -25.18 -6.46
CA PRO E 73 1.00 -24.52 -5.14
C PRO E 73 2.33 -23.76 -5.05
N ALA E 74 2.38 -22.73 -4.21
CA ALA E 74 3.61 -21.94 -4.08
C ALA E 74 4.81 -22.86 -3.73
N GLN E 75 4.60 -23.74 -2.76
CA GLN E 75 5.66 -24.65 -2.30
C GLN E 75 6.10 -25.61 -3.41
N SER E 76 5.17 -26.01 -4.27
CA SER E 76 5.53 -26.88 -5.40
C SER E 76 6.45 -26.15 -6.37
N GLN E 77 6.11 -24.89 -6.61
CA GLN E 77 6.91 -24.01 -7.47
C GLN E 77 8.32 -23.76 -6.89
N LEU E 78 8.43 -23.65 -5.56
CA LEU E 78 9.76 -23.55 -4.94
C LEU E 78 10.54 -24.87 -5.07
N ASN E 79 9.88 -25.98 -4.74
CA ASN E 79 10.56 -27.28 -4.68
C ASN E 79 11.05 -27.83 -6.02
N ALA E 80 10.22 -27.74 -7.06
CA ALA E 80 10.53 -28.34 -8.36
C ALA E 80 9.85 -27.54 -9.45
N PRO E 81 10.46 -26.39 -9.81
CA PRO E 81 9.77 -25.50 -10.74
C PRO E 81 9.77 -26.00 -12.18
N TYR E 82 8.69 -25.70 -12.89
CA TYR E 82 8.69 -25.85 -14.33
C TYR E 82 9.58 -24.73 -14.89
N ILE E 83 10.47 -25.09 -15.80
CA ILE E 83 11.48 -24.16 -16.22
C ILE E 83 11.40 -23.83 -17.73
N GLY E 84 10.45 -24.48 -18.41
CA GLY E 84 10.32 -24.46 -19.87
C GLY E 84 10.10 -23.09 -20.49
N ALA E 85 10.39 -22.99 -21.78
CA ALA E 85 10.20 -21.75 -22.55
C ALA E 85 8.71 -21.38 -22.76
N SER E 86 8.45 -20.16 -23.24
CA SER E 86 7.08 -19.70 -23.52
C SER E 86 6.34 -20.58 -24.55
N GLU E 87 7.10 -21.18 -25.45
CA GLU E 87 6.58 -21.96 -26.58
C GLU E 87 6.18 -23.38 -26.14
N CYS E 88 6.82 -23.85 -25.08
CA CYS E 88 6.80 -25.25 -24.65
C CYS E 88 5.53 -25.63 -23.86
N ASN E 89 4.38 -25.34 -24.43
CA ASN E 89 3.09 -25.71 -23.85
C ASN E 89 2.24 -26.37 -24.92
N LEU E 90 1.43 -27.33 -24.50
CA LEU E 90 0.69 -28.17 -25.42
C LEU E 90 -0.22 -27.39 -26.43
N PRO E 91 -1.04 -26.41 -25.97
CA PRO E 91 -1.83 -25.68 -27.02
C PRO E 91 -0.99 -25.04 -28.14
N GLU E 92 0.16 -24.48 -27.78
CA GLU E 92 1.06 -23.88 -28.79
CA GLU E 92 1.09 -23.89 -28.76
C GLU E 92 1.66 -24.94 -29.70
N ARG E 93 2.13 -26.05 -29.12
CA ARG E 93 2.72 -27.17 -29.90
C ARG E 93 1.68 -27.78 -30.84
N LEU E 94 0.40 -27.74 -30.44
CA LEU E 94 -0.70 -28.14 -31.35
C LEU E 94 -0.94 -27.09 -32.44
N ARG E 95 -1.17 -25.81 -32.08
CA ARG E 95 -1.35 -24.77 -33.09
CA ARG E 95 -1.31 -24.71 -33.04
C ARG E 95 -0.20 -24.77 -34.09
N GLN E 96 1.02 -24.98 -33.62
CA GLN E 96 2.21 -25.08 -34.50
C GLN E 96 2.11 -26.17 -35.52
N LEU E 97 1.31 -27.19 -35.22
CA LEU E 97 1.11 -28.32 -36.14
C LEU E 97 -0.14 -28.13 -37.04
N GLY E 98 -0.90 -27.06 -36.79
CA GLY E 98 -2.19 -26.87 -37.47
C GLY E 98 -3.39 -27.50 -36.77
N LEU E 99 -3.17 -27.89 -35.51
CA LEU E 99 -4.16 -28.64 -34.73
C LEU E 99 -4.80 -27.86 -33.60
N SER E 100 -6.09 -28.08 -33.42
CA SER E 100 -6.75 -27.68 -32.22
C SER E 100 -6.83 -28.95 -31.36
N PRO E 101 -7.02 -28.78 -30.04
CA PRO E 101 -7.41 -29.92 -29.20
C PRO E 101 -8.54 -30.78 -29.80
N ASP E 102 -9.51 -30.13 -30.46
CA ASP E 102 -10.66 -30.84 -31.03
CA ASP E 102 -10.67 -30.83 -31.01
C ASP E 102 -10.31 -31.76 -32.19
N ASP E 103 -9.15 -31.56 -32.77
CA ASP E 103 -8.70 -32.42 -33.87
CA ASP E 103 -8.65 -32.42 -33.84
C ASP E 103 -8.12 -33.75 -33.34
N ILE E 104 -7.90 -33.83 -32.02
CA ILE E 104 -7.35 -35.03 -31.43
C ILE E 104 -8.47 -35.97 -31.12
N SER E 105 -8.41 -37.17 -31.66
CA SER E 105 -9.46 -38.16 -31.46
C SER E 105 -9.49 -38.62 -30.00
N THR E 106 -8.34 -39.05 -29.52
CA THR E 106 -8.22 -39.48 -28.12
C THR E 106 -6.94 -39.00 -27.48
N VAL E 107 -7.02 -38.58 -26.23
N VAL E 107 -7.06 -38.64 -26.21
CA VAL E 107 -5.78 -38.36 -25.48
CA VAL E 107 -5.91 -38.31 -25.38
C VAL E 107 -5.65 -39.34 -24.33
C VAL E 107 -5.76 -39.49 -24.41
N VAL E 108 -4.57 -40.12 -24.42
CA VAL E 108 -4.20 -41.12 -23.42
C VAL E 108 -3.41 -40.42 -22.34
N LEU E 109 -3.97 -40.40 -21.12
CA LEU E 109 -3.24 -39.86 -19.98
C LEU E 109 -2.53 -41.01 -19.30
N SER E 110 -1.20 -40.95 -19.30
CA SER E 110 -0.37 -41.96 -18.64
C SER E 110 -0.80 -42.08 -17.17
N HIS E 111 -1.16 -40.93 -16.58
CA HIS E 111 -1.71 -40.79 -15.21
C HIS E 111 -2.09 -39.33 -15.04
N LEU E 112 -2.58 -38.94 -13.88
CA LEU E 112 -3.20 -37.62 -13.74
C LEU E 112 -2.40 -36.58 -12.93
N HIS E 113 -1.11 -36.81 -12.82
CA HIS E 113 -0.21 -35.90 -12.16
C HIS E 113 0.06 -34.65 -12.95
N ASN E 114 0.55 -33.67 -12.19
CA ASN E 114 0.98 -32.33 -12.62
C ASN E 114 1.51 -32.15 -14.04
N ASP E 115 2.64 -32.77 -14.39
CA ASP E 115 3.26 -32.46 -15.67
C ASP E 115 2.88 -33.46 -16.75
N HIS E 116 1.76 -34.17 -16.52
CA HIS E 116 1.19 -35.12 -17.50
C HIS E 116 -0.24 -34.81 -17.91
N ALA E 117 -1.05 -34.35 -16.97
CA ALA E 117 -2.44 -34.06 -17.25
C ALA E 117 -2.73 -32.54 -17.23
N GLY E 118 -1.68 -31.73 -17.26
CA GLY E 118 -1.80 -30.26 -17.15
C GLY E 118 -2.69 -29.57 -18.18
N CYS E 119 -2.82 -30.16 -19.35
CA CYS E 119 -3.68 -29.58 -20.41
C CYS E 119 -4.98 -30.31 -20.70
N VAL E 120 -5.40 -31.15 -19.78
CA VAL E 120 -6.64 -31.89 -19.96
C VAL E 120 -7.83 -30.97 -20.27
N GLU E 121 -7.81 -29.77 -19.67
CA GLU E 121 -8.93 -28.82 -19.70
C GLU E 121 -9.16 -28.20 -21.07
N TYR E 122 -8.19 -28.37 -21.96
CA TYR E 122 -8.31 -27.85 -23.33
C TYR E 122 -9.12 -28.77 -24.23
N PHE E 123 -9.49 -29.95 -23.72
CA PHE E 123 -10.13 -30.99 -24.52
C PHE E 123 -11.59 -31.19 -24.12
N GLY E 124 -12.49 -30.55 -24.86
CA GLY E 124 -13.91 -30.64 -24.54
C GLY E 124 -14.64 -31.71 -25.30
N LYS E 125 -14.00 -32.29 -26.30
CA LYS E 125 -14.65 -33.30 -27.15
C LYS E 125 -13.88 -34.59 -27.22
N SER E 126 -12.57 -34.47 -27.29
CA SER E 126 -11.70 -35.64 -27.44
C SER E 126 -11.98 -36.69 -26.35
N ARG E 127 -11.89 -37.98 -26.71
CA ARG E 127 -11.95 -39.06 -25.73
C ARG E 127 -10.74 -38.94 -24.82
N LEU E 128 -10.97 -38.95 -23.50
CA LEU E 128 -9.91 -38.86 -22.50
C LEU E 128 -9.77 -40.19 -21.82
N ILE E 129 -8.72 -40.93 -22.19
CA ILE E 129 -8.48 -42.25 -21.61
C ILE E 129 -7.55 -42.11 -20.39
N ALA E 130 -8.07 -42.50 -19.24
CA ALA E 130 -7.27 -42.54 -18.02
C ALA E 130 -7.66 -43.78 -17.22
N HIS E 131 -6.76 -44.28 -16.37
CA HIS E 131 -7.04 -45.49 -15.57
C HIS E 131 -8.13 -45.12 -14.58
N GLU E 132 -9.11 -45.99 -14.33
CA GLU E 132 -10.21 -45.63 -13.41
C GLU E 132 -9.72 -45.23 -12.00
N ASP E 133 -8.65 -45.87 -11.52
CA ASP E 133 -8.17 -45.61 -10.16
C ASP E 133 -7.41 -44.30 -10.14
N GLU E 134 -6.84 -43.94 -11.28
CA GLU E 134 -6.10 -42.68 -11.40
C GLU E 134 -7.11 -41.54 -11.34
N PHE E 135 -8.21 -41.68 -12.08
CA PHE E 135 -9.34 -40.76 -11.99
C PHE E 135 -9.89 -40.62 -10.56
N ALA E 136 -10.17 -41.76 -9.92
CA ALA E 136 -10.72 -41.75 -8.56
C ALA E 136 -9.79 -41.00 -7.59
N THR E 137 -8.50 -41.25 -7.69
CA THR E 137 -7.51 -40.61 -6.83
C THR E 137 -7.43 -39.10 -7.08
N ALA E 138 -7.33 -38.69 -8.36
CA ALA E 138 -7.21 -37.27 -8.70
C ALA E 138 -8.42 -36.51 -8.11
N VAL E 139 -9.62 -37.06 -8.36
CA VAL E 139 -10.82 -36.36 -7.94
C VAL E 139 -10.92 -36.32 -6.42
N ARG E 140 -10.44 -37.35 -5.73
CA ARG E 140 -10.39 -37.30 -4.26
C ARG E 140 -9.50 -36.17 -3.71
N TYR E 141 -8.29 -36.00 -4.25
CA TYR E 141 -7.42 -34.90 -3.83
C TYR E 141 -8.09 -33.55 -4.04
N PHE E 142 -8.66 -33.39 -5.22
CA PHE E 142 -9.47 -32.21 -5.51
C PHE E 142 -10.65 -31.99 -4.53
N ALA E 143 -11.44 -33.04 -4.28
CA ALA E 143 -12.67 -32.90 -3.45
C ALA E 143 -12.37 -32.59 -2.00
N THR E 144 -11.14 -32.90 -1.57
CA THR E 144 -10.73 -32.68 -0.18
C THR E 144 -9.83 -31.44 -0.06
N GLY E 145 -9.56 -30.79 -1.19
CA GLY E 145 -8.67 -29.62 -1.31
C GLY E 145 -7.26 -29.89 -0.82
N ASP E 146 -6.75 -31.08 -1.15
CA ASP E 146 -5.47 -31.55 -0.64
C ASP E 146 -4.40 -31.27 -1.71
N HIS E 147 -3.54 -30.29 -1.43
CA HIS E 147 -2.45 -29.87 -2.33
C HIS E 147 -1.11 -30.57 -2.07
N SER E 148 -1.10 -31.60 -1.25
CA SER E 148 0.17 -32.20 -0.82
C SER E 148 0.83 -33.19 -1.78
N SER E 149 0.24 -33.44 -2.96
CA SER E 149 0.74 -34.47 -3.87
C SER E 149 1.00 -33.89 -5.26
N PRO E 150 1.53 -34.70 -6.20
CA PRO E 150 1.68 -34.20 -7.57
C PRO E 150 0.35 -33.99 -8.33
N TYR E 151 -0.79 -34.34 -7.71
CA TYR E 151 -2.09 -33.96 -8.29
C TYR E 151 -2.36 -32.47 -8.03
N ILE E 152 -2.71 -31.75 -9.09
CA ILE E 152 -2.89 -30.29 -9.01
C ILE E 152 -4.36 -29.95 -8.89
N VAL E 153 -4.77 -29.58 -7.69
CA VAL E 153 -6.22 -29.44 -7.45
C VAL E 153 -6.84 -28.37 -8.36
N LYS E 154 -6.09 -27.28 -8.61
CA LYS E 154 -6.58 -26.25 -9.51
C LYS E 154 -6.74 -26.74 -10.95
N ASP E 155 -5.85 -27.63 -11.41
CA ASP E 155 -6.00 -28.22 -12.74
C ASP E 155 -7.24 -29.12 -12.75
N ILE E 156 -7.34 -29.98 -11.73
CA ILE E 156 -8.48 -30.91 -11.65
C ILE E 156 -9.81 -30.14 -11.66
N GLU E 157 -9.85 -29.04 -10.90
CA GLU E 157 -11.00 -28.14 -10.89
C GLU E 157 -11.43 -27.73 -12.31
N ALA E 158 -10.47 -27.26 -13.12
CA ALA E 158 -10.75 -26.94 -14.52
C ALA E 158 -11.21 -28.16 -15.35
N TRP E 159 -10.65 -29.35 -15.11
CA TRP E 159 -11.10 -30.55 -15.83
C TRP E 159 -12.59 -30.75 -15.60
N LEU E 160 -12.99 -30.59 -14.34
CA LEU E 160 -14.34 -30.90 -13.89
C LEU E 160 -15.34 -29.76 -14.13
N ALA E 161 -14.85 -28.61 -14.59
CA ALA E 161 -15.68 -27.39 -14.76
C ALA E 161 -16.71 -27.56 -15.86
N THR E 162 -16.43 -28.49 -16.78
CA THR E 162 -17.33 -28.81 -17.90
CA THR E 162 -17.32 -28.82 -17.91
C THR E 162 -17.32 -30.34 -18.15
N PRO E 163 -18.46 -30.90 -18.58
CA PRO E 163 -18.48 -32.32 -18.98
C PRO E 163 -17.44 -32.62 -20.05
N ARG E 164 -16.79 -33.78 -19.92
CA ARG E 164 -15.81 -34.23 -20.91
C ARG E 164 -15.99 -35.70 -21.19
N ASN E 165 -15.39 -36.14 -22.29
CA ASN E 165 -15.57 -37.47 -22.84
C ASN E 165 -14.62 -38.45 -22.16
N TRP E 166 -14.69 -38.52 -20.82
CA TRP E 166 -13.89 -39.52 -20.07
C TRP E 166 -14.21 -40.96 -20.46
N ASP E 167 -13.17 -41.74 -20.71
CA ASP E 167 -13.30 -43.17 -20.98
C ASP E 167 -12.31 -43.88 -20.04
N LEU E 168 -12.81 -44.42 -18.92
CA LEU E 168 -11.91 -44.89 -17.85
C LEU E 168 -11.54 -46.35 -18.02
N VAL E 169 -10.25 -46.64 -18.03
CA VAL E 169 -9.77 -48.02 -18.21
C VAL E 169 -10.03 -48.82 -16.92
N GLY E 170 -10.67 -49.98 -17.04
CA GLY E 170 -10.97 -50.79 -15.85
C GLY E 170 -9.66 -51.34 -15.29
N ARG E 171 -9.58 -51.51 -13.97
CA ARG E 171 -8.30 -51.98 -13.43
C ARG E 171 -7.93 -53.40 -13.90
N ASP E 172 -8.92 -54.18 -14.35
CA ASP E 172 -8.64 -55.54 -14.86
C ASP E 172 -8.48 -55.62 -16.38
N GLU E 173 -8.52 -54.48 -17.05
CA GLU E 173 -8.31 -54.43 -18.50
CA GLU E 173 -8.34 -54.42 -18.49
C GLU E 173 -6.83 -54.56 -18.77
N ARG E 174 -6.42 -55.41 -19.70
CA ARG E 174 -4.98 -55.57 -19.89
C ARG E 174 -4.42 -54.62 -20.95
N GLU E 175 -5.08 -54.58 -22.10
CA GLU E 175 -4.67 -53.72 -23.20
C GLU E 175 -5.84 -53.43 -24.11
N ARG E 176 -5.73 -52.37 -24.91
CA ARG E 176 -6.75 -52.05 -25.93
C ARG E 176 -6.05 -51.60 -27.16
N GLU E 177 -6.48 -52.13 -28.32
N GLU E 177 -6.49 -52.10 -28.33
CA GLU E 177 -6.01 -51.58 -29.59
CA GLU E 177 -5.95 -51.60 -29.59
C GLU E 177 -6.72 -50.26 -29.79
C GLU E 177 -6.67 -50.30 -29.96
N LEU E 178 -5.96 -49.17 -29.95
CA LEU E 178 -6.54 -47.87 -30.28
C LEU E 178 -6.70 -47.66 -31.80
N ALA E 179 -5.76 -48.20 -32.55
CA ALA E 179 -5.69 -48.14 -34.03
C ALA E 179 -4.71 -49.24 -34.43
N PRO E 180 -4.64 -49.59 -35.74
CA PRO E 180 -3.59 -50.55 -36.13
C PRO E 180 -2.18 -50.10 -35.72
N GLY E 181 -1.47 -50.98 -35.03
CA GLY E 181 -0.11 -50.72 -34.52
C GLY E 181 -0.05 -49.78 -33.33
N VAL E 182 -1.21 -49.51 -32.71
CA VAL E 182 -1.26 -48.60 -31.57
C VAL E 182 -2.01 -49.27 -30.42
N ASN E 183 -1.26 -49.75 -29.44
CA ASN E 183 -1.86 -50.50 -28.35
C ASN E 183 -1.66 -49.83 -27.03
N LEU E 184 -2.79 -49.63 -26.36
CA LEU E 184 -2.80 -49.05 -25.04
C LEU E 184 -2.54 -50.16 -24.03
N LEU E 185 -1.54 -49.99 -23.18
CA LEU E 185 -1.21 -51.00 -22.17
C LEU E 185 -1.56 -50.53 -20.76
N ASN E 186 -2.26 -51.37 -20.02
CA ASN E 186 -2.61 -51.01 -18.67
C ASN E 186 -1.54 -51.54 -17.74
N PHE E 187 -0.64 -50.67 -17.33
CA PHE E 187 0.44 -51.04 -16.40
C PHE E 187 -0.10 -51.12 -14.96
N GLY E 188 -1.20 -50.43 -14.70
CA GLY E 188 -1.80 -50.45 -13.38
C GLY E 188 -0.98 -49.74 -12.30
N THR E 189 -1.18 -50.19 -11.06
CA THR E 189 -0.61 -49.53 -9.90
C THR E 189 0.95 -49.58 -9.87
N GLY E 190 1.59 -48.46 -9.55
CA GLY E 190 3.06 -48.41 -9.44
C GLY E 190 3.51 -47.02 -9.03
N HIS E 191 4.13 -46.26 -9.97
CA HIS E 191 4.48 -44.86 -9.70
C HIS E 191 3.29 -44.12 -9.10
N ALA E 192 2.12 -44.33 -9.70
CA ALA E 192 0.88 -43.77 -9.20
C ALA E 192 -0.18 -44.88 -9.17
N SER E 193 -1.47 -44.53 -8.96
CA SER E 193 -2.46 -45.57 -8.77
CA SER E 193 -2.57 -45.48 -8.80
C SER E 193 -2.83 -46.31 -10.06
N GLY E 194 -2.69 -45.67 -11.23
CA GLY E 194 -3.06 -46.35 -12.48
C GLY E 194 -2.28 -45.81 -13.67
N MET E 195 -1.25 -46.56 -14.07
CA MET E 195 -0.32 -46.13 -15.13
C MET E 195 -0.72 -46.77 -16.44
N LEU E 196 -0.70 -45.95 -17.48
CA LEU E 196 -0.96 -46.40 -18.85
C LEU E 196 0.24 -46.12 -19.76
N GLY E 197 0.49 -47.06 -20.66
CA GLY E 197 1.59 -46.96 -21.60
C GLY E 197 0.98 -47.08 -22.99
N LEU E 198 1.80 -46.79 -23.99
CA LEU E 198 1.32 -46.82 -25.38
C LEU E 198 2.41 -47.39 -26.28
N ALA E 199 2.10 -48.51 -26.91
CA ALA E 199 3.01 -49.13 -27.89
C ALA E 199 2.66 -48.66 -29.31
N VAL E 200 3.64 -48.09 -30.01
CA VAL E 200 3.40 -47.49 -31.34
C VAL E 200 4.34 -48.14 -32.34
N ARG E 201 3.79 -48.99 -33.21
N ARG E 201 3.77 -48.98 -33.21
CA ARG E 201 4.58 -49.64 -34.28
CA ARG E 201 4.52 -49.57 -34.32
C ARG E 201 4.68 -48.75 -35.53
C ARG E 201 4.74 -48.52 -35.41
N LEU E 202 5.91 -48.58 -36.03
CA LEU E 202 6.18 -47.69 -37.15
C LEU E 202 6.58 -48.50 -38.38
N GLU E 203 7.01 -47.76 -39.41
CA GLU E 203 7.37 -48.34 -40.70
C GLU E 203 8.85 -48.37 -41.04
N LYS E 204 9.56 -47.25 -40.87
CA LYS E 204 11.02 -47.24 -41.09
C LYS E 204 11.75 -47.98 -39.95
N GLN E 205 11.11 -47.95 -38.76
N GLN E 205 11.15 -47.98 -38.76
CA GLN E 205 11.58 -48.57 -37.50
CA GLN E 205 11.67 -48.74 -37.62
C GLN E 205 10.47 -49.48 -36.92
C GLN E 205 10.53 -49.41 -36.85
N PRO E 206 10.83 -50.49 -36.10
CA PRO E 206 9.75 -51.22 -35.38
C PRO E 206 8.83 -50.30 -34.56
N GLY E 207 9.38 -49.26 -33.94
CA GLY E 207 8.55 -48.29 -33.21
C GLY E 207 8.98 -48.10 -31.77
N PHE E 208 8.07 -47.52 -30.97
CA PHE E 208 8.39 -47.03 -29.64
C PHE E 208 7.38 -47.53 -28.61
N LEU E 209 7.84 -47.74 -27.39
CA LEU E 209 6.93 -47.95 -26.25
C LEU E 209 7.01 -46.74 -25.33
N LEU E 210 5.91 -46.02 -25.24
CA LEU E 210 5.81 -44.82 -24.41
C LEU E 210 5.40 -45.24 -23.00
N VAL E 211 6.23 -44.90 -22.03
CA VAL E 211 5.97 -45.43 -20.68
C VAL E 211 5.78 -44.38 -19.62
N SER E 212 6.12 -43.13 -19.93
CA SER E 212 5.97 -42.01 -19.01
C SER E 212 6.68 -42.31 -17.67
N ASP E 213 6.02 -42.02 -16.56
CA ASP E 213 6.61 -42.22 -15.23
C ASP E 213 6.68 -43.67 -14.71
N ALA E 214 6.19 -44.64 -15.49
CA ALA E 214 6.48 -46.06 -15.19
C ALA E 214 7.99 -46.30 -15.24
N CYS E 215 8.71 -45.40 -15.91
CA CYS E 215 10.19 -45.42 -15.89
C CYS E 215 10.72 -44.06 -16.28
N TYR E 216 11.23 -43.32 -15.29
CA TYR E 216 11.66 -41.96 -15.48
C TYR E 216 12.83 -41.84 -16.47
N THR E 217 13.86 -42.68 -16.27
CA THR E 217 15.13 -42.56 -17.03
C THR E 217 15.74 -43.92 -17.36
N ALA E 218 16.71 -43.91 -18.27
CA ALA E 218 17.48 -45.11 -18.58
C ALA E 218 18.21 -45.64 -17.32
N THR E 219 18.55 -44.77 -16.39
CA THR E 219 19.23 -45.31 -15.19
C THR E 219 18.24 -46.05 -14.25
N ASN E 220 17.00 -45.59 -14.18
CA ASN E 220 15.92 -46.43 -13.58
C ASN E 220 15.73 -47.78 -14.28
N TYR E 221 15.82 -47.76 -15.62
CA TYR E 221 15.59 -48.94 -16.45
C TYR E 221 16.70 -50.01 -16.30
N GLY E 222 17.94 -49.55 -16.30
CA GLY E 222 19.07 -50.46 -16.20
C GLY E 222 19.18 -51.37 -17.42
N PRO E 223 19.60 -52.62 -17.21
CA PRO E 223 19.81 -53.20 -15.90
C PRO E 223 21.16 -52.79 -15.29
N PRO E 224 21.26 -52.79 -13.94
CA PRO E 224 20.22 -53.23 -12.99
C PRO E 224 19.12 -52.17 -12.79
N ALA E 225 17.87 -52.60 -12.62
CA ALA E 225 16.77 -51.66 -12.38
C ALA E 225 17.03 -50.86 -11.10
N ARG E 226 16.75 -49.57 -11.14
CA ARG E 226 16.93 -48.70 -9.96
C ARG E 226 15.68 -47.85 -9.70
N ARG E 227 15.08 -48.05 -8.54
CA ARG E 227 13.85 -47.36 -8.17
CA ARG E 227 13.85 -47.35 -8.17
C ARG E 227 13.95 -45.82 -8.20
N ALA E 228 12.89 -45.18 -8.70
CA ALA E 228 12.70 -43.75 -8.54
C ALA E 228 12.33 -43.51 -7.10
N GLY E 229 12.35 -42.24 -6.70
CA GLY E 229 11.83 -41.83 -5.41
C GLY E 229 10.33 -41.65 -5.56
N VAL E 230 9.68 -41.33 -4.45
CA VAL E 230 8.26 -40.97 -4.34
C VAL E 230 7.31 -41.85 -5.18
N LEU E 231 7.45 -43.16 -5.00
CA LEU E 231 6.61 -44.16 -5.69
C LEU E 231 5.39 -44.46 -4.85
N HIS E 232 4.21 -44.51 -5.47
CA HIS E 232 3.02 -44.87 -4.72
C HIS E 232 3.15 -46.35 -4.23
N ASP E 233 3.46 -47.23 -5.18
CA ASP E 233 3.40 -48.68 -4.98
C ASP E 233 4.69 -49.25 -5.57
N THR E 234 5.66 -49.53 -4.70
CA THR E 234 6.96 -50.00 -5.13
C THR E 234 6.91 -51.38 -5.82
N ILE E 235 6.14 -52.31 -5.28
CA ILE E 235 6.01 -53.66 -5.91
C ILE E 235 5.41 -53.55 -7.28
N GLY E 236 4.30 -52.82 -7.39
CA GLY E 236 3.67 -52.56 -8.71
C GLY E 236 4.64 -51.90 -9.69
N TYR E 237 5.42 -50.96 -9.18
CA TYR E 237 6.42 -50.25 -9.98
C TYR E 237 7.47 -51.25 -10.52
N ASP E 238 8.02 -52.06 -9.62
CA ASP E 238 9.07 -53.03 -10.01
C ASP E 238 8.52 -53.99 -11.07
N ARG E 239 7.33 -54.51 -10.81
CA ARG E 239 6.68 -55.45 -11.74
C ARG E 239 6.44 -54.81 -13.12
N THR E 240 6.12 -53.52 -13.09
CA THR E 240 5.81 -52.79 -14.33
C THR E 240 7.08 -52.55 -15.14
N VAL E 241 8.19 -52.20 -14.49
CA VAL E 241 9.49 -52.11 -15.19
C VAL E 241 9.89 -53.44 -15.89
N SER E 242 9.75 -54.56 -15.19
CA SER E 242 10.04 -55.85 -15.81
C SER E 242 9.10 -56.13 -16.99
N HIS E 243 7.81 -55.81 -16.82
CA HIS E 243 6.85 -55.96 -17.93
C HIS E 243 7.21 -55.10 -19.14
N ILE E 244 7.59 -53.85 -18.90
CA ILE E 244 8.05 -52.93 -19.95
C ILE E 244 9.24 -53.53 -20.73
N ARG E 245 10.24 -54.02 -20.00
CA ARG E 245 11.42 -54.68 -20.58
C ARG E 245 11.02 -55.87 -21.47
N GLN E 246 10.26 -56.81 -20.93
CA GLN E 246 9.84 -57.97 -21.70
C GLN E 246 8.99 -57.58 -22.92
N TYR E 247 8.06 -56.66 -22.75
CA TYR E 247 7.16 -56.26 -23.84
C TYR E 247 7.90 -55.61 -25.01
N ALA E 248 8.77 -54.65 -24.67
CA ALA E 248 9.52 -53.90 -25.66
C ALA E 248 10.60 -54.76 -26.34
N GLU E 249 11.32 -55.56 -25.55
CA GLU E 249 12.42 -56.37 -26.09
C GLU E 249 11.95 -57.46 -27.05
N SER E 250 10.86 -58.12 -26.70
CA SER E 250 10.30 -59.16 -27.55
C SER E 250 9.76 -58.58 -28.88
N ARG E 251 9.68 -57.26 -28.96
CA ARG E 251 9.12 -56.57 -30.12
C ARG E 251 10.10 -55.56 -30.75
N SER E 252 11.28 -55.44 -30.15
CA SER E 252 12.33 -54.51 -30.62
C SER E 252 11.83 -53.06 -30.63
N LEU E 253 10.94 -52.74 -29.70
CA LEU E 253 10.51 -51.38 -29.52
C LEU E 253 11.54 -50.69 -28.65
N THR E 254 11.89 -49.47 -29.03
CA THR E 254 12.64 -48.57 -28.18
C THR E 254 11.72 -47.96 -27.13
N VAL E 255 12.11 -48.11 -25.87
CA VAL E 255 11.37 -47.55 -24.75
C VAL E 255 11.64 -46.06 -24.60
N LEU E 256 10.59 -45.26 -24.62
CA LEU E 256 10.75 -43.82 -24.44
C LEU E 256 10.36 -43.44 -23.00
N PHE E 257 11.34 -42.95 -22.26
CA PHE E 257 11.20 -42.70 -20.83
C PHE E 257 10.46 -41.42 -20.50
N GLY E 258 9.93 -41.33 -19.29
CA GLY E 258 9.17 -40.16 -18.83
C GLY E 258 9.95 -38.86 -18.82
N HIS E 259 11.20 -38.91 -18.31
CA HIS E 259 11.96 -37.70 -18.02
C HIS E 259 13.48 -37.90 -18.18
N ASP E 260 13.89 -38.39 -19.32
CA ASP E 260 15.30 -38.69 -19.57
C ASP E 260 15.96 -37.63 -20.47
N ARG E 261 16.71 -36.73 -19.83
CA ARG E 261 17.37 -35.60 -20.51
CA ARG E 261 17.34 -35.60 -20.51
C ARG E 261 18.09 -36.01 -21.78
N GLU E 262 18.92 -37.03 -21.66
CA GLU E 262 19.80 -37.37 -22.76
C GLU E 262 19.13 -38.17 -23.87
N GLN E 263 18.12 -38.96 -23.52
CA GLN E 263 17.28 -39.56 -24.55
C GLN E 263 16.48 -38.47 -25.27
N PHE E 264 15.91 -37.53 -24.53
CA PHE E 264 15.09 -36.47 -25.11
C PHE E 264 15.89 -35.51 -26.02
N ALA E 265 17.16 -35.28 -25.69
N ALA E 265 17.16 -35.28 -25.66
CA ALA E 265 18.12 -34.76 -26.66
CA ALA E 265 18.07 -34.42 -26.40
C ALA E 265 18.42 -35.94 -27.57
C ALA E 265 18.16 -34.84 -27.86
N SER E 266 18.41 -35.79 -28.88
N SER E 266 18.26 -36.15 -28.07
CA SER E 266 18.64 -36.99 -29.64
CA SER E 266 18.05 -36.70 -29.39
C SER E 266 17.38 -37.43 -30.37
C SER E 266 16.57 -36.53 -29.69
N LEU E 267 16.24 -36.96 -29.91
N LEU E 267 16.25 -35.80 -30.76
CA LEU E 267 14.97 -37.31 -30.54
CA LEU E 267 14.90 -35.25 -30.93
C LEU E 267 14.68 -36.60 -31.85
C LEU E 267 14.60 -34.83 -32.37
N ILE E 268 14.11 -35.41 -31.79
N ILE E 268 13.71 -35.57 -33.03
CA ILE E 268 13.64 -34.70 -33.00
CA ILE E 268 13.21 -35.06 -34.31
C ILE E 268 12.30 -34.11 -32.63
C ILE E 268 12.00 -34.17 -33.97
N LYS E 269 12.31 -32.81 -32.34
N LYS E 269 11.78 -34.00 -32.67
CA LYS E 269 11.11 -32.10 -31.91
CA LYS E 269 11.03 -32.86 -32.15
C LYS E 269 10.11 -31.85 -33.05
C LYS E 269 10.00 -32.32 -33.16
N SER E 270 8.82 -31.88 -32.70
CA SER E 270 7.70 -31.61 -33.62
C SER E 270 7.79 -30.37 -34.56
N THR E 271 8.53 -29.35 -34.12
CA THR E 271 8.71 -28.15 -34.94
C THR E 271 9.73 -28.41 -36.03
N ASP E 272 10.57 -29.43 -35.88
CA ASP E 272 11.46 -29.74 -36.98
C ASP E 272 11.56 -31.18 -37.44
N GLY E 273 10.46 -31.91 -37.26
CA GLY E 273 10.32 -33.25 -37.85
C GLY E 273 9.35 -34.16 -37.12
N PHE E 274 9.33 -35.41 -37.59
CA PHE E 274 8.51 -36.45 -37.00
C PHE E 274 9.10 -37.79 -37.36
N TYR E 275 8.66 -38.86 -36.67
CA TYR E 275 9.10 -40.23 -36.90
C TYR E 275 8.05 -40.96 -37.72
N GLU E 276 8.51 -41.91 -38.52
CA GLU E 276 7.71 -42.54 -39.56
C GLU E 276 8.03 -44.01 -39.56
N MET F 1 34.54 -17.42 11.47
CA MET F 1 33.67 -16.20 11.55
C MET F 1 33.69 -15.56 12.94
N GLY F 2 33.74 -14.22 12.96
CA GLY F 2 33.68 -13.50 14.22
C GLY F 2 32.27 -13.48 14.78
N ASN F 3 32.13 -12.95 15.99
CA ASN F 3 30.80 -12.82 16.59
C ASN F 3 30.03 -11.63 15.99
N LYS F 4 28.72 -11.78 15.90
CA LYS F 4 27.82 -10.70 15.47
C LYS F 4 26.89 -10.37 16.62
N LEU F 5 26.81 -9.09 16.96
CA LEU F 5 25.91 -8.64 18.02
C LEU F 5 24.77 -7.83 17.42
N PHE F 6 23.54 -8.19 17.82
CA PHE F 6 22.33 -7.55 17.37
C PHE F 6 21.61 -6.93 18.57
N VAL F 7 21.18 -5.69 18.40
CA VAL F 7 20.56 -4.91 19.48
C VAL F 7 19.06 -4.95 19.29
N LEU F 8 18.35 -5.57 20.23
CA LEU F 8 16.90 -5.76 20.09
C LEU F 8 16.15 -4.69 20.89
N ASP F 9 15.24 -4.02 20.19
CA ASP F 9 14.47 -2.92 20.75
C ASP F 9 13.18 -3.49 21.30
N LEU F 10 13.06 -3.56 22.64
CA LEU F 10 11.91 -4.22 23.29
C LEU F 10 11.00 -3.21 24.01
N GLY F 11 10.99 -1.98 23.50
CA GLY F 11 10.06 -0.95 23.93
C GLY F 11 10.58 -0.07 25.05
N GLU F 12 9.65 0.54 25.79
CA GLU F 12 10.01 1.50 26.83
C GLU F 12 9.15 1.36 28.08
N ILE F 13 9.68 1.85 29.20
CA ILE F 13 8.95 1.96 30.46
C ILE F 13 8.96 3.43 30.86
N ARG F 14 7.83 3.92 31.36
CA ARG F 14 7.70 5.28 31.88
C ARG F 14 7.71 5.23 33.40
N VAL F 15 8.67 5.90 34.02
CA VAL F 15 8.90 5.76 35.44
C VAL F 15 9.45 7.04 36.05
N ASP F 16 9.21 7.24 37.35
CA ASP F 16 9.79 8.35 38.10
C ASP F 16 11.33 8.27 38.08
N GLU F 17 11.96 9.37 37.68
CA GLU F 17 13.43 9.42 37.58
C GLU F 17 14.13 9.07 38.90
N ASN F 18 13.48 9.34 40.03
CA ASN F 18 14.06 9.01 41.34
C ASN F 18 14.31 7.51 41.57
N PHE F 19 13.65 6.66 40.79
CA PHE F 19 13.94 5.23 40.86
C PHE F 19 15.23 4.87 40.10
N ILE F 20 15.54 5.68 39.08
CA ILE F 20 16.65 5.39 38.18
C ILE F 20 17.97 6.01 38.70
N ILE F 21 17.88 7.27 39.14
CA ILE F 21 18.97 7.94 39.79
C ILE F 21 18.42 8.45 41.12
N ALA F 22 18.84 7.82 42.22
CA ALA F 22 18.24 8.07 43.53
C ALA F 22 18.40 9.54 43.91
N ASN F 23 17.32 10.11 44.45
CA ASN F 23 17.34 11.51 44.92
C ASN F 23 17.75 12.54 43.88
N SER F 24 17.46 12.30 42.61
CA SER F 24 17.70 13.40 41.67
C SER F 24 16.72 14.59 41.87
N THR F 25 15.60 14.34 42.53
CA THR F 25 14.71 15.41 42.97
C THR F 25 14.27 15.18 44.41
N PHE F 26 14.37 16.23 45.22
CA PHE F 26 13.82 16.25 46.55
C PHE F 26 13.38 17.66 46.96
N VAL F 27 12.59 17.73 48.01
CA VAL F 27 11.92 18.92 48.45
C VAL F 27 12.81 19.53 49.56
N THR F 28 12.86 20.86 49.66
CA THR F 28 13.61 21.55 50.72
C THR F 28 12.83 22.80 51.19
N PRO F 29 13.18 23.37 52.35
CA PRO F 29 12.48 24.62 52.77
C PRO F 29 12.35 25.75 51.71
N GLN F 30 13.34 25.85 50.81
CA GLN F 30 13.30 26.85 49.72
C GLN F 30 12.40 26.41 48.57
N LYS F 31 12.09 25.11 48.50
CA LYS F 31 11.23 24.59 47.47
C LYS F 31 10.37 23.45 48.04
N PRO F 32 9.41 23.80 48.92
CA PRO F 32 8.62 22.80 49.66
C PRO F 32 7.70 21.89 48.84
N THR F 33 7.46 22.24 47.58
CA THR F 33 6.56 21.49 46.67
C THR F 33 7.18 21.41 45.25
N VAL F 34 7.50 20.19 44.84
CA VAL F 34 8.05 19.88 43.51
CA VAL F 34 7.99 19.90 43.48
C VAL F 34 7.50 18.52 43.09
N SER F 35 7.37 18.30 41.79
CA SER F 35 7.13 16.95 41.29
C SER F 35 8.43 16.50 40.66
N SER F 36 8.89 15.30 41.00
CA SER F 36 9.97 14.64 40.27
C SER F 36 9.48 14.46 38.83
N ARG F 37 10.36 14.10 37.90
CA ARG F 37 9.89 13.88 36.53
C ARG F 37 9.77 12.42 36.12
N LEU F 38 8.77 12.16 35.28
CA LEU F 38 8.65 10.89 34.58
C LEU F 38 9.63 10.89 33.39
N ILE F 39 10.29 9.75 33.20
CA ILE F 39 11.22 9.55 32.09
C ILE F 39 10.87 8.24 31.38
N ASP F 40 11.16 8.19 30.09
CA ASP F 40 10.94 6.96 29.33
C ASP F 40 12.29 6.29 29.15
N ILE F 41 12.39 5.05 29.64
CA ILE F 41 13.65 4.31 29.56
C ILE F 41 13.51 3.14 28.60
N PRO F 42 14.59 2.82 27.85
CA PRO F 42 14.51 1.71 26.90
C PRO F 42 14.56 0.33 27.59
N VAL F 43 13.83 -0.63 27.03
CA VAL F 43 13.96 -2.04 27.43
C VAL F 43 14.60 -2.77 26.26
N SER F 44 15.68 -3.51 26.51
CA SER F 44 16.33 -4.21 25.39
C SER F 44 16.86 -5.61 25.70
N ALA F 45 17.23 -6.31 24.64
CA ALA F 45 17.92 -7.59 24.73
C ALA F 45 18.99 -7.60 23.65
N TYR F 46 19.84 -8.62 23.63
CA TYR F 46 21.00 -8.66 22.75
C TYR F 46 21.20 -10.05 22.20
N LEU F 47 21.26 -10.16 20.87
CA LEU F 47 21.47 -11.46 20.23
C LEU F 47 22.93 -11.58 19.78
N ILE F 48 23.63 -12.59 20.28
CA ILE F 48 25.03 -12.84 19.90
C ILE F 48 25.10 -14.10 19.05
N GLN F 49 25.44 -13.90 17.77
CA GLN F 49 25.65 -15.02 16.86
C GLN F 49 27.13 -15.41 16.83
N CYS F 50 27.40 -16.65 17.22
CA CYS F 50 28.74 -17.22 17.23
C CYS F 50 28.76 -18.37 16.23
N THR F 51 29.95 -18.89 15.96
CA THR F 51 30.10 -19.99 15.00
C THR F 51 29.38 -21.26 15.47
N ASP F 52 29.49 -21.56 16.77
CA ASP F 52 28.98 -22.80 17.36
CA ASP F 52 28.91 -22.82 17.27
C ASP F 52 27.70 -22.64 18.19
N ALA F 53 27.25 -21.38 18.37
CA ALA F 53 26.13 -21.07 19.27
C ALA F 53 25.46 -19.75 18.91
N THR F 54 24.23 -19.58 19.36
CA THR F 54 23.61 -18.26 19.40
C THR F 54 23.09 -17.98 20.81
N VAL F 55 23.58 -16.89 21.38
CA VAL F 55 23.30 -16.50 22.77
C VAL F 55 22.40 -15.27 22.80
N LEU F 56 21.39 -15.30 23.66
CA LEU F 56 20.52 -14.14 23.89
C LEU F 56 20.75 -13.63 25.31
N TYR F 57 20.99 -12.32 25.45
CA TYR F 57 21.12 -11.69 26.77
C TYR F 57 19.86 -10.90 27.07
N ASP F 58 19.13 -11.34 28.09
CA ASP F 58 17.85 -10.76 28.52
C ASP F 58 16.72 -10.97 27.50
N THR F 59 15.48 -10.72 27.93
CA THR F 59 14.32 -11.14 27.10
C THR F 59 13.15 -10.16 27.12
N GLY F 60 13.32 -9.00 27.73
CA GLY F 60 12.25 -8.01 27.74
C GLY F 60 11.10 -8.33 28.66
N CYS F 61 9.98 -7.64 28.44
CA CYS F 61 8.75 -7.86 29.23
C CYS F 61 7.92 -8.90 28.52
N HIS F 62 7.01 -9.55 29.24
CA HIS F 62 6.05 -10.42 28.58
C HIS F 62 5.22 -9.58 27.59
N PRO F 63 4.96 -10.11 26.36
CA PRO F 63 4.18 -9.34 25.37
C PRO F 63 2.83 -8.86 25.88
N GLU F 64 2.29 -9.56 26.88
CA GLU F 64 1.01 -9.22 27.45
C GLU F 64 1.14 -8.79 28.91
N CYS F 65 2.17 -8.00 29.23
CA CYS F 65 2.34 -7.53 30.62
C CYS F 65 1.25 -6.53 31.04
N MET F 66 0.80 -5.73 30.08
CA MET F 66 -0.16 -4.65 30.35
C MET F 66 -1.59 -5.10 30.04
N GLY F 67 -2.55 -4.42 30.68
CA GLY F 67 -3.96 -4.69 30.47
C GLY F 67 -4.64 -5.23 31.72
N THR F 68 -5.98 -5.26 31.69
CA THR F 68 -6.78 -5.81 32.79
C THR F 68 -6.50 -7.30 33.02
N ASN F 69 -6.22 -8.03 31.94
N ASN F 69 -6.15 -7.98 31.94
CA ASN F 69 -5.77 -9.43 32.04
CA ASN F 69 -5.78 -9.39 31.94
C ASN F 69 -4.25 -9.53 31.84
C ASN F 69 -4.25 -9.60 32.11
N GLY F 70 -3.53 -8.49 32.25
CA GLY F 70 -2.08 -8.45 32.08
C GLY F 70 -1.27 -9.21 33.12
N ARG F 71 -0.06 -9.61 32.74
CA ARG F 71 0.83 -10.32 33.67
C ARG F 71 1.19 -9.47 34.91
N TRP F 72 1.33 -8.15 34.72
CA TRP F 72 1.78 -7.25 35.79
C TRP F 72 0.62 -6.87 36.73
N PRO F 73 0.88 -6.82 38.06
CA PRO F 73 -0.15 -6.36 38.98
C PRO F 73 -0.70 -5.00 38.56
N ALA F 74 -1.97 -4.72 38.91
CA ALA F 74 -2.62 -3.48 38.51
C ALA F 74 -1.81 -2.29 39.00
N GLN F 75 -1.35 -2.38 40.24
CA GLN F 75 -0.65 -1.27 40.89
C GLN F 75 0.68 -0.99 40.19
N SER F 76 1.34 -2.05 39.73
CA SER F 76 2.61 -1.92 39.00
C SER F 76 2.41 -1.28 37.64
N GLN F 77 1.28 -1.60 37.01
CA GLN F 77 0.94 -1.06 35.70
C GLN F 77 0.72 0.45 35.75
N LEU F 78 0.13 0.91 36.86
CA LEU F 78 -0.12 2.34 37.14
C LEU F 78 1.19 3.08 37.40
N ASN F 79 2.02 2.50 38.29
CA ASN F 79 3.27 3.09 38.76
C ASN F 79 4.36 3.23 37.70
N ALA F 80 4.61 2.15 36.95
CA ALA F 80 5.65 2.14 35.90
C ALA F 80 5.22 1.32 34.69
N PRO F 81 4.35 1.90 33.84
CA PRO F 81 3.83 1.11 32.73
C PRO F 81 4.84 0.83 31.62
N TYR F 82 4.66 -0.31 30.97
CA TYR F 82 5.31 -0.60 29.73
C TYR F 82 4.56 0.18 28.65
N ILE F 83 5.30 0.85 27.77
CA ILE F 83 4.68 1.74 26.79
C ILE F 83 5.21 1.53 25.37
N GLY F 84 5.75 0.35 25.12
CA GLY F 84 6.31 0.03 23.82
C GLY F 84 5.29 -0.14 22.69
N ALA F 85 5.78 0.01 21.46
CA ALA F 85 5.00 -0.27 20.24
C ALA F 85 4.75 -1.76 20.07
N SER F 86 3.86 -2.12 19.14
CA SER F 86 3.46 -3.52 18.91
C SER F 86 4.63 -4.45 18.56
N GLU F 87 5.50 -3.98 17.67
CA GLU F 87 6.69 -4.71 17.19
C GLU F 87 7.74 -5.00 18.28
N CYS F 88 7.61 -4.34 19.43
CA CYS F 88 8.71 -4.27 20.43
C CYS F 88 8.67 -5.41 21.45
N ASN F 89 8.57 -6.64 20.97
CA ASN F 89 8.65 -7.82 21.83
C ASN F 89 9.65 -8.81 21.26
N LEU F 90 10.25 -9.59 22.15
CA LEU F 90 11.33 -10.50 21.80
C LEU F 90 10.92 -11.53 20.74
N PRO F 91 9.71 -12.16 20.87
CA PRO F 91 9.35 -13.10 19.80
C PRO F 91 9.35 -12.45 18.41
N GLU F 92 8.80 -11.24 18.30
CA GLU F 92 8.76 -10.52 17.02
C GLU F 92 10.14 -10.12 16.51
N ARG F 93 11.01 -9.67 17.42
CA ARG F 93 12.36 -9.27 17.05
C ARG F 93 13.18 -10.47 16.55
N LEU F 94 12.98 -11.61 17.19
CA LEU F 94 13.59 -12.85 16.71
C LEU F 94 13.07 -13.25 15.33
N ARG F 95 11.76 -13.19 15.12
CA ARG F 95 11.27 -13.61 13.83
C ARG F 95 11.57 -12.63 12.67
N GLN F 96 11.75 -11.35 12.99
CA GLN F 96 12.31 -10.36 12.04
C GLN F 96 13.71 -10.77 11.61
N LEU F 97 14.43 -11.46 12.51
CA LEU F 97 15.76 -12.01 12.19
C LEU F 97 15.70 -13.42 11.60
N GLY F 98 14.50 -13.95 11.39
CA GLY F 98 14.34 -15.31 10.88
C GLY F 98 14.66 -16.37 11.92
N LEU F 99 14.45 -16.02 13.19
CA LEU F 99 14.69 -16.95 14.28
C LEU F 99 13.43 -17.22 15.06
N SER F 100 13.37 -18.41 15.65
CA SER F 100 12.40 -18.74 16.68
C SER F 100 13.17 -18.98 18.00
N PRO F 101 12.44 -19.00 19.13
CA PRO F 101 13.10 -19.37 20.39
C PRO F 101 14.01 -20.62 20.35
N ASP F 102 13.56 -21.73 19.73
CA ASP F 102 14.40 -22.96 19.71
C ASP F 102 15.70 -22.83 18.90
N ASP F 103 15.80 -21.75 18.13
CA ASP F 103 17.03 -21.40 17.40
C ASP F 103 18.13 -20.82 18.31
N ILE F 104 17.73 -20.40 19.50
CA ILE F 104 18.68 -19.87 20.49
C ILE F 104 19.28 -21.00 21.33
N SER F 105 20.61 -21.07 21.35
CA SER F 105 21.36 -22.08 22.11
C SER F 105 21.22 -21.85 23.61
N THR F 106 21.47 -20.61 24.02
CA THR F 106 21.55 -20.23 25.42
C THR F 106 20.93 -18.85 25.59
N VAL F 107 19.96 -18.73 26.49
CA VAL F 107 19.62 -17.41 27.00
C VAL F 107 20.26 -17.14 28.37
N VAL F 108 20.92 -15.97 28.45
CA VAL F 108 21.52 -15.50 29.69
C VAL F 108 20.55 -14.48 30.27
N LEU F 109 20.01 -14.78 31.46
CA LEU F 109 19.13 -13.84 32.11
C LEU F 109 20.01 -13.02 33.05
N SER F 110 20.18 -11.72 32.79
CA SER F 110 20.92 -10.84 33.72
C SER F 110 20.45 -11.05 35.16
N HIS F 111 19.13 -11.21 35.29
CA HIS F 111 18.42 -11.50 36.55
C HIS F 111 16.95 -11.75 36.22
N LEU F 112 16.13 -12.00 37.24
CA LEU F 112 14.80 -12.53 36.93
C LEU F 112 13.62 -11.58 37.15
N HIS F 113 13.92 -10.28 37.06
CA HIS F 113 12.92 -9.24 37.24
C HIS F 113 12.07 -9.05 36.02
N ASN F 114 10.90 -8.44 36.26
CA ASN F 114 9.88 -8.10 35.29
C ASN F 114 10.29 -7.88 33.81
N ASP F 115 11.12 -6.86 33.52
CA ASP F 115 11.41 -6.48 32.14
C ASP F 115 12.75 -7.05 31.63
N HIS F 116 13.18 -8.14 32.26
CA HIS F 116 14.34 -8.88 31.81
C HIS F 116 14.09 -10.36 31.53
N ALA F 117 13.19 -10.95 32.31
CA ALA F 117 12.86 -12.37 32.20
C ALA F 117 11.45 -12.57 31.69
N GLY F 118 10.84 -11.50 31.19
CA GLY F 118 9.42 -11.54 30.79
C GLY F 118 9.07 -12.56 29.71
N CYS F 119 10.06 -12.95 28.90
CA CYS F 119 9.81 -13.92 27.84
C CYS F 119 10.48 -15.29 28.03
N VAL F 120 10.92 -15.56 29.25
CA VAL F 120 11.52 -16.86 29.55
C VAL F 120 10.58 -18.02 29.13
N GLU F 121 9.28 -17.85 29.30
CA GLU F 121 8.32 -18.92 29.02
C GLU F 121 8.27 -19.39 27.55
N TYR F 122 8.86 -18.62 26.63
CA TYR F 122 8.91 -18.98 25.22
C TYR F 122 10.01 -20.00 24.89
N PHE F 123 10.87 -20.24 25.86
CA PHE F 123 12.04 -21.08 25.65
C PHE F 123 11.88 -22.43 26.31
N GLY F 124 11.41 -23.38 25.52
CA GLY F 124 11.19 -24.76 25.96
C GLY F 124 12.42 -25.64 25.81
N LYS F 125 13.40 -25.19 25.03
CA LYS F 125 14.56 -26.04 24.73
C LYS F 125 15.91 -25.42 25.10
N SER F 126 16.06 -24.12 24.88
CA SER F 126 17.31 -23.39 25.11
C SER F 126 17.81 -23.51 26.55
N ARG F 127 19.12 -23.53 26.72
CA ARG F 127 19.70 -23.44 28.04
C ARG F 127 19.31 -22.09 28.63
N LEU F 128 18.86 -22.06 29.89
CA LEU F 128 18.52 -20.78 30.55
C LEU F 128 19.50 -20.59 31.67
N ILE F 129 20.43 -19.65 31.48
CA ILE F 129 21.43 -19.36 32.49
C ILE F 129 20.93 -18.22 33.39
N ALA F 130 20.81 -18.52 34.68
CA ALA F 130 20.46 -17.51 35.65
C ALA F 130 21.28 -17.77 36.90
N HIS F 131 21.51 -16.74 37.71
CA HIS F 131 22.21 -16.89 38.98
C HIS F 131 21.33 -17.71 39.93
N GLU F 132 21.92 -18.66 40.64
CA GLU F 132 21.18 -19.55 41.54
C GLU F 132 20.35 -18.76 42.55
N ASP F 133 20.91 -17.65 43.04
CA ASP F 133 20.18 -16.81 44.01
C ASP F 133 19.00 -16.07 43.41
N GLU F 134 19.07 -15.74 42.11
CA GLU F 134 17.94 -15.11 41.41
C GLU F 134 16.81 -16.09 41.23
N PHE F 135 17.16 -17.31 40.80
CA PHE F 135 16.18 -18.38 40.66
C PHE F 135 15.46 -18.62 41.98
N ALA F 136 16.22 -18.77 43.06
CA ALA F 136 15.65 -19.05 44.36
C ALA F 136 14.70 -17.91 44.79
N THR F 137 15.12 -16.65 44.62
CA THR F 137 14.33 -15.51 45.07
C THR F 137 13.01 -15.46 44.29
N ALA F 138 13.11 -15.60 42.97
CA ALA F 138 11.94 -15.58 42.08
C ALA F 138 10.89 -16.64 42.46
N VAL F 139 11.34 -17.88 42.69
CA VAL F 139 10.38 -18.95 42.97
C VAL F 139 9.79 -18.78 44.37
N ARG F 140 10.54 -18.15 45.27
CA ARG F 140 10.03 -17.85 46.61
CA ARG F 140 10.03 -17.85 46.61
C ARG F 140 8.86 -16.84 46.54
N TYR F 141 9.02 -15.78 45.78
CA TYR F 141 7.89 -14.84 45.57
C TYR F 141 6.71 -15.55 44.94
N PHE F 142 6.96 -16.38 43.93
CA PHE F 142 5.86 -17.11 43.29
C PHE F 142 5.18 -18.07 44.32
N ALA F 143 5.99 -18.86 45.04
CA ALA F 143 5.44 -19.91 45.94
C ALA F 143 4.57 -19.38 47.08
N THR F 144 4.80 -18.10 47.44
CA THR F 144 4.09 -17.45 48.55
C THR F 144 3.04 -16.46 48.03
N GLY F 145 2.92 -16.39 46.71
CA GLY F 145 1.94 -15.51 46.03
C GLY F 145 2.14 -14.02 46.33
N ASP F 146 3.41 -13.61 46.38
CA ASP F 146 3.82 -12.29 46.83
C ASP F 146 4.09 -11.42 45.60
N HIS F 147 3.19 -10.47 45.38
CA HIS F 147 3.21 -9.63 44.19
C HIS F 147 3.94 -8.29 44.42
N SER F 148 4.63 -8.16 45.55
CA SER F 148 5.15 -6.87 46.02
C SER F 148 6.50 -6.43 45.47
N SER F 149 7.12 -7.19 44.57
CA SER F 149 8.48 -6.85 44.11
C SER F 149 8.47 -6.80 42.59
N PRO F 150 9.60 -6.44 41.94
CA PRO F 150 9.70 -6.57 40.47
C PRO F 150 9.65 -8.00 39.90
N TYR F 151 9.60 -9.03 40.75
CA TYR F 151 9.37 -10.41 40.27
C TYR F 151 7.87 -10.57 40.00
N ILE F 152 7.53 -11.02 38.79
CA ILE F 152 6.15 -11.10 38.34
C ILE F 152 5.67 -12.53 38.56
N VAL F 153 4.81 -12.75 39.57
CA VAL F 153 4.43 -14.13 39.89
C VAL F 153 3.66 -14.82 38.76
N LYS F 154 2.87 -14.08 37.99
CA LYS F 154 2.20 -14.70 36.83
C LYS F 154 3.19 -15.15 35.75
N ASP F 155 4.29 -14.42 35.55
CA ASP F 155 5.33 -14.87 34.62
C ASP F 155 6.05 -16.12 35.15
N ILE F 156 6.39 -16.10 36.43
CA ILE F 156 7.13 -17.21 37.02
C ILE F 156 6.29 -18.50 36.94
N GLU F 157 5.00 -18.36 37.22
CA GLU F 157 3.99 -19.41 37.01
C GLU F 157 4.13 -20.04 35.62
N ALA F 158 4.24 -19.19 34.60
CA ALA F 158 4.37 -19.66 33.24
C ALA F 158 5.75 -20.30 33.00
N TRP F 159 6.82 -19.77 33.62
CA TRP F 159 8.14 -20.45 33.47
C TRP F 159 8.07 -21.88 34.03
N LEU F 160 7.35 -22.00 35.16
CA LEU F 160 7.33 -23.26 35.92
C LEU F 160 6.28 -24.25 35.40
N ALA F 161 5.52 -23.85 34.39
CA ALA F 161 4.40 -24.66 33.91
C ALA F 161 4.84 -25.87 33.12
N THR F 162 6.06 -25.81 32.59
CA THR F 162 6.64 -26.91 31.85
C THR F 162 8.14 -26.98 32.20
N PRO F 163 8.76 -28.18 32.20
CA PRO F 163 10.23 -28.24 32.46
C PRO F 163 11.02 -27.45 31.43
N ARG F 164 12.08 -26.78 31.89
CA ARG F 164 12.96 -26.00 31.02
C ARG F 164 14.39 -26.33 31.35
N ASN F 165 15.30 -26.00 30.42
CA ASN F 165 16.71 -26.38 30.51
C ASN F 165 17.48 -25.32 31.33
N TRP F 166 17.05 -25.11 32.59
CA TRP F 166 17.73 -24.21 33.52
C TRP F 166 19.16 -24.64 33.82
N ASP F 167 20.04 -23.65 33.89
CA ASP F 167 21.45 -23.85 34.17
C ASP F 167 21.88 -22.72 35.10
N LEU F 168 21.87 -22.99 36.41
CA LEU F 168 22.03 -21.95 37.42
C LEU F 168 23.51 -21.73 37.73
N VAL F 169 23.96 -20.48 37.71
CA VAL F 169 25.33 -20.21 38.12
C VAL F 169 25.49 -20.12 39.64
N GLY F 170 26.51 -20.81 40.15
CA GLY F 170 26.78 -20.84 41.59
C GLY F 170 27.22 -19.47 42.06
N ARG F 171 26.80 -19.14 43.29
CA ARG F 171 27.19 -17.90 44.01
C ARG F 171 28.70 -17.62 43.92
N ASP F 172 29.48 -18.69 43.89
CA ASP F 172 30.95 -18.56 43.93
C ASP F 172 31.62 -18.79 42.57
N GLU F 173 30.83 -18.94 41.53
CA GLU F 173 31.35 -19.09 40.18
C GLU F 173 31.65 -17.71 39.61
N ARG F 174 32.92 -17.39 39.36
CA ARG F 174 33.28 -16.01 38.98
C ARG F 174 32.93 -15.68 37.52
N GLU F 175 33.30 -16.59 36.62
CA GLU F 175 33.01 -16.39 35.20
C GLU F 175 32.98 -17.71 34.42
N ARG F 176 32.39 -17.68 33.23
CA ARG F 176 32.14 -18.86 32.42
C ARG F 176 32.22 -18.48 30.92
N GLU F 177 33.13 -19.10 30.18
CA GLU F 177 33.20 -18.87 28.73
C GLU F 177 32.09 -19.63 28.00
N LEU F 178 31.20 -18.89 27.33
CA LEU F 178 30.11 -19.53 26.58
C LEU F 178 30.47 -19.87 25.15
N ALA F 179 31.41 -19.10 24.60
CA ALA F 179 32.00 -19.36 23.28
C ALA F 179 33.28 -18.54 23.22
N PRO F 180 34.15 -18.80 22.21
CA PRO F 180 35.32 -17.94 22.12
C PRO F 180 34.87 -16.48 22.00
N GLY F 181 35.34 -15.62 22.91
CA GLY F 181 35.00 -14.20 22.89
C GLY F 181 33.62 -13.86 23.45
N VAL F 182 32.91 -14.84 24.01
CA VAL F 182 31.76 -14.52 24.85
C VAL F 182 31.88 -15.16 26.27
N ASN F 183 31.97 -14.28 27.26
CA ASN F 183 32.26 -14.66 28.62
C ASN F 183 31.16 -14.16 29.55
N LEU F 184 30.57 -15.11 30.27
CA LEU F 184 29.59 -14.80 31.29
C LEU F 184 30.30 -14.32 32.55
N LEU F 185 29.89 -13.15 33.05
CA LEU F 185 30.45 -12.61 34.29
C LEU F 185 29.42 -12.68 35.41
N ASN F 186 29.83 -13.28 36.52
CA ASN F 186 28.96 -13.30 37.69
C ASN F 186 29.24 -12.07 38.56
N PHE F 187 28.41 -11.03 38.40
CA PHE F 187 28.49 -9.82 39.25
C PHE F 187 27.98 -10.03 40.67
N GLY F 188 27.21 -11.10 40.88
CA GLY F 188 26.64 -11.38 42.18
C GLY F 188 25.62 -10.37 42.71
N THR F 189 25.54 -10.30 44.03
CA THR F 189 24.53 -9.49 44.73
C THR F 189 24.72 -7.96 44.47
N GLY F 190 23.63 -7.24 44.19
CA GLY F 190 23.73 -5.77 43.95
C GLY F 190 22.33 -5.23 43.71
N HIS F 191 22.04 -4.86 42.47
CA HIS F 191 20.69 -4.39 42.11
C HIS F 191 19.65 -5.39 42.61
N ALA F 192 19.90 -6.67 42.34
CA ALA F 192 19.08 -7.78 42.83
C ALA F 192 20.06 -8.85 43.39
N SER F 193 19.57 -10.02 43.78
CA SER F 193 20.45 -10.94 44.50
C SER F 193 21.54 -11.58 43.63
N GLY F 194 21.29 -11.70 42.33
CA GLY F 194 22.27 -12.40 41.46
C GLY F 194 22.39 -11.85 40.05
N MET F 195 23.23 -10.84 39.89
CA MET F 195 23.40 -10.17 38.61
C MET F 195 24.44 -10.86 37.71
N LEU F 196 24.07 -11.04 36.44
CA LEU F 196 24.97 -11.60 35.41
C LEU F 196 25.25 -10.61 34.29
N GLY F 197 26.51 -10.53 33.89
CA GLY F 197 26.92 -9.69 32.73
C GLY F 197 27.43 -10.58 31.62
N LEU F 198 27.61 -10.03 30.43
CA LEU F 198 28.14 -10.79 29.30
C LEU F 198 29.17 -9.89 28.60
N ALA F 199 30.43 -10.32 28.58
CA ALA F 199 31.48 -9.67 27.80
C ALA F 199 31.48 -10.28 26.40
N VAL F 200 31.27 -9.45 25.39
CA VAL F 200 31.18 -9.91 24.02
C VAL F 200 32.32 -9.25 23.24
N ARG F 201 33.31 -10.05 22.86
CA ARG F 201 34.43 -9.57 22.03
C ARG F 201 34.10 -9.65 20.53
N LEU F 202 34.46 -8.59 19.80
CA LEU F 202 34.22 -8.55 18.37
C LEU F 202 35.51 -8.46 17.58
N GLU F 203 35.40 -8.53 16.25
CA GLU F 203 36.58 -8.50 15.37
C GLU F 203 36.98 -7.12 14.86
N LYS F 204 36.00 -6.34 14.39
CA LYS F 204 36.27 -5.00 13.84
C LYS F 204 36.40 -3.90 14.91
N GLN F 205 35.97 -4.20 16.13
CA GLN F 205 36.09 -3.29 17.26
C GLN F 205 36.21 -4.19 18.49
N PRO F 206 36.75 -3.65 19.59
CA PRO F 206 36.99 -4.55 20.74
C PRO F 206 35.73 -5.30 21.18
N GLY F 207 34.62 -4.58 21.33
CA GLY F 207 33.34 -5.19 21.65
C GLY F 207 32.59 -4.51 22.78
N PHE F 208 31.70 -5.27 23.42
CA PHE F 208 30.77 -4.71 24.40
C PHE F 208 30.74 -5.51 25.68
N LEU F 209 30.44 -4.82 26.78
CA LEU F 209 30.12 -5.45 28.05
C LEU F 209 28.66 -5.13 28.39
N LEU F 210 27.82 -6.16 28.35
CA LEU F 210 26.39 -6.03 28.63
C LEU F 210 26.17 -6.21 30.13
N VAL F 211 25.59 -5.20 30.78
CA VAL F 211 25.52 -5.18 32.25
C VAL F 211 24.08 -5.08 32.79
N SER F 212 23.12 -4.80 31.92
CA SER F 212 21.73 -4.71 32.37
C SER F 212 21.61 -3.80 33.63
N ASP F 213 20.84 -4.21 34.62
CA ASP F 213 20.54 -3.34 35.76
C ASP F 213 21.69 -3.20 36.77
N ALA F 214 22.85 -3.78 36.47
CA ALA F 214 23.99 -3.53 37.33
C ALA F 214 24.43 -2.05 37.16
N CYS F 215 23.95 -1.41 36.10
CA CYS F 215 24.15 0.03 35.91
C CYS F 215 23.09 0.55 34.94
N TYR F 216 22.05 1.20 35.47
CA TYR F 216 20.93 1.57 34.64
C TYR F 216 21.34 2.51 33.50
N THR F 217 22.15 3.51 33.80
CA THR F 217 22.47 4.58 32.83
C THR F 217 23.87 5.10 33.00
N ALA F 218 24.36 5.82 31.98
CA ALA F 218 25.64 6.52 32.05
C ALA F 218 25.76 7.46 33.27
N THR F 219 24.67 8.08 33.70
CA THR F 219 24.75 8.89 34.91
C THR F 219 24.94 8.08 36.21
N ASN F 220 24.47 6.83 36.26
CA ASN F 220 24.84 5.96 37.40
C ASN F 220 26.29 5.58 37.30
N TYR F 221 26.75 5.35 36.06
CA TYR F 221 28.13 4.94 35.77
C TYR F 221 29.15 6.00 36.18
N GLY F 222 28.88 7.24 35.82
CA GLY F 222 29.78 8.34 36.16
C GLY F 222 31.10 8.31 35.40
N PRO F 223 32.19 8.81 36.02
CA PRO F 223 32.27 9.46 37.33
C PRO F 223 31.53 10.81 37.39
N PRO F 224 31.03 11.16 38.59
CA PRO F 224 31.12 10.25 39.74
C PRO F 224 29.97 9.23 39.74
N ALA F 225 30.19 8.06 40.30
CA ALA F 225 29.14 7.04 40.33
C ALA F 225 27.99 7.54 41.17
N ARG F 226 26.77 7.33 40.66
CA ARG F 226 25.57 7.69 41.39
C ARG F 226 24.60 6.51 41.46
N ARG F 227 24.19 6.18 42.67
CA ARG F 227 23.33 4.99 42.88
C ARG F 227 21.93 5.11 42.27
N ALA F 228 21.43 4.00 41.74
CA ALA F 228 20.02 3.88 41.37
C ALA F 228 19.20 3.85 42.67
N GLY F 229 17.88 4.05 42.54
CA GLY F 229 16.98 3.77 43.64
C GLY F 229 16.67 2.27 43.71
N VAL F 230 15.91 1.88 44.71
CA VAL F 230 15.44 0.50 44.87
C VAL F 230 16.50 -0.60 44.60
N LEU F 231 17.65 -0.47 45.25
CA LEU F 231 18.70 -1.49 45.15
C LEU F 231 18.62 -2.48 46.30
N HIS F 232 18.76 -3.75 45.98
CA HIS F 232 18.69 -4.80 46.97
C HIS F 232 19.88 -4.66 47.94
N ASP F 233 21.07 -4.59 47.34
CA ASP F 233 22.35 -4.58 48.05
C ASP F 233 23.22 -3.42 47.58
N THR F 234 23.24 -2.32 48.32
CA THR F 234 23.96 -1.13 47.83
C THR F 234 25.49 -1.32 47.78
N ILE F 235 26.05 -2.01 48.77
CA ILE F 235 27.50 -2.32 48.77
C ILE F 235 27.92 -3.20 47.60
N GLY F 236 27.20 -4.31 47.40
CA GLY F 236 27.40 -5.17 46.23
C GLY F 236 27.20 -4.39 44.96
N TYR F 237 26.17 -3.55 44.91
CA TYR F 237 25.93 -2.69 43.77
C TYR F 237 27.15 -1.77 43.48
N ASP F 238 27.65 -1.08 44.50
CA ASP F 238 28.77 -0.15 44.28
C ASP F 238 30.00 -0.91 43.78
N ARG F 239 30.30 -2.04 44.44
CA ARG F 239 31.49 -2.81 44.10
C ARG F 239 31.40 -3.37 42.69
N THR F 240 30.18 -3.73 42.28
CA THR F 240 29.95 -4.22 40.95
C THR F 240 30.17 -3.14 39.89
N VAL F 241 29.72 -1.92 40.14
CA VAL F 241 29.93 -0.84 39.17
C VAL F 241 31.42 -0.61 38.96
N SER F 242 32.19 -0.60 40.06
CA SER F 242 33.65 -0.43 39.96
C SER F 242 34.33 -1.56 39.22
N HIS F 243 33.85 -2.78 39.43
CA HIS F 243 34.38 -3.95 38.73
C HIS F 243 34.07 -3.88 37.25
N ILE F 244 32.86 -3.46 36.91
CA ILE F 244 32.45 -3.27 35.54
C ILE F 244 33.40 -2.27 34.87
N ARG F 245 33.64 -1.16 35.54
CA ARG F 245 34.53 -0.12 34.99
C ARG F 245 35.93 -0.70 34.70
N GLN F 246 36.54 -1.36 35.68
CA GLN F 246 37.88 -1.98 35.56
C GLN F 246 37.89 -3.05 34.46
N TYR F 247 36.90 -3.95 34.49
CA TYR F 247 36.78 -5.00 33.50
C TYR F 247 36.72 -4.42 32.08
N ALA F 248 35.81 -3.47 31.85
CA ALA F 248 35.59 -2.95 30.51
C ALA F 248 36.78 -2.08 30.01
N GLU F 249 37.25 -1.18 30.87
CA GLU F 249 38.33 -0.27 30.50
C GLU F 249 39.61 -1.01 30.14
N SER F 250 39.98 -2.03 30.91
CA SER F 250 41.23 -2.76 30.64
C SER F 250 41.19 -3.59 29.34
N ARG F 251 39.99 -3.73 28.78
CA ARG F 251 39.80 -4.51 27.58
C ARG F 251 39.24 -3.68 26.44
N SER F 252 39.09 -2.37 26.69
CA SER F 252 38.54 -1.43 25.72
C SER F 252 37.14 -1.79 25.22
N LEU F 253 36.33 -2.37 26.11
CA LEU F 253 34.96 -2.69 25.77
C LEU F 253 34.05 -1.52 26.13
N THR F 254 33.02 -1.33 25.30
CA THR F 254 31.99 -0.35 25.56
C THR F 254 30.96 -1.00 26.48
N VAL F 255 30.70 -0.36 27.61
CA VAL F 255 29.68 -0.82 28.54
C VAL F 255 28.29 -0.44 28.01
N LEU F 256 27.40 -1.42 27.83
CA LEU F 256 26.03 -1.15 27.44
C LEU F 256 25.14 -1.22 28.68
N PHE F 257 24.48 -0.11 28.99
CA PHE F 257 23.70 0.04 30.22
C PHE F 257 22.31 -0.57 30.14
N GLY F 258 21.70 -0.76 31.31
CA GLY F 258 20.39 -1.42 31.37
C GLY F 258 19.27 -0.69 30.66
N HIS F 259 19.18 0.62 30.91
CA HIS F 259 18.03 1.44 30.50
C HIS F 259 18.49 2.87 30.24
N ASP F 260 19.44 3.05 29.32
CA ASP F 260 19.97 4.40 29.03
C ASP F 260 19.42 4.88 27.69
N ARG F 261 18.49 5.82 27.74
CA ARG F 261 17.78 6.30 26.56
C ARG F 261 18.72 6.90 25.50
N GLU F 262 19.71 7.66 25.95
CA GLU F 262 20.63 8.33 25.02
C GLU F 262 21.59 7.36 24.36
N GLN F 263 22.17 6.45 25.15
CA GLN F 263 23.02 5.42 24.56
C GLN F 263 22.24 4.57 23.57
N PHE F 264 21.07 4.10 24.00
CA PHE F 264 20.24 3.24 23.17
C PHE F 264 19.91 3.89 21.83
N ALA F 265 19.56 5.17 21.88
CA ALA F 265 19.25 5.95 20.67
C ALA F 265 20.40 5.92 19.68
N SER F 266 21.64 5.94 20.19
CA SER F 266 22.86 5.91 19.38
C SER F 266 23.24 4.55 18.79
N LEU F 267 22.67 3.48 19.32
CA LEU F 267 22.97 2.13 18.85
C LEU F 267 22.24 1.80 17.56
N ILE F 268 22.90 1.06 16.70
CA ILE F 268 22.19 0.54 15.55
C ILE F 268 21.37 -0.72 15.93
N LYS F 269 20.09 -0.73 15.58
CA LYS F 269 19.16 -1.78 16.00
C LYS F 269 19.11 -2.94 15.04
N SER F 270 18.62 -4.06 15.53
CA SER F 270 18.56 -5.29 14.74
C SER F 270 17.83 -5.15 13.38
N THR F 271 16.91 -4.20 13.28
CA THR F 271 16.17 -4.02 12.02
C THR F 271 17.01 -3.30 10.95
N ASP F 272 18.15 -2.74 11.33
CA ASP F 272 19.00 -2.01 10.38
C ASP F 272 20.38 -2.61 10.21
N GLY F 273 20.82 -3.42 11.19
CA GLY F 273 22.14 -4.02 11.12
C GLY F 273 22.64 -4.57 12.44
N PHE F 274 23.94 -4.77 12.53
CA PHE F 274 24.54 -5.46 13.65
C PHE F 274 25.99 -5.02 13.82
N TYR F 275 26.60 -5.47 14.92
CA TYR F 275 27.99 -5.17 15.20
C TYR F 275 28.89 -6.38 15.02
N GLU F 276 30.07 -6.15 14.47
CA GLU F 276 31.04 -7.22 14.25
C GLU F 276 32.48 -6.71 14.44
ZN ZN G . -2.02 10.29 -33.46
ZN ZN H . -3.02 8.27 -37.07
P PO4 I . -0.69 10.20 -36.26
O1 PO4 I . -1.33 8.83 -36.37
O2 PO4 I . -1.44 11.16 -37.12
O3 PO4 I . -0.73 10.61 -34.80
O4 PO4 I . 0.79 10.18 -36.73
C1 GOL J . 0.94 13.57 -35.25
O1 GOL J . 1.08 12.68 -34.16
C2 GOL J . 2.26 13.78 -35.99
O2 GOL J . 1.96 14.15 -37.32
C3 GOL J . 3.14 12.51 -35.86
O3 GOL J . 3.67 11.99 -37.07
C1 GOL K . -11.11 16.93 -17.92
O1 GOL K . -10.09 17.92 -17.77
C2 GOL K . -10.89 15.82 -16.89
O2 GOL K . -12.15 15.38 -16.43
C3 GOL K . -10.06 16.42 -15.73
O3 GOL K . -9.44 15.45 -14.91
C1 GOL L . 14.98 18.98 -31.84
O1 GOL L . 13.59 18.70 -31.73
C2 GOL L . 15.88 18.01 -31.03
O2 GOL L . 17.25 18.28 -31.30
C3 GOL L . 15.62 18.14 -29.53
O3 GOL L . 15.20 16.92 -28.94
ZN ZN M . 26.57 18.01 -0.84
ZN ZN N . 25.51 20.24 2.70
P PO4 O . 25.28 17.26 1.90
O1 PO4 O . 25.42 16.09 2.86
O2 PO4 O . 23.81 17.55 1.69
O3 PO4 O . 26.04 18.42 2.49
O4 PO4 O . 25.88 16.99 0.51
P PO4 P . 24.83 40.22 -10.12
O1 PO4 P . 24.64 39.44 -8.83
O2 PO4 P . 23.87 41.40 -10.11
O3 PO4 P . 26.24 40.74 -10.15
O4 PO4 P . 24.57 39.34 -11.32
C1 GOL Q . 24.17 13.55 0.04
O1 GOL Q . 25.38 14.25 -0.20
C2 GOL Q . 23.73 13.59 1.51
O2 GOL Q . 24.49 12.66 2.31
C3 GOL Q . 22.21 13.34 1.57
O3 GOL Q . 21.46 14.54 1.34
C1 GOL R . 24.72 27.56 18.50
O1 GOL R . 23.42 27.91 18.95
C2 GOL R . 25.21 28.28 17.24
O2 GOL R . 24.31 28.07 16.17
C3 GOL R . 26.51 27.66 16.77
O3 GOL R . 27.67 28.13 17.42
ZN ZN S . -3.22 21.99 9.40
ZN ZN T . -1.28 24.88 7.01
P PO4 U . -2.29 22.03 6.45
O1 PO4 U . -2.96 21.34 7.61
O2 PO4 U . -2.90 21.52 5.14
O3 PO4 U . -2.45 23.51 6.58
O4 PO4 U . -0.83 21.70 6.48
P PO4 V . 7.24 35.35 26.59
P PO4 V . 0.17 36.97 29.95
O1 PO4 V . 7.04 34.11 27.41
O1 PO4 V . -0.20 35.56 30.35
O2 PO4 V . 6.02 36.25 26.64
O2 PO4 V . -0.36 37.96 30.95
O3 PO4 V . 8.45 36.07 27.13
O3 PO4 V . 1.67 37.07 29.84
O4 PO4 V . 7.51 34.92 25.16
O4 PO4 V . -0.42 37.33 28.60
C1 GOL W . -2.97 17.97 6.64
O1 GOL W . -3.79 18.91 7.29
C2 GOL W . -2.70 18.30 5.17
O2 GOL W . -3.80 18.13 4.30
C3 GOL W . -1.47 17.53 4.71
O3 GOL W . -0.34 18.03 5.46
C1 GOL X . 12.68 34.30 8.10
O1 GOL X . 12.12 33.75 9.26
C2 GOL X . 13.99 33.58 7.80
O2 GOL X . 15.08 34.35 8.31
C3 GOL X . 14.11 33.39 6.30
O3 GOL X . 14.46 34.61 5.68
ZN ZN Y . -43.87 -10.97 12.96
ZN ZN Z . -45.41 -8.30 15.97
P PO4 AA . -44.33 -11.16 16.05
O1 PO4 AA . -45.79 -11.42 16.24
O2 PO4 AA . -44.09 -9.67 16.01
O3 PO4 AA . -43.49 -11.82 17.16
O4 PO4 AA . -43.88 -11.72 14.72
C1 GOL BA . -44.32 -14.86 15.69
O1 GOL BA . -43.28 -14.45 14.81
C2 GOL BA . -43.80 -15.62 16.91
O2 GOL BA . -44.82 -15.68 17.90
C3 GOL BA . -42.44 -15.15 17.47
O3 GOL BA . -42.50 -14.66 18.81
ZN ZN CA . 6.41 -37.27 -14.80
ZN ZN DA . 3.66 -38.88 -11.94
P PO4 EA . 5.66 -36.55 -11.82
O1 PO4 EA . 6.38 -36.44 -13.15
O2 PO4 EA . 5.57 -35.21 -11.11
O3 PO4 EA . 4.25 -37.08 -12.09
O4 PO4 EA . 6.47 -37.48 -10.95
P PO4 FA . 3.29 -59.63 -23.66
O1 PO4 FA . 3.29 -61.11 -23.39
O2 PO4 FA . 2.93 -58.89 -22.38
O3 PO4 FA . 4.66 -59.19 -24.13
O4 PO4 FA . 2.26 -59.30 -24.71
C1 GOL GA . 8.96 -34.73 -11.59
O1 GOL GA . 8.46 -34.39 -12.88
C2 GOL GA . 8.98 -33.53 -10.63
O2 GOL GA . 9.11 -33.97 -9.28
C3 GOL GA . 7.78 -32.58 -10.85
O3 GOL GA . 7.12 -32.18 -9.67
ZN ZN HA . 15.85 -3.31 34.27
ZN ZN IA . 15.93 -5.47 37.96
P PO4 JA . 13.96 -3.43 36.78
O1 PO4 JA . 14.59 -2.55 37.83
O2 PO4 JA . 12.44 -3.41 36.91
O3 PO4 JA . 14.37 -2.98 35.39
O4 PO4 JA . 14.48 -4.84 36.97
C1 GOL KA . 12.61 -0.17 35.60
O1 GOL KA . 12.69 -0.70 34.29
C2 GOL KA . 11.17 0.07 36.04
O2 GOL KA . 11.15 0.43 37.40
C3 GOL KA . 10.26 -1.14 35.71
O3 GOL KA . 9.44 -1.54 36.79
#